data_8HGS
#
_entry.id   8HGS
#
_cell.length_a   1.00
_cell.length_b   1.00
_cell.length_c   1.00
_cell.angle_alpha   90.00
_cell.angle_beta   90.00
_cell.angle_gamma   90.00
#
_symmetry.space_group_name_H-M   'P 1'
#
loop_
_entity.id
_entity.type
_entity.pdbx_description
1 polymer 'Epidermal growth factor receptor'
2 polymer 'Pro-epidermal growth factor'
3 branched alpha-D-mannopyranose-(1-3)-beta-D-mannopyranose-(1-3)-2-acetamido-2-deoxy-beta-D-glucopyranose-(1-4)-2-acetamido-2-deoxy-beta-D-glucopyranose
4 non-polymer 2-acetamido-2-deoxy-beta-D-glucopyranose
#
loop_
_entity_poly.entity_id
_entity_poly.type
_entity_poly.pdbx_seq_one_letter_code
_entity_poly.pdbx_strand_id
1 'polypeptide(L)'
;MRPSGTAGAALLALLAALCPASRALEEKKVCQGTSNKLTQLGTFEDHFLSLQRMFNNCEVVLGNLEITYVQRNYDLSFLK
TIQEVAGYVLIALNTVERIPLENLQIIRGNMYYENSYALAVLSNYDANKTGLKELPMRNLQEILHGAVRFSNNPALCNVE
SIQWRDIVSSDFLSNMSMDFQNHLGSCQKCDPSCPNGSCWGAGEENCQKLTKIICAQQCSGRCRGKSPSDCCHNQCAAGC
TGPRESDCLVCRKFRDEATCKDTCPPLMLYNPTTYQMDVNPEGKYSFGATCVKKCPRNYVVTDHGSCVRACGADSYEMEE
DGVRKCKKCEGPCRKVCNGIGIGEFKDSLSINATNIKHFKNCTSISGDLHILPVAFRGDSFTHTPPLDPQELDILKTVKE
ITGFLLIQAWPENRTDLHAFENLEIIRGRTKQHGQFSLAVVSLNITSLGLRSLKEISDGDVIISGNKNLCYANTINWKKL
FGTSGQKTKIISNRGENSCKATGQVCHALCSPEGCWGPEPRDCVSCRNVSRGRECVDKCNLLEGEPREFVENSECIQCHP
ECLPQAMNITCTGRGPDNCIQCAHYIDGPHCVKTCPAGVMGENNTLVWKYADAGHVCHLCHPNCTYGCTGPGLEGCPTNG
PKIPSIATGMVGALLLLLVVALGIGLFMRRRHIVRKRTLRRLLGGSENLYFQGGGSAAQLKKKLQALKKKNAQLKWKLQA
LKKKLAQSNSLEVLFQ
;
A,B
2 'polypeptide(L)' GPTANSDSECPLSHDGYCLHDGVCMYIEALDKYACNCVVGYIGERCQYRDLKWWELR C,D
#
loop_
_chem_comp.id
_chem_comp.type
_chem_comp.name
_chem_comp.formula
BMA D-saccharide, beta linking beta-D-mannopyranose 'C6 H12 O6'
MAN D-saccharide, alpha linking alpha-D-mannopyranose 'C6 H12 O6'
NAG D-saccharide, beta linking 2-acetamido-2-deoxy-beta-D-glucopyranose 'C8 H15 N O6'
#
# COMPACT_ATOMS: atom_id res chain seq x y z
N GLU A 27 -8.16 22.14 -17.64
CA GLU A 27 -6.72 21.96 -17.65
C GLU A 27 -6.03 23.16 -18.30
N LYS A 28 -5.00 23.68 -17.63
CA LYS A 28 -4.26 24.81 -18.15
C LYS A 28 -3.35 24.38 -19.30
N LYS A 29 -2.93 25.37 -20.09
CA LYS A 29 -2.02 25.11 -21.20
C LYS A 29 -0.62 24.84 -20.68
N VAL A 30 -0.05 23.71 -21.08
CA VAL A 30 1.25 23.27 -20.59
C VAL A 30 2.28 23.35 -21.71
N CYS A 31 3.54 23.48 -21.30
CA CYS A 31 4.67 23.45 -22.22
C CYS A 31 5.89 22.94 -21.47
N GLN A 32 6.81 22.33 -22.20
CA GLN A 32 7.99 21.72 -21.59
C GLN A 32 9.15 22.68 -21.45
N GLY A 33 9.14 23.80 -22.18
CA GLY A 33 10.20 24.78 -22.05
C GLY A 33 11.51 24.32 -22.67
N THR A 34 12.57 25.01 -22.27
CA THR A 34 13.92 24.73 -22.72
C THR A 34 14.79 24.24 -21.57
N SER A 35 15.97 23.74 -21.92
CA SER A 35 16.98 23.34 -20.95
C SER A 35 18.30 24.06 -21.23
N ASN A 36 18.22 25.21 -21.90
CA ASN A 36 19.40 25.98 -22.27
C ASN A 36 19.81 26.83 -21.07
N LYS A 37 20.88 26.43 -20.38
CA LYS A 37 21.36 27.20 -19.23
C LYS A 37 21.90 28.55 -19.66
N LEU A 38 22.95 28.54 -20.49
CA LEU A 38 23.48 29.77 -21.07
C LEU A 38 23.74 29.62 -22.56
N THR A 39 23.20 28.57 -23.18
CA THR A 39 23.50 28.26 -24.58
C THR A 39 22.69 29.16 -25.50
N GLN A 40 23.39 29.97 -26.29
CA GLN A 40 22.76 30.75 -27.34
C GLN A 40 22.47 29.83 -28.52
N LEU A 41 21.33 30.02 -29.17
CA LEU A 41 20.93 29.18 -30.30
C LEU A 41 21.17 29.94 -31.59
N GLY A 42 22.30 29.68 -32.23
CA GLY A 42 22.66 30.34 -33.47
C GLY A 42 22.99 31.82 -33.29
N THR A 43 22.24 32.68 -33.97
CA THR A 43 22.37 34.11 -33.78
C THR A 43 21.45 34.54 -32.64
N PHE A 44 21.35 35.85 -32.42
CA PHE A 44 20.40 36.36 -31.43
C PHE A 44 18.97 36.24 -31.93
N GLU A 45 18.77 36.43 -33.24
CA GLU A 45 17.43 36.34 -33.81
C GLU A 45 16.92 34.90 -33.82
N ASP A 46 17.82 33.93 -34.05
CA ASP A 46 17.40 32.53 -34.05
C ASP A 46 17.02 32.07 -32.65
N HIS A 47 17.79 32.48 -31.63
CA HIS A 47 17.42 32.17 -30.25
C HIS A 47 16.15 32.89 -29.84
N PHE A 48 15.94 34.11 -30.35
CA PHE A 48 14.71 34.84 -30.03
C PHE A 48 13.49 34.18 -30.66
N LEU A 49 13.63 33.69 -31.89
CA LEU A 49 12.53 32.96 -32.52
C LEU A 49 12.27 31.61 -31.85
N SER A 50 13.33 30.94 -31.37
CA SER A 50 13.14 29.69 -30.63
C SER A 50 12.45 29.94 -29.29
N LEU A 51 12.81 31.04 -28.61
CA LEU A 51 12.17 31.40 -27.36
C LEU A 51 10.72 31.83 -27.59
N GLN A 52 10.45 32.45 -28.75
CA GLN A 52 9.09 32.84 -29.09
C GLN A 52 8.22 31.64 -29.40
N ARG A 53 8.75 30.69 -30.18
CA ARG A 53 7.99 29.48 -30.51
C ARG A 53 7.87 28.52 -29.33
N MET A 54 8.76 28.61 -28.34
CA MET A 54 8.69 27.71 -27.20
C MET A 54 7.61 28.13 -26.20
N PHE A 55 7.48 29.43 -25.95
CA PHE A 55 6.65 29.94 -24.86
C PHE A 55 5.48 30.78 -25.34
N ASN A 56 4.89 30.42 -26.48
CA ASN A 56 3.64 31.04 -26.92
C ASN A 56 2.48 30.22 -26.39
N ASN A 57 1.53 30.89 -25.72
CA ASN A 57 0.30 30.31 -25.17
C ASN A 57 0.61 29.16 -24.20
N CYS A 58 1.49 29.44 -23.24
CA CYS A 58 1.84 28.49 -22.18
C CYS A 58 1.50 29.11 -20.83
N GLU A 59 0.90 28.30 -19.97
CA GLU A 59 0.52 28.74 -18.63
C GLU A 59 1.22 27.96 -17.53
N VAL A 60 1.48 26.67 -17.74
CA VAL A 60 2.17 25.84 -16.76
C VAL A 60 3.43 25.32 -17.42
N VAL A 61 4.58 25.83 -16.99
CA VAL A 61 5.88 25.40 -17.51
C VAL A 61 6.34 24.22 -16.67
N LEU A 62 6.25 23.02 -17.22
CA LEU A 62 6.68 21.82 -16.52
C LEU A 62 8.21 21.66 -16.51
N GLY A 63 8.92 22.39 -17.35
CA GLY A 63 10.37 22.30 -17.38
C GLY A 63 11.06 23.46 -16.68
N ASN A 64 11.61 24.38 -17.45
CA ASN A 64 12.37 25.49 -16.90
C ASN A 64 12.05 26.76 -17.66
N LEU A 65 11.84 27.86 -16.93
CA LEU A 65 11.69 29.18 -17.53
C LEU A 65 13.07 29.79 -17.69
N GLU A 66 13.50 29.96 -18.94
CA GLU A 66 14.87 30.36 -19.26
C GLU A 66 14.83 31.52 -20.24
N ILE A 67 14.92 32.74 -19.73
CA ILE A 67 14.91 33.94 -20.54
C ILE A 67 16.36 34.38 -20.70
N THR A 68 16.95 34.06 -21.85
CA THR A 68 18.34 34.39 -22.14
C THR A 68 18.45 35.03 -23.51
N TYR A 69 19.39 35.99 -23.61
CA TYR A 69 19.84 36.59 -24.87
C TYR A 69 18.70 37.29 -25.63
N VAL A 70 18.08 38.26 -24.97
CA VAL A 70 17.07 39.11 -25.58
C VAL A 70 17.65 40.51 -25.63
N GLN A 71 17.99 40.97 -26.83
CA GLN A 71 18.68 42.24 -27.00
C GLN A 71 17.68 43.40 -26.98
N ARG A 72 18.16 44.60 -27.33
CA ARG A 72 17.35 45.80 -27.27
C ARG A 72 16.33 45.84 -28.41
N ASN A 73 15.35 46.74 -28.26
CA ASN A 73 14.29 47.00 -29.24
C ASN A 73 13.47 45.76 -29.56
N TYR A 74 13.27 44.89 -28.56
CA TYR A 74 12.49 43.67 -28.73
C TYR A 74 11.22 43.75 -27.88
N ASP A 75 10.38 42.74 -28.02
CA ASP A 75 9.12 42.65 -27.30
C ASP A 75 8.91 41.24 -26.80
N LEU A 76 8.43 41.12 -25.56
CA LEU A 76 8.24 39.84 -24.89
C LEU A 76 6.83 39.73 -24.31
N SER A 77 5.83 40.08 -25.13
CA SER A 77 4.45 40.03 -24.68
C SER A 77 3.89 38.62 -24.60
N PHE A 78 4.57 37.63 -25.19
CA PHE A 78 4.12 36.24 -25.13
C PHE A 78 4.42 35.58 -23.80
N LEU A 79 5.22 36.21 -22.95
CA LEU A 79 5.56 35.68 -21.64
C LEU A 79 4.57 36.08 -20.56
N LYS A 80 3.50 36.80 -20.92
CA LYS A 80 2.55 37.28 -19.93
C LYS A 80 1.59 36.21 -19.44
N THR A 81 1.44 35.11 -20.17
CA THR A 81 0.46 34.09 -19.85
C THR A 81 1.00 32.99 -18.95
N ILE A 82 2.29 33.00 -18.64
CA ILE A 82 2.89 31.95 -17.82
C ILE A 82 2.49 32.15 -16.36
N GLN A 83 1.89 31.11 -15.77
CA GLN A 83 1.41 31.17 -14.40
C GLN A 83 2.05 30.15 -13.47
N GLU A 84 2.79 29.18 -14.00
CA GLU A 84 3.39 28.14 -13.17
C GLU A 84 4.67 27.65 -13.82
N VAL A 85 5.75 27.64 -13.05
CA VAL A 85 7.04 27.10 -13.49
C VAL A 85 7.46 26.02 -12.51
N ALA A 86 7.64 24.81 -13.01
CA ALA A 86 8.00 23.67 -12.18
C ALA A 86 9.50 23.54 -11.96
N GLY A 87 10.31 24.47 -12.48
CA GLY A 87 11.74 24.44 -12.33
C GLY A 87 12.28 25.78 -11.90
N TYR A 88 13.50 26.07 -12.34
CA TYR A 88 14.19 27.30 -11.98
C TYR A 88 13.96 28.36 -13.04
N VAL A 89 13.75 29.60 -12.60
CA VAL A 89 13.61 30.74 -13.49
C VAL A 89 14.98 31.39 -13.62
N LEU A 90 15.45 31.54 -14.85
CA LEU A 90 16.81 32.00 -15.12
C LEU A 90 16.74 33.12 -16.17
N ILE A 91 16.89 34.36 -15.72
CA ILE A 91 16.89 35.53 -16.59
C ILE A 91 18.32 36.03 -16.67
N ALA A 92 18.96 35.83 -17.82
CA ALA A 92 20.38 36.11 -17.94
C ALA A 92 20.71 36.77 -19.28
N LEU A 93 21.54 37.82 -19.22
CA LEU A 93 22.06 38.55 -20.38
C LEU A 93 20.93 39.10 -21.27
N ASN A 94 20.12 39.98 -20.69
CA ASN A 94 18.94 40.52 -21.35
C ASN A 94 18.99 42.04 -21.27
N THR A 95 19.35 42.68 -22.38
CA THR A 95 19.38 44.13 -22.45
C THR A 95 18.06 44.73 -22.89
N VAL A 96 16.99 43.93 -22.94
CA VAL A 96 15.67 44.47 -23.22
C VAL A 96 15.18 45.25 -22.01
N GLU A 97 14.33 46.26 -22.26
CA GLU A 97 13.94 47.18 -21.20
C GLU A 97 12.95 46.55 -20.23
N ARG A 98 11.99 45.77 -20.73
CA ARG A 98 10.90 45.26 -19.89
C ARG A 98 10.65 43.80 -20.19
N ILE A 99 10.59 42.99 -19.14
CA ILE A 99 10.20 41.59 -19.22
C ILE A 99 8.92 41.40 -18.42
N PRO A 100 7.76 41.35 -19.07
CA PRO A 100 6.48 41.25 -18.34
C PRO A 100 6.11 39.84 -17.88
N LEU A 101 6.67 39.44 -16.74
CA LEU A 101 6.27 38.20 -16.07
C LEU A 101 5.19 38.52 -15.03
N GLU A 102 4.05 39.00 -15.55
CA GLU A 102 3.03 39.59 -14.71
C GLU A 102 2.10 38.57 -14.05
N ASN A 103 2.05 37.34 -14.56
CA ASN A 103 1.12 36.34 -14.06
C ASN A 103 1.82 35.17 -13.37
N LEU A 104 3.13 35.24 -13.17
CA LEU A 104 3.88 34.17 -12.53
C LEU A 104 3.52 34.10 -11.05
N GLN A 105 2.69 33.12 -10.68
CA GLN A 105 2.17 33.02 -9.32
C GLN A 105 2.95 32.04 -8.45
N ILE A 106 3.62 31.06 -9.04
CA ILE A 106 4.31 30.02 -8.27
C ILE A 106 5.54 29.57 -9.03
N ILE A 107 6.64 29.40 -8.31
CA ILE A 107 7.85 28.78 -8.82
C ILE A 107 8.11 27.55 -7.96
N ARG A 108 7.88 26.36 -8.52
CA ARG A 108 8.05 25.14 -7.75
C ARG A 108 9.53 24.81 -7.55
N GLY A 109 10.29 24.76 -8.64
CA GLY A 109 11.72 24.51 -8.55
C GLY A 109 12.07 23.07 -8.24
N ASN A 110 11.71 22.15 -9.15
CA ASN A 110 12.04 20.76 -8.96
C ASN A 110 13.52 20.48 -9.23
N MET A 111 14.17 21.30 -10.05
CA MET A 111 15.61 21.21 -10.29
C MET A 111 16.21 22.59 -10.09
N TYR A 112 17.24 22.67 -9.25
CA TYR A 112 17.80 23.94 -8.84
C TYR A 112 18.79 24.47 -9.88
N TYR A 113 19.15 25.74 -9.73
CA TYR A 113 20.23 26.36 -10.48
C TYR A 113 21.38 26.63 -9.52
N GLU A 114 22.58 26.18 -9.91
CA GLU A 114 23.78 26.12 -9.05
C GLU A 114 23.55 25.31 -7.77
N ASN A 115 22.63 24.33 -7.84
CA ASN A 115 22.19 23.45 -6.76
C ASN A 115 21.61 24.19 -5.55
N SER A 116 21.30 25.48 -5.67
CA SER A 116 20.77 26.24 -4.54
C SER A 116 19.62 27.19 -4.88
N TYR A 117 19.46 27.60 -6.14
CA TYR A 117 18.56 28.69 -6.46
C TYR A 117 17.49 28.24 -7.45
N ALA A 118 16.41 29.04 -7.52
CA ALA A 118 15.36 28.82 -8.50
C ALA A 118 14.91 30.12 -9.16
N LEU A 119 15.44 31.27 -8.74
CA LEU A 119 15.14 32.55 -9.37
C LEU A 119 16.46 33.32 -9.45
N ALA A 120 17.08 33.32 -10.64
CA ALA A 120 18.40 33.91 -10.82
C ALA A 120 18.35 34.92 -11.96
N VAL A 121 18.54 36.19 -11.63
CA VAL A 121 18.70 37.26 -12.61
C VAL A 121 20.16 37.68 -12.62
N LEU A 122 20.81 37.48 -13.76
CA LEU A 122 22.26 37.43 -13.84
C LEU A 122 22.76 38.27 -15.01
N SER A 123 23.40 39.41 -14.71
CA SER A 123 24.25 40.18 -15.63
C SER A 123 23.47 40.68 -16.85
N ASN A 124 22.51 41.57 -16.58
CA ASN A 124 21.72 42.19 -17.64
C ASN A 124 22.23 43.60 -17.88
N TYR A 125 23.24 43.72 -18.73
CA TYR A 125 23.77 45.02 -19.13
C TYR A 125 24.50 44.87 -20.46
N ASP A 126 24.45 45.92 -21.27
CA ASP A 126 25.16 45.96 -22.54
C ASP A 126 26.54 46.58 -22.35
N ALA A 127 27.20 46.95 -23.45
CA ALA A 127 28.49 47.64 -23.36
C ALA A 127 28.35 49.06 -22.84
N ASN A 128 27.16 49.66 -22.92
CA ASN A 128 26.92 51.00 -22.40
C ASN A 128 26.24 50.97 -21.03
N LYS A 129 26.26 49.81 -20.36
CA LYS A 129 25.73 49.60 -19.00
C LYS A 129 24.25 49.94 -18.88
N THR A 130 23.48 49.70 -19.94
CA THR A 130 22.03 49.93 -19.97
C THR A 130 21.37 48.63 -20.38
N GLY A 131 20.95 47.84 -19.38
CA GLY A 131 20.34 46.54 -19.66
C GLY A 131 18.88 46.47 -19.27
N LEU A 132 18.54 45.52 -18.40
CA LEU A 132 17.16 45.37 -17.95
C LEU A 132 16.80 46.49 -16.99
N LYS A 133 15.63 47.10 -17.21
CA LYS A 133 15.16 48.23 -16.42
C LYS A 133 14.03 47.86 -15.47
N GLU A 134 13.00 47.18 -15.97
CA GLU A 134 11.82 46.86 -15.19
C GLU A 134 11.55 45.36 -15.23
N LEU A 135 11.20 44.79 -14.08
CA LEU A 135 10.81 43.38 -14.00
C LEU A 135 9.57 43.30 -13.12
N PRO A 136 8.37 43.48 -13.71
CA PRO A 136 7.12 43.55 -12.92
C PRO A 136 6.51 42.18 -12.61
N MET A 137 7.14 41.43 -11.71
CA MET A 137 6.58 40.17 -11.24
C MET A 137 5.52 40.49 -10.19
N ARG A 138 4.31 40.78 -10.68
CA ARG A 138 3.26 41.29 -9.80
C ARG A 138 2.64 40.19 -8.94
N ASN A 139 2.64 38.96 -9.42
CA ASN A 139 1.95 37.87 -8.74
C ASN A 139 2.91 36.90 -8.06
N LEU A 140 4.21 37.18 -8.07
CA LEU A 140 5.18 36.32 -7.40
C LEU A 140 5.06 36.50 -5.89
N GLN A 141 4.60 35.47 -5.20
CA GLN A 141 4.35 35.54 -3.77
C GLN A 141 5.12 34.52 -2.95
N GLU A 142 5.38 33.33 -3.49
CA GLU A 142 6.20 32.35 -2.78
C GLU A 142 6.93 31.45 -3.76
N ILE A 143 8.24 31.35 -3.60
CA ILE A 143 9.03 30.29 -4.23
C ILE A 143 9.09 29.12 -3.27
N LEU A 144 8.60 27.96 -3.71
CA LEU A 144 8.50 26.79 -2.82
C LEU A 144 9.88 26.21 -2.54
N HIS A 145 10.58 25.77 -3.58
CA HIS A 145 11.93 25.23 -3.45
C HIS A 145 12.89 26.07 -4.27
N GLY A 146 13.76 26.79 -3.59
CA GLY A 146 14.76 27.63 -4.22
C GLY A 146 14.88 28.98 -3.54
N ALA A 147 15.94 29.69 -3.93
CA ALA A 147 16.20 31.02 -3.40
C ALA A 147 16.41 32.02 -4.53
N VAL A 148 16.86 33.22 -4.21
CA VAL A 148 16.96 34.33 -5.16
C VAL A 148 18.42 34.70 -5.30
N ARG A 149 18.92 34.70 -6.54
CA ARG A 149 20.28 35.11 -6.85
C ARG A 149 20.24 36.23 -7.88
N PHE A 150 20.56 37.44 -7.45
CA PHE A 150 20.70 38.59 -8.34
C PHE A 150 22.15 39.01 -8.38
N SER A 151 22.70 39.20 -9.59
CA SER A 151 24.09 39.62 -9.67
C SER A 151 24.31 40.53 -10.87
N ASN A 152 24.98 41.65 -10.61
CA ASN A 152 25.53 42.56 -11.63
C ASN A 152 24.44 43.13 -12.53
N ASN A 153 23.48 43.81 -11.89
CA ASN A 153 22.33 44.42 -12.56
C ASN A 153 22.34 45.91 -12.27
N PRO A 154 23.03 46.71 -13.09
CA PRO A 154 23.15 48.15 -12.81
C PRO A 154 21.89 48.95 -13.08
N ALA A 155 21.19 48.63 -14.17
CA ALA A 155 20.01 49.39 -14.58
C ALA A 155 18.72 48.84 -13.99
N LEU A 156 18.77 47.70 -13.29
CA LEU A 156 17.58 47.08 -12.74
C LEU A 156 17.18 47.83 -11.46
N CYS A 157 16.21 48.73 -11.58
CA CYS A 157 15.69 49.46 -10.44
C CYS A 157 14.32 48.93 -10.06
N ASN A 158 13.84 49.41 -8.90
CA ASN A 158 12.52 49.13 -8.32
C ASN A 158 12.32 47.64 -8.04
N VAL A 159 13.41 46.89 -7.89
CA VAL A 159 13.35 45.50 -7.48
C VAL A 159 14.03 45.29 -6.12
N GLU A 160 15.06 46.08 -5.80
CA GLU A 160 15.78 45.95 -4.54
C GLU A 160 14.96 46.40 -3.34
N SER A 161 13.88 47.15 -3.55
CA SER A 161 13.00 47.56 -2.47
C SER A 161 12.00 46.48 -2.07
N ILE A 162 11.93 45.40 -2.85
CA ILE A 162 11.03 44.29 -2.52
C ILE A 162 11.61 43.48 -1.37
N GLN A 163 10.81 43.31 -0.32
CA GLN A 163 11.20 42.42 0.78
C GLN A 163 11.03 40.98 0.34
N TRP A 164 12.15 40.25 0.27
CA TRP A 164 12.16 38.88 -0.24
C TRP A 164 11.89 37.85 0.85
N ARG A 165 11.53 38.27 2.06
CA ARG A 165 11.17 37.33 3.10
C ARG A 165 9.85 36.64 2.80
N ASP A 166 8.93 37.33 2.13
CA ASP A 166 7.65 36.75 1.75
C ASP A 166 7.80 35.70 0.66
N ILE A 167 8.72 35.92 -0.27
CA ILE A 167 8.80 35.08 -1.47
C ILE A 167 9.67 33.85 -1.24
N VAL A 168 10.79 33.98 -0.53
CA VAL A 168 11.59 32.80 -0.21
C VAL A 168 10.89 32.02 0.90
N SER A 169 11.17 30.71 0.95
CA SER A 169 10.60 29.86 1.97
C SER A 169 11.31 30.05 3.31
N SER A 170 10.82 29.37 4.33
CA SER A 170 11.37 29.48 5.68
C SER A 170 12.66 28.68 5.85
N ASP A 171 13.07 27.90 4.85
CA ASP A 171 14.27 27.07 4.95
C ASP A 171 15.50 27.78 4.40
N PHE A 172 15.32 28.62 3.37
CA PHE A 172 16.43 29.15 2.57
C PHE A 172 16.75 30.60 2.90
N LEU A 173 16.70 30.98 4.18
CA LEU A 173 17.05 32.35 4.56
C LEU A 173 18.54 32.63 4.45
N SER A 174 19.38 31.59 4.48
CA SER A 174 20.83 31.75 4.43
C SER A 174 21.40 31.51 3.04
N ASN A 175 20.76 30.67 2.22
CA ASN A 175 21.19 30.42 0.85
C ASN A 175 21.00 31.62 -0.08
N MET A 176 20.23 32.63 0.32
CA MET A 176 19.99 33.77 -0.55
C MET A 176 21.22 34.67 -0.61
N SER A 177 21.35 35.37 -1.74
CA SER A 177 22.47 36.28 -1.98
C SER A 177 21.99 37.39 -2.92
N MET A 178 22.23 38.63 -2.54
CA MET A 178 21.70 39.79 -3.26
C MET A 178 22.85 40.69 -3.68
N ASP A 179 22.71 41.32 -4.85
CA ASP A 179 23.71 42.25 -5.36
C ASP A 179 23.02 43.28 -6.25
N PHE A 180 23.34 44.55 -6.03
CA PHE A 180 22.73 45.65 -6.77
C PHE A 180 23.74 46.76 -7.00
N GLN A 181 23.46 47.59 -7.99
CA GLN A 181 24.24 48.78 -8.29
C GLN A 181 23.26 49.92 -8.53
N ASN A 182 23.33 50.95 -7.68
CA ASN A 182 22.36 52.04 -7.70
C ASN A 182 23.02 53.36 -8.10
N HIS A 183 24.11 53.29 -8.84
CA HIS A 183 24.77 54.50 -9.34
C HIS A 183 24.29 54.88 -10.73
N LEU A 184 22.97 54.91 -10.92
CA LEU A 184 22.37 55.34 -12.18
C LEU A 184 21.47 56.56 -12.01
N GLY A 185 20.50 56.49 -11.10
CA GLY A 185 19.62 57.62 -10.84
C GLY A 185 18.63 57.91 -11.94
N SER A 186 18.13 56.89 -12.63
CA SER A 186 17.21 57.07 -13.74
C SER A 186 15.79 56.64 -13.43
N CYS A 187 15.57 55.92 -12.33
CA CYS A 187 14.24 55.42 -11.99
C CYS A 187 13.56 56.35 -10.98
N GLN A 188 12.37 55.96 -10.54
CA GLN A 188 11.59 56.71 -9.58
C GLN A 188 11.23 55.81 -8.39
N LYS A 189 10.56 56.40 -7.41
CA LYS A 189 10.20 55.70 -6.19
C LYS A 189 8.81 55.07 -6.31
N CYS A 190 8.37 54.42 -5.23
CA CYS A 190 7.06 53.78 -5.20
C CYS A 190 5.96 54.80 -4.94
N ASP A 191 4.72 54.34 -5.06
CA ASP A 191 3.53 55.12 -4.77
C ASP A 191 3.22 55.04 -3.28
N PRO A 192 2.88 56.17 -2.61
CA PRO A 192 2.60 56.16 -1.17
C PRO A 192 1.21 55.65 -0.78
N SER A 193 0.87 54.46 -1.28
CA SER A 193 -0.38 53.80 -0.91
C SER A 193 -0.17 52.29 -0.72
N CYS A 194 1.06 51.86 -0.47
CA CYS A 194 1.43 50.46 -0.38
C CYS A 194 2.28 50.24 0.87
N PRO A 195 2.17 49.07 1.51
CA PRO A 195 2.87 48.87 2.79
C PRO A 195 4.38 48.75 2.61
N ASN A 196 5.11 49.48 3.47
CA ASN A 196 6.57 49.47 3.59
C ASN A 196 7.29 49.92 2.32
N GLY A 197 6.60 50.62 1.43
CA GLY A 197 7.22 51.15 0.21
C GLY A 197 7.70 50.10 -0.77
N SER A 198 6.95 49.01 -0.92
CA SER A 198 7.36 47.91 -1.78
C SER A 198 6.55 47.96 -3.07
N CYS A 199 7.25 48.07 -4.20
CA CYS A 199 6.60 48.03 -5.50
C CYS A 199 7.58 47.46 -6.51
N TRP A 200 7.03 46.77 -7.53
CA TRP A 200 7.87 46.14 -8.54
C TRP A 200 8.21 47.09 -9.68
N GLY A 201 7.32 48.03 -10.00
CA GLY A 201 7.53 48.94 -11.11
C GLY A 201 6.78 50.23 -10.90
N ALA A 202 6.48 50.91 -12.01
CA ALA A 202 5.80 52.19 -11.98
C ALA A 202 4.29 51.98 -11.90
N GLY A 203 3.67 52.51 -10.86
CA GLY A 203 2.23 52.39 -10.69
C GLY A 203 1.83 51.73 -9.39
N GLU A 204 0.58 51.97 -8.95
CA GLU A 204 0.09 51.38 -7.72
C GLU A 204 -0.29 49.91 -7.89
N GLU A 205 -0.45 49.44 -9.12
CA GLU A 205 -0.76 48.04 -9.37
C GLU A 205 0.46 47.13 -9.29
N ASN A 206 1.66 47.70 -9.18
CA ASN A 206 2.91 46.94 -9.16
C ASN A 206 3.42 46.68 -7.75
N CYS A 207 2.58 46.85 -6.73
CA CYS A 207 3.01 46.69 -5.36
C CYS A 207 2.95 45.21 -4.94
N GLN A 208 3.83 44.87 -4.00
CA GLN A 208 3.91 43.49 -3.50
C GLN A 208 2.73 43.21 -2.57
N LYS A 209 1.99 42.15 -2.85
CA LYS A 209 0.91 41.70 -1.98
C LYS A 209 1.51 40.82 -0.90
N LEU A 210 1.59 41.34 0.32
CA LEU A 210 2.22 40.59 1.42
C LEU A 210 1.30 39.47 1.90
N THR A 211 1.85 38.27 2.03
CA THR A 211 1.07 37.09 2.34
C THR A 211 1.43 36.43 3.66
N LYS A 212 2.64 36.61 4.18
CA LYS A 212 3.08 35.92 5.38
C LYS A 212 3.45 36.85 6.53
N ILE A 213 4.20 37.91 6.27
CA ILE A 213 4.74 38.74 7.34
C ILE A 213 3.71 39.62 8.01
N ILE A 214 2.52 39.79 7.41
CA ILE A 214 1.46 40.57 8.01
C ILE A 214 0.39 39.69 8.66
N CYS A 215 0.68 38.40 8.84
CA CYS A 215 -0.28 37.50 9.46
C CYS A 215 -0.29 37.68 10.97
N ALA A 216 -1.30 37.09 11.60
CA ALA A 216 -1.42 37.08 13.05
C ALA A 216 -0.74 35.83 13.60
N GLN A 217 -0.96 35.55 14.89
CA GLN A 217 -0.37 34.35 15.49
C GLN A 217 -1.08 33.09 15.04
N GLN A 218 -2.37 33.17 14.76
CA GLN A 218 -3.16 31.97 14.51
C GLN A 218 -3.05 31.45 13.09
N CYS A 219 -2.57 32.25 12.14
CA CYS A 219 -2.36 31.77 10.78
C CYS A 219 -1.13 30.87 10.74
N SER A 220 -1.35 29.58 10.46
CA SER A 220 -0.25 28.62 10.45
C SER A 220 0.63 28.77 9.22
N GLY A 221 0.04 29.11 8.08
CA GLY A 221 0.80 29.28 6.85
C GLY A 221 0.87 30.73 6.40
N ARG A 222 0.08 31.09 5.40
CA ARG A 222 0.05 32.43 4.85
C ARG A 222 -1.38 32.96 4.90
N CYS A 223 -1.52 34.27 4.74
CA CYS A 223 -2.80 34.94 4.90
C CYS A 223 -2.93 36.02 3.82
N ARG A 224 -3.98 36.82 3.93
CA ARG A 224 -4.29 37.87 2.97
C ARG A 224 -4.00 39.27 3.51
N GLY A 225 -4.48 39.59 4.70
CA GLY A 225 -4.30 40.92 5.26
C GLY A 225 -3.81 40.91 6.69
N LYS A 226 -3.79 42.08 7.33
CA LYS A 226 -3.35 42.20 8.71
C LYS A 226 -4.38 41.74 9.72
N SER A 227 -5.63 41.55 9.30
CA SER A 227 -6.65 41.06 10.21
C SER A 227 -6.43 39.57 10.50
N PRO A 228 -6.73 39.12 11.72
CA PRO A 228 -6.53 37.70 12.05
C PRO A 228 -7.57 36.76 11.43
N SER A 229 -8.61 37.30 10.79
CA SER A 229 -9.65 36.49 10.17
C SER A 229 -9.40 36.23 8.69
N ASP A 230 -8.13 36.15 8.27
CA ASP A 230 -7.77 35.94 6.87
C ASP A 230 -6.82 34.77 6.70
N CYS A 231 -6.82 33.81 7.61
CA CYS A 231 -5.91 32.67 7.51
C CYS A 231 -6.34 31.74 6.38
N CYS A 232 -5.40 31.45 5.48
CA CYS A 232 -5.68 30.60 4.33
C CYS A 232 -5.44 29.13 4.69
N HIS A 233 -5.64 28.27 3.71
CA HIS A 233 -5.39 26.84 3.87
C HIS A 233 -3.89 26.57 3.74
N ASN A 234 -3.46 25.43 4.28
CA ASN A 234 -2.03 25.07 4.27
C ASN A 234 -1.54 24.79 2.85
N GLN A 235 -2.39 24.21 2.01
CA GLN A 235 -2.02 23.87 0.65
C GLN A 235 -2.17 25.04 -0.32
N CYS A 236 -2.74 26.15 0.12
CA CYS A 236 -2.73 27.38 -0.66
C CYS A 236 -1.30 27.92 -0.69
N ALA A 237 -0.61 27.75 -1.82
CA ALA A 237 0.79 28.13 -1.90
C ALA A 237 0.95 29.65 -1.97
N ALA A 238 0.41 30.27 -3.02
CA ALA A 238 0.53 31.72 -3.16
C ALA A 238 -0.45 32.44 -2.22
N GLY A 239 -1.74 32.22 -2.43
CA GLY A 239 -2.74 32.86 -1.60
C GLY A 239 -4.05 32.11 -1.67
N CYS A 240 -5.09 32.74 -1.13
CA CYS A 240 -6.41 32.14 -1.10
C CYS A 240 -7.45 33.21 -1.41
N THR A 241 -8.55 32.79 -2.03
CA THR A 241 -9.71 33.63 -2.24
C THR A 241 -10.82 33.35 -1.23
N GLY A 242 -10.49 32.64 -0.15
CA GLY A 242 -11.46 32.28 0.86
C GLY A 242 -10.88 31.30 1.86
N PRO A 243 -11.69 30.91 2.85
CA PRO A 243 -11.18 30.01 3.89
C PRO A 243 -11.05 28.56 3.47
N ARG A 244 -11.82 28.11 2.48
CA ARG A 244 -11.84 26.70 2.10
C ARG A 244 -10.59 26.35 1.28
N GLU A 245 -10.34 25.05 1.19
CA GLU A 245 -9.24 24.54 0.39
C GLU A 245 -9.52 24.59 -1.10
N SER A 246 -10.78 24.76 -1.49
CA SER A 246 -11.14 24.97 -2.90
C SER A 246 -10.88 26.41 -3.36
N ASP A 247 -10.51 27.31 -2.45
CA ASP A 247 -10.29 28.71 -2.76
C ASP A 247 -8.81 29.04 -2.93
N CYS A 248 -7.95 28.03 -3.02
CA CYS A 248 -6.53 28.28 -3.26
C CYS A 248 -6.31 28.76 -4.69
N LEU A 249 -5.35 29.66 -4.86
CA LEU A 249 -4.96 30.09 -6.19
C LEU A 249 -4.17 28.99 -6.92
N VAL A 250 -3.06 28.57 -6.32
CA VAL A 250 -2.26 27.47 -6.83
C VAL A 250 -2.08 26.44 -5.72
N CYS A 251 -1.78 25.21 -6.12
CA CYS A 251 -1.65 24.12 -5.17
C CYS A 251 -0.20 23.98 -4.71
N ARG A 252 -0.04 23.48 -3.48
CA ARG A 252 1.29 23.29 -2.91
C ARG A 252 1.89 21.96 -3.39
N LYS A 253 1.25 20.85 -3.04
CA LYS A 253 1.76 19.53 -3.41
C LYS A 253 0.84 18.79 -4.37
N PHE A 254 -0.40 18.50 -3.97
CA PHE A 254 -1.31 17.69 -4.77
C PHE A 254 -2.59 18.47 -5.05
N ARG A 255 -3.44 17.90 -5.90
CA ARG A 255 -4.65 18.57 -6.36
C ARG A 255 -5.77 17.55 -6.56
N ASP A 256 -6.85 17.72 -5.82
CA ASP A 256 -8.14 17.06 -6.11
C ASP A 256 -9.02 17.98 -6.95
N GLU A 257 -8.48 18.36 -8.12
CA GLU A 257 -9.22 18.77 -9.31
C GLU A 257 -10.03 20.07 -9.20
N ALA A 258 -10.31 20.51 -7.98
CA ALA A 258 -10.75 21.86 -7.69
C ALA A 258 -10.17 22.28 -6.34
N THR A 259 -9.54 21.33 -5.64
CA THR A 259 -8.97 21.63 -4.33
C THR A 259 -7.48 21.28 -4.33
N CYS A 260 -6.77 21.84 -3.37
CA CYS A 260 -5.34 21.60 -3.19
C CYS A 260 -5.14 20.76 -1.94
N LYS A 261 -4.39 19.67 -2.06
CA LYS A 261 -4.32 18.63 -1.04
C LYS A 261 -2.88 18.29 -0.69
N ASP A 262 -2.70 17.77 0.53
CA ASP A 262 -1.40 17.28 0.96
C ASP A 262 -1.14 15.89 0.40
N THR A 263 -2.07 14.96 0.63
CA THR A 263 -1.99 13.60 0.12
C THR A 263 -3.26 13.26 -0.66
N CYS A 264 -3.11 12.47 -1.72
CA CYS A 264 -4.26 11.98 -2.45
C CYS A 264 -5.00 10.95 -1.61
N PRO A 265 -6.32 10.84 -1.76
CA PRO A 265 -7.07 9.80 -1.05
C PRO A 265 -6.74 8.42 -1.60
N PRO A 266 -6.25 7.52 -0.76
CA PRO A 266 -5.80 6.20 -1.23
C PRO A 266 -6.99 5.27 -1.51
N LEU A 267 -6.66 4.08 -2.00
CA LEU A 267 -7.69 3.09 -2.32
C LEU A 267 -8.28 2.45 -1.08
N MET A 268 -7.48 2.28 -0.03
CA MET A 268 -7.90 1.59 1.18
C MET A 268 -7.71 2.51 2.37
N LEU A 269 -8.79 2.74 3.11
CA LEU A 269 -8.76 3.53 4.33
C LEU A 269 -8.80 2.61 5.55
N TYR A 270 -8.08 2.99 6.59
CA TYR A 270 -7.99 2.17 7.79
C TYR A 270 -9.25 2.31 8.64
N ASN A 271 -9.67 1.19 9.22
CA ASN A 271 -10.85 1.16 10.07
C ASN A 271 -10.41 1.11 11.53
N PRO A 272 -10.72 2.15 12.33
CA PRO A 272 -10.33 2.12 13.75
C PRO A 272 -11.20 1.21 14.61
N THR A 273 -12.31 0.71 14.08
CA THR A 273 -13.23 -0.12 14.86
C THR A 273 -12.92 -1.61 14.73
N THR A 274 -12.98 -2.13 13.50
CA THR A 274 -12.80 -3.55 13.26
C THR A 274 -11.35 -3.92 12.95
N TYR A 275 -10.43 -2.95 13.00
CA TYR A 275 -9.01 -3.12 12.69
C TYR A 275 -8.79 -3.71 11.31
N GLN A 276 -9.41 -3.09 10.30
CA GLN A 276 -9.36 -3.60 8.94
C GLN A 276 -8.96 -2.51 7.94
N MET A 277 -9.03 -2.84 6.65
CA MET A 277 -8.73 -1.90 5.57
C MET A 277 -9.92 -1.91 4.61
N ASP A 278 -10.76 -0.87 4.69
CA ASP A 278 -11.96 -0.79 3.87
C ASP A 278 -11.67 -0.11 2.54
N VAL A 279 -12.46 -0.46 1.54
CA VAL A 279 -12.30 0.07 0.20
C VAL A 279 -12.87 1.49 0.16
N ASN A 280 -12.05 2.44 -0.28
CA ASN A 280 -12.47 3.83 -0.38
C ASN A 280 -13.19 4.05 -1.71
N PRO A 281 -14.43 4.53 -1.72
CA PRO A 281 -15.07 4.88 -3.00
C PRO A 281 -14.46 6.09 -3.67
N GLU A 282 -13.78 6.96 -2.94
CA GLU A 282 -13.13 8.15 -3.48
C GLU A 282 -11.63 7.97 -3.61
N GLY A 283 -11.18 6.78 -3.96
CA GLY A 283 -9.76 6.52 -4.09
C GLY A 283 -9.18 7.14 -5.35
N LYS A 284 -8.24 8.06 -5.19
CA LYS A 284 -7.64 8.78 -6.30
C LYS A 284 -6.18 8.37 -6.45
N TYR A 285 -5.78 8.05 -7.68
CA TYR A 285 -4.41 7.67 -7.97
C TYR A 285 -3.53 8.90 -8.16
N SER A 286 -2.42 8.95 -7.42
CA SER A 286 -1.52 10.08 -7.46
C SER A 286 -0.70 10.05 -8.74
N PHE A 287 -0.86 11.07 -9.58
CA PHE A 287 -0.08 11.23 -10.81
C PHE A 287 0.48 12.65 -10.82
N GLY A 288 1.77 12.77 -10.55
CA GLY A 288 2.42 14.07 -10.55
C GLY A 288 1.91 14.94 -9.41
N ALA A 289 1.50 16.16 -9.75
CA ALA A 289 0.86 17.05 -8.80
C ALA A 289 -0.66 16.92 -8.82
N THR A 290 -1.18 15.89 -9.49
CA THR A 290 -2.61 15.69 -9.59
C THR A 290 -3.00 14.36 -8.94
N CYS A 291 -4.28 14.22 -8.65
CA CYS A 291 -4.85 12.97 -8.13
C CYS A 291 -5.92 12.55 -9.14
N VAL A 292 -5.49 11.82 -10.16
CA VAL A 292 -6.38 11.43 -11.25
C VAL A 292 -7.25 10.27 -10.81
N LYS A 293 -8.31 9.98 -11.58
CA LYS A 293 -9.23 8.90 -11.22
C LYS A 293 -8.65 7.53 -11.55
N LYS A 294 -7.80 7.43 -12.57
CA LYS A 294 -7.16 6.19 -12.93
C LYS A 294 -5.83 6.49 -13.62
N CYS A 295 -4.89 5.56 -13.49
CA CYS A 295 -3.60 5.71 -14.14
C CYS A 295 -3.75 5.50 -15.66
N PRO A 296 -2.88 6.11 -16.46
CA PRO A 296 -2.89 5.84 -17.91
C PRO A 296 -2.34 4.46 -18.26
N ARG A 297 -2.21 4.20 -19.57
CA ARG A 297 -1.93 2.84 -20.04
C ARG A 297 -0.49 2.41 -19.74
N ASN A 298 0.47 3.26 -20.04
CA ASN A 298 1.88 2.89 -19.96
C ASN A 298 2.50 3.15 -18.59
N TYR A 299 1.71 3.45 -17.57
CA TYR A 299 2.23 3.66 -16.23
C TYR A 299 1.96 2.43 -15.37
N VAL A 300 2.38 2.49 -14.12
CA VAL A 300 2.31 1.36 -13.19
C VAL A 300 1.43 1.73 -12.03
N VAL A 301 0.41 0.92 -11.77
CA VAL A 301 -0.45 1.07 -10.60
C VAL A 301 0.19 0.29 -9.45
N THR A 302 0.35 0.94 -8.31
CA THR A 302 0.86 0.30 -7.12
C THR A 302 -0.29 -0.06 -6.17
N ASP A 303 0.06 -0.78 -5.09
CA ASP A 303 -0.93 -1.12 -4.09
C ASP A 303 -1.31 0.06 -3.21
N HIS A 304 -0.46 1.08 -3.15
CA HIS A 304 -0.76 2.29 -2.39
C HIS A 304 -1.67 3.25 -3.14
N GLY A 305 -1.89 3.04 -4.43
CA GLY A 305 -2.73 3.92 -5.20
C GLY A 305 -1.97 5.03 -5.88
N SER A 306 -0.92 4.68 -6.64
CA SER A 306 -0.06 5.67 -7.26
C SER A 306 0.19 5.29 -8.71
N CYS A 307 0.57 6.29 -9.50
CA CYS A 307 0.93 6.12 -10.90
C CYS A 307 2.44 6.39 -11.01
N VAL A 308 3.23 5.32 -11.06
CA VAL A 308 4.68 5.45 -10.99
C VAL A 308 5.29 4.97 -12.31
N ARG A 309 6.59 5.24 -12.45
CA ARG A 309 7.39 4.77 -13.59
C ARG A 309 8.16 3.49 -13.29
N ALA A 310 8.53 3.27 -12.03
CA ALA A 310 9.30 2.09 -11.65
C ALA A 310 9.02 1.78 -10.18
N CYS A 311 8.97 0.49 -9.86
CA CYS A 311 8.73 0.05 -8.49
C CYS A 311 10.06 -0.14 -7.77
N GLY A 312 10.03 -0.76 -6.60
CA GLY A 312 11.22 -0.93 -5.79
C GLY A 312 12.16 -1.99 -6.34
N ALA A 313 13.30 -2.12 -5.65
CA ALA A 313 14.33 -3.07 -6.07
C ALA A 313 13.98 -4.50 -5.75
N ASP A 314 13.09 -4.74 -4.78
CA ASP A 314 12.68 -6.08 -4.41
C ASP A 314 11.49 -6.59 -5.22
N SER A 315 11.02 -5.83 -6.20
CA SER A 315 9.82 -6.17 -6.94
C SER A 315 10.07 -5.99 -8.43
N TYR A 316 9.12 -6.47 -9.24
CA TYR A 316 9.18 -6.36 -10.68
C TYR A 316 7.77 -6.16 -11.24
N GLU A 317 7.71 -5.48 -12.38
CA GLU A 317 6.45 -5.22 -13.06
C GLU A 317 5.97 -6.48 -13.78
N MET A 318 4.84 -7.03 -13.32
CA MET A 318 4.36 -8.32 -13.78
C MET A 318 3.32 -8.12 -14.90
N GLU A 319 2.61 -9.20 -15.25
CA GLU A 319 1.79 -9.25 -16.46
C GLU A 319 0.57 -8.35 -16.35
N GLU A 320 0.26 -7.66 -17.45
CA GLU A 320 -0.82 -6.67 -17.45
C GLU A 320 -2.18 -7.37 -17.43
N ASP A 321 -3.00 -7.00 -16.45
CA ASP A 321 -4.40 -7.41 -16.38
C ASP A 321 -5.32 -6.22 -16.71
N GLY A 322 -4.88 -5.38 -17.63
CA GLY A 322 -5.54 -4.13 -17.91
C GLY A 322 -4.69 -2.95 -17.48
N VAL A 323 -4.08 -3.09 -16.30
CA VAL A 323 -3.13 -2.11 -15.78
C VAL A 323 -1.85 -2.86 -15.40
N ARG A 324 -0.83 -2.09 -15.04
CA ARG A 324 0.48 -2.65 -14.70
C ARG A 324 0.67 -2.60 -13.20
N LYS A 325 0.92 -3.76 -12.59
CA LYS A 325 1.18 -3.88 -11.16
C LYS A 325 2.64 -4.27 -10.94
N CYS A 326 2.98 -4.52 -9.68
CA CYS A 326 4.31 -4.99 -9.30
C CYS A 326 4.20 -6.06 -8.23
N LYS A 327 4.97 -7.14 -8.40
CA LYS A 327 5.00 -8.24 -7.45
C LYS A 327 6.44 -8.59 -7.11
N LYS A 328 6.62 -9.24 -5.98
CA LYS A 328 7.96 -9.55 -5.47
C LYS A 328 8.59 -10.69 -6.25
N CYS A 329 9.91 -10.65 -6.36
CA CYS A 329 10.68 -11.70 -7.02
C CYS A 329 11.31 -12.63 -5.98
N GLU A 330 11.80 -13.78 -6.47
CA GLU A 330 12.50 -14.72 -5.61
C GLU A 330 13.99 -14.38 -5.60
N GLY A 331 14.58 -14.39 -4.41
CA GLY A 331 15.96 -14.00 -4.22
C GLY A 331 16.20 -12.55 -4.60
N PRO A 332 17.25 -12.29 -5.36
CA PRO A 332 17.40 -11.00 -6.01
C PRO A 332 16.61 -10.95 -7.32
N CYS A 333 16.21 -9.74 -7.70
CA CYS A 333 15.46 -9.55 -8.93
C CYS A 333 16.42 -9.46 -10.11
N ARG A 334 15.88 -9.12 -11.28
CA ARG A 334 16.70 -8.92 -12.48
C ARG A 334 17.50 -7.63 -12.36
N LYS A 335 18.71 -7.65 -12.91
CA LYS A 335 19.58 -6.47 -12.93
C LYS A 335 18.98 -5.45 -13.91
N VAL A 336 18.20 -4.52 -13.38
CA VAL A 336 17.48 -3.55 -14.19
C VAL A 336 18.45 -2.45 -14.62
N CYS A 337 18.57 -2.26 -15.94
CA CYS A 337 19.48 -1.26 -16.48
C CYS A 337 18.84 0.13 -16.39
N ASN A 338 19.49 1.03 -15.66
CA ASN A 338 19.02 2.41 -15.55
C ASN A 338 19.35 3.15 -16.85
N GLY A 339 18.35 3.84 -17.40
CA GLY A 339 18.51 4.56 -18.65
C GLY A 339 19.26 5.87 -18.47
N ILE A 340 19.40 6.57 -19.60
CA ILE A 340 20.12 7.85 -19.63
C ILE A 340 19.18 8.92 -19.09
N GLY A 341 19.54 9.51 -17.95
CA GLY A 341 18.77 10.58 -17.36
C GLY A 341 17.98 10.22 -16.12
N ILE A 342 18.16 9.02 -15.58
CA ILE A 342 17.43 8.57 -14.39
C ILE A 342 18.29 7.54 -13.67
N GLY A 343 18.21 7.53 -12.35
CA GLY A 343 18.93 6.53 -11.57
C GLY A 343 20.39 6.89 -11.42
N GLU A 344 21.26 5.90 -11.61
CA GLU A 344 22.69 6.11 -11.51
C GLU A 344 23.26 6.84 -12.72
N PHE A 345 22.52 6.91 -13.82
CA PHE A 345 22.95 7.55 -15.05
C PHE A 345 22.16 8.83 -15.28
N LYS A 346 21.86 9.56 -14.20
CA LYS A 346 21.01 10.75 -14.30
C LYS A 346 21.75 11.91 -14.94
N ASP A 347 23.01 12.12 -14.55
CA ASP A 347 23.80 13.22 -15.10
C ASP A 347 24.45 12.88 -16.43
N SER A 348 24.26 11.67 -16.93
CA SER A 348 24.81 11.28 -18.23
C SER A 348 23.96 11.88 -19.37
N LEU A 349 24.50 11.79 -20.58
CA LEU A 349 23.85 12.35 -21.75
C LEU A 349 23.81 11.41 -22.95
N SER A 350 24.61 10.33 -22.95
CA SER A 350 24.65 9.43 -24.08
C SER A 350 25.17 8.07 -23.62
N ILE A 351 24.90 7.04 -24.42
CA ILE A 351 25.50 5.73 -24.23
C ILE A 351 26.93 5.81 -24.73
N ASN A 352 27.89 5.71 -23.82
CA ASN A 352 29.29 5.93 -24.14
C ASN A 352 30.08 4.64 -23.84
N ALA A 353 31.42 4.76 -23.87
CA ALA A 353 32.27 3.59 -23.69
C ALA A 353 32.30 3.08 -22.24
N THR A 354 31.75 3.82 -21.28
CA THR A 354 31.76 3.42 -19.88
C THR A 354 30.48 2.69 -19.49
N ASN A 355 29.32 3.27 -19.80
CA ASN A 355 28.05 2.72 -19.34
C ASN A 355 27.57 1.52 -20.15
N ILE A 356 28.14 1.28 -21.34
CA ILE A 356 27.71 0.18 -22.21
C ILE A 356 28.02 -1.19 -21.59
N LYS A 357 28.98 -1.27 -20.68
CA LYS A 357 29.23 -2.52 -19.96
C LYS A 357 28.14 -2.82 -18.94
N HIS A 358 27.30 -1.84 -18.59
CA HIS A 358 26.19 -2.06 -17.67
C HIS A 358 24.94 -2.58 -18.35
N PHE A 359 24.89 -2.55 -19.69
CA PHE A 359 23.73 -3.02 -20.46
C PHE A 359 23.92 -4.43 -20.98
N LYS A 360 24.56 -5.30 -20.19
CA LYS A 360 24.98 -6.61 -20.69
C LYS A 360 23.81 -7.58 -20.84
N ASN A 361 23.13 -7.88 -19.74
CA ASN A 361 22.15 -8.97 -19.71
C ASN A 361 20.82 -8.51 -19.12
N CYS A 362 20.32 -7.39 -19.62
CA CYS A 362 19.00 -6.90 -19.22
C CYS A 362 18.11 -6.77 -20.45
N THR A 363 16.83 -7.10 -20.28
CA THR A 363 15.86 -7.06 -21.36
C THR A 363 14.83 -5.95 -21.21
N SER A 364 14.90 -5.17 -20.13
CA SER A 364 13.95 -4.08 -19.89
C SER A 364 14.74 -2.85 -19.46
N ILE A 365 14.71 -1.82 -20.29
CA ILE A 365 15.43 -0.58 -20.01
C ILE A 365 14.50 0.36 -19.25
N SER A 366 14.87 0.69 -18.01
CA SER A 366 14.08 1.60 -17.19
C SER A 366 14.55 3.04 -17.39
N GLY A 367 14.42 3.51 -18.64
CA GLY A 367 14.84 4.84 -18.99
C GLY A 367 15.10 5.01 -20.48
N ASP A 368 16.11 5.80 -20.81
CA ASP A 368 16.39 6.18 -22.19
C ASP A 368 17.60 5.44 -22.73
N LEU A 369 17.69 5.39 -24.06
CA LEU A 369 18.85 4.84 -24.77
C LEU A 369 19.24 5.87 -25.82
N HIS A 370 20.08 6.82 -25.43
CA HIS A 370 20.51 7.90 -26.31
C HIS A 370 21.75 7.48 -27.07
N ILE A 371 21.74 7.66 -28.39
CA ILE A 371 22.91 7.40 -29.23
C ILE A 371 23.32 8.74 -29.86
N LEU A 372 24.47 9.26 -29.43
CA LEU A 372 24.94 10.58 -29.84
C LEU A 372 26.24 10.46 -30.62
N PRO A 373 26.59 11.47 -31.42
CA PRO A 373 27.92 11.48 -32.07
C PRO A 373 29.09 11.64 -31.12
N VAL A 374 28.86 12.01 -29.86
CA VAL A 374 29.96 12.16 -28.90
C VAL A 374 30.55 10.80 -28.52
N ALA A 375 29.78 9.72 -28.70
CA ALA A 375 30.32 8.39 -28.42
C ALA A 375 31.23 7.89 -29.52
N PHE A 376 30.97 8.29 -30.77
CA PHE A 376 31.74 7.79 -31.91
C PHE A 376 32.80 8.75 -32.40
N ARG A 377 32.73 10.03 -32.04
CA ARG A 377 33.75 10.99 -32.46
C ARG A 377 34.87 11.13 -31.44
N GLY A 378 34.59 10.91 -30.17
CA GLY A 378 35.58 11.10 -29.12
C GLY A 378 35.39 12.41 -28.39
N ASP A 379 35.90 12.45 -27.16
CA ASP A 379 35.73 13.62 -26.30
C ASP A 379 36.87 13.66 -25.29
N SER A 380 37.63 14.74 -25.30
CA SER A 380 38.78 14.89 -24.41
C SER A 380 38.44 15.54 -23.08
N PHE A 381 37.17 15.94 -22.87
CA PHE A 381 36.77 16.51 -21.59
C PHE A 381 36.72 15.44 -20.49
N THR A 382 36.47 14.19 -20.87
CA THR A 382 36.44 13.08 -19.94
C THR A 382 37.58 12.10 -20.17
N HIS A 383 38.24 12.18 -21.33
CA HIS A 383 39.34 11.31 -21.77
C HIS A 383 38.92 9.85 -21.79
N THR A 384 37.96 9.55 -22.67
CA THR A 384 37.40 8.22 -22.88
C THR A 384 37.66 7.78 -24.32
N PRO A 385 37.88 6.49 -24.56
CA PRO A 385 38.00 6.02 -25.93
C PRO A 385 36.65 6.04 -26.63
N PRO A 386 36.63 6.16 -27.96
CA PRO A 386 35.35 6.21 -28.67
C PRO A 386 34.67 4.85 -28.73
N LEU A 387 33.36 4.90 -28.97
CA LEU A 387 32.54 3.69 -28.99
C LEU A 387 32.74 2.93 -30.30
N ASP A 388 32.79 1.60 -30.19
CA ASP A 388 33.02 0.63 -31.25
C ASP A 388 31.68 0.14 -31.82
N PRO A 389 31.61 -0.02 -33.15
CA PRO A 389 30.33 -0.46 -33.75
C PRO A 389 29.97 -1.91 -33.43
N GLN A 390 30.96 -2.79 -33.28
CA GLN A 390 30.68 -4.16 -32.89
C GLN A 390 30.26 -4.25 -31.42
N GLU A 391 30.64 -3.26 -30.62
CA GLU A 391 30.31 -3.24 -29.20
C GLU A 391 28.82 -3.00 -28.96
N LEU A 392 28.12 -2.39 -29.92
CA LEU A 392 26.68 -2.19 -29.84
C LEU A 392 25.88 -3.48 -29.85
N ASP A 393 26.50 -4.62 -30.17
CA ASP A 393 25.88 -5.92 -30.03
C ASP A 393 25.62 -6.30 -28.57
N ILE A 394 26.24 -5.60 -27.61
CA ILE A 394 25.84 -5.71 -26.21
C ILE A 394 24.39 -5.28 -26.04
N LEU A 395 23.92 -4.34 -26.86
CA LEU A 395 22.52 -3.94 -26.91
C LEU A 395 21.66 -4.87 -27.79
N LYS A 396 22.09 -6.10 -28.11
CA LYS A 396 21.20 -7.02 -28.81
C LYS A 396 20.03 -7.48 -27.95
N THR A 397 20.23 -7.56 -26.64
CA THR A 397 19.24 -8.14 -25.73
C THR A 397 18.20 -7.12 -25.24
N VAL A 398 18.17 -5.92 -25.82
CA VAL A 398 17.19 -4.91 -25.42
C VAL A 398 15.83 -5.26 -26.02
N LYS A 399 14.82 -5.38 -25.15
CA LYS A 399 13.48 -5.76 -25.59
C LYS A 399 12.39 -4.79 -25.17
N GLU A 400 12.66 -3.86 -24.27
CA GLU A 400 11.64 -2.94 -23.79
C GLU A 400 12.29 -1.64 -23.35
N ILE A 401 11.73 -0.51 -23.77
CA ILE A 401 12.20 0.81 -23.39
C ILE A 401 11.04 1.55 -22.74
N THR A 402 11.20 1.89 -21.46
CA THR A 402 10.16 2.64 -20.77
C THR A 402 10.20 4.13 -21.13
N GLY A 403 11.37 4.65 -21.46
CA GLY A 403 11.54 6.04 -21.86
C GLY A 403 11.42 6.22 -23.35
N PHE A 404 12.13 7.23 -23.87
CA PHE A 404 12.12 7.54 -25.29
C PHE A 404 13.44 7.16 -25.93
N LEU A 405 13.38 6.82 -27.21
CA LEU A 405 14.54 6.36 -27.97
C LEU A 405 14.99 7.49 -28.89
N LEU A 406 16.28 7.80 -28.85
CA LEU A 406 16.89 8.89 -29.60
C LEU A 406 18.12 8.35 -30.32
N ILE A 407 17.93 7.91 -31.55
CA ILE A 407 19.02 7.47 -32.41
C ILE A 407 19.39 8.62 -33.33
N GLN A 408 20.64 9.06 -33.24
CA GLN A 408 21.07 10.32 -33.85
C GLN A 408 22.36 10.13 -34.63
N ALA A 409 23.15 9.13 -34.25
CA ALA A 409 24.44 8.87 -34.90
C ALA A 409 24.55 7.39 -35.27
N TRP A 410 25.26 7.13 -36.37
CA TRP A 410 25.48 5.76 -36.83
C TRP A 410 26.73 5.74 -37.72
N PRO A 411 27.62 4.77 -37.54
CA PRO A 411 28.83 4.72 -38.38
C PRO A 411 28.49 4.32 -39.81
N GLU A 412 29.40 4.66 -40.72
CA GLU A 412 29.18 4.44 -42.15
C GLU A 412 29.45 3.02 -42.60
N ASN A 413 29.75 2.09 -41.68
CA ASN A 413 29.98 0.71 -42.07
C ASN A 413 28.68 -0.06 -42.22
N ARG A 414 27.90 -0.17 -41.14
CA ARG A 414 26.65 -0.91 -41.18
C ARG A 414 25.52 -0.03 -41.69
N THR A 415 24.57 -0.65 -42.41
CA THR A 415 23.48 0.07 -43.04
C THR A 415 22.11 -0.34 -42.49
N ASP A 416 22.09 -0.93 -41.28
CA ASP A 416 20.83 -1.37 -40.70
C ASP A 416 20.97 -1.33 -39.17
N LEU A 417 19.89 -0.93 -38.50
CA LEU A 417 19.86 -0.89 -37.04
C LEU A 417 19.69 -2.32 -36.52
N HIS A 418 20.81 -3.04 -36.48
CA HIS A 418 20.80 -4.44 -36.06
C HIS A 418 20.80 -4.63 -34.55
N ALA A 419 21.04 -3.57 -33.78
CA ALA A 419 21.03 -3.69 -32.33
C ALA A 419 19.61 -3.83 -31.80
N PHE A 420 18.68 -3.07 -32.35
CA PHE A 420 17.28 -3.11 -31.90
C PHE A 420 16.47 -4.07 -32.77
N GLU A 421 16.91 -5.32 -32.79
CA GLU A 421 16.21 -6.37 -33.53
C GLU A 421 15.23 -7.14 -32.66
N ASN A 422 15.31 -7.01 -31.33
CA ASN A 422 14.41 -7.67 -30.42
C ASN A 422 13.58 -6.70 -29.60
N LEU A 423 13.62 -5.41 -29.92
CA LEU A 423 12.82 -4.41 -29.22
C LEU A 423 11.35 -4.58 -29.57
N GLU A 424 10.50 -4.70 -28.55
CA GLU A 424 9.10 -5.02 -28.75
C GLU A 424 8.17 -3.86 -28.42
N ILE A 425 8.23 -3.33 -27.21
CA ILE A 425 7.29 -2.31 -26.75
C ILE A 425 8.07 -1.12 -26.24
N ILE A 426 7.81 0.06 -26.82
CA ILE A 426 8.34 1.32 -26.33
C ILE A 426 7.23 2.02 -25.56
N ARG A 427 7.40 2.12 -24.24
CA ARG A 427 6.35 2.71 -23.41
C ARG A 427 6.31 4.23 -23.55
N GLY A 428 7.46 4.88 -23.44
CA GLY A 428 7.51 6.32 -23.56
C GLY A 428 6.99 7.05 -22.33
N ARG A 429 7.45 6.61 -21.15
CA ARG A 429 7.01 7.23 -19.91
C ARG A 429 7.64 8.61 -19.71
N THR A 430 8.83 8.84 -20.27
CA THR A 430 9.39 10.17 -20.43
C THR A 430 9.54 10.46 -21.92
N LYS A 431 9.45 11.74 -22.28
CA LYS A 431 9.44 12.15 -23.67
C LYS A 431 10.36 13.34 -23.90
N GLN A 432 10.98 13.36 -25.07
CA GLN A 432 11.71 14.55 -25.52
C GLN A 432 10.70 15.58 -26.01
N HIS A 433 10.75 16.79 -25.43
CA HIS A 433 9.84 17.92 -25.67
C HIS A 433 8.39 17.62 -25.30
N GLY A 434 8.12 16.53 -24.59
CA GLY A 434 6.77 16.14 -24.25
C GLY A 434 5.88 15.76 -25.41
N GLN A 435 6.45 15.51 -26.59
CA GLN A 435 5.65 15.26 -27.79
C GLN A 435 6.15 14.03 -28.52
N PHE A 436 7.45 13.75 -28.43
CA PHE A 436 8.08 12.71 -29.23
C PHE A 436 8.68 11.64 -28.33
N SER A 437 8.59 10.38 -28.79
CA SER A 437 9.15 9.26 -28.05
C SER A 437 10.04 8.36 -28.88
N LEU A 438 9.99 8.45 -30.21
CA LEU A 438 10.84 7.63 -31.07
C LEU A 438 11.42 8.54 -32.15
N ALA A 439 12.71 8.86 -32.02
CA ALA A 439 13.39 9.74 -32.96
C ALA A 439 14.52 8.98 -33.60
N VAL A 440 14.48 8.84 -34.92
CA VAL A 440 15.53 8.20 -35.70
C VAL A 440 15.93 9.22 -36.75
N VAL A 441 16.97 10.02 -36.46
CA VAL A 441 17.31 11.18 -37.28
C VAL A 441 18.78 11.18 -37.64
N SER A 442 19.08 11.67 -38.85
CA SER A 442 20.41 12.04 -39.33
C SER A 442 21.37 10.84 -39.34
N LEU A 443 21.02 9.84 -40.13
CA LEU A 443 21.80 8.61 -40.18
C LEU A 443 22.26 8.32 -41.61
N ASN A 444 23.21 7.41 -41.72
CA ASN A 444 23.65 6.86 -43.00
C ASN A 444 23.12 5.44 -43.20
N ILE A 445 22.02 5.09 -42.51
CA ILE A 445 21.45 3.76 -42.65
C ILE A 445 20.74 3.63 -43.99
N THR A 446 20.54 2.39 -44.42
CA THR A 446 19.70 2.11 -45.58
C THR A 446 18.26 1.84 -45.14
N SER A 447 18.05 0.82 -44.33
CA SER A 447 16.74 0.45 -43.82
C SER A 447 16.70 0.61 -42.31
N LEU A 448 15.48 0.50 -41.76
CA LEU A 448 15.28 0.62 -40.32
C LEU A 448 15.50 -0.71 -39.60
N GLY A 449 14.83 -1.77 -40.04
CA GLY A 449 15.01 -3.08 -39.45
C GLY A 449 14.29 -3.29 -38.14
N LEU A 450 13.31 -2.44 -37.81
CA LEU A 450 12.52 -2.61 -36.58
C LEU A 450 11.36 -3.56 -36.89
N ARG A 451 11.70 -4.85 -36.95
CA ARG A 451 10.76 -5.90 -37.33
C ARG A 451 9.97 -6.44 -36.15
N SER A 452 10.33 -6.09 -34.92
CA SER A 452 9.64 -6.57 -33.74
C SER A 452 8.90 -5.49 -32.97
N LEU A 453 8.87 -4.26 -33.48
CA LEU A 453 8.18 -3.16 -32.81
C LEU A 453 6.68 -3.35 -32.94
N LYS A 454 6.01 -3.61 -31.82
CA LYS A 454 4.60 -3.94 -31.83
C LYS A 454 3.71 -2.91 -31.15
N GLU A 455 4.25 -2.07 -30.27
CA GLU A 455 3.42 -1.13 -29.53
C GLU A 455 4.22 0.10 -29.15
N ILE A 456 3.69 1.28 -29.47
CA ILE A 456 4.23 2.56 -29.03
C ILE A 456 3.11 3.26 -28.27
N SER A 457 3.24 3.33 -26.95
CA SER A 457 2.14 3.77 -26.10
C SER A 457 2.10 5.28 -25.88
N ASP A 458 3.12 6.02 -26.28
CA ASP A 458 3.15 7.45 -26.03
C ASP A 458 4.05 8.10 -27.07
N GLY A 459 3.84 9.40 -27.27
CA GLY A 459 4.73 10.22 -28.06
C GLY A 459 4.53 10.05 -29.55
N ASP A 460 5.05 11.03 -30.29
CA ASP A 460 5.05 10.99 -31.74
C ASP A 460 6.33 10.35 -32.25
N VAL A 461 6.29 9.89 -33.50
CA VAL A 461 7.42 9.23 -34.14
C VAL A 461 7.85 10.08 -35.33
N ILE A 462 9.07 10.59 -35.28
CA ILE A 462 9.62 11.39 -36.36
C ILE A 462 10.83 10.66 -36.95
N ILE A 463 10.84 10.52 -38.27
CA ILE A 463 11.96 9.97 -39.01
C ILE A 463 12.22 10.94 -40.16
N SER A 464 13.22 11.80 -39.99
CA SER A 464 13.50 12.84 -40.98
C SER A 464 14.97 13.21 -40.90
N GLY A 465 15.39 14.07 -41.84
CA GLY A 465 16.77 14.48 -41.91
C GLY A 465 17.74 13.41 -42.38
N ASN A 466 17.24 12.41 -43.11
CA ASN A 466 18.05 11.28 -43.55
C ASN A 466 18.37 11.41 -45.03
N LYS A 467 19.16 10.46 -45.54
CA LYS A 467 19.67 10.51 -46.90
C LYS A 467 19.17 9.38 -47.77
N ASN A 468 19.23 8.14 -47.29
CA ASN A 468 18.95 6.95 -48.09
C ASN A 468 17.88 6.10 -47.43
N LEU A 469 16.78 6.74 -47.04
CA LEU A 469 15.73 6.07 -46.26
C LEU A 469 14.39 6.68 -46.65
N CYS A 470 13.69 6.05 -47.59
CA CYS A 470 12.32 6.48 -47.90
C CYS A 470 11.35 5.66 -47.05
N TYR A 471 11.24 4.36 -47.34
CA TYR A 471 10.87 3.24 -46.45
C TYR A 471 9.75 3.46 -45.44
N ALA A 472 8.79 4.34 -45.71
CA ALA A 472 7.81 4.66 -44.68
C ALA A 472 6.36 4.76 -45.15
N ASN A 473 6.08 4.70 -46.46
CA ASN A 473 4.73 4.99 -46.94
C ASN A 473 3.73 3.87 -46.68
N THR A 474 4.19 2.68 -46.29
CA THR A 474 3.29 1.56 -46.06
C THR A 474 2.97 1.33 -44.59
N ILE A 475 3.81 1.82 -43.68
CA ILE A 475 3.68 1.55 -42.25
C ILE A 475 2.45 2.27 -41.72
N ASN A 476 1.45 1.51 -41.27
CA ASN A 476 0.28 2.07 -40.62
C ASN A 476 0.64 2.33 -39.16
N TRP A 477 0.93 3.59 -38.85
CA TRP A 477 1.37 3.94 -37.50
C TRP A 477 0.23 3.95 -36.50
N LYS A 478 -1.02 3.99 -36.96
CA LYS A 478 -2.15 4.03 -36.03
C LYS A 478 -2.38 2.68 -35.36
N LYS A 479 -1.94 1.58 -35.98
CA LYS A 479 -2.02 0.28 -35.34
C LYS A 479 -0.95 0.12 -34.27
N LEU A 480 0.15 0.85 -34.37
CA LEU A 480 1.21 0.81 -33.36
C LEU A 480 1.01 1.81 -32.23
N PHE A 481 0.24 2.87 -32.48
CA PHE A 481 0.01 3.92 -31.47
C PHE A 481 -0.99 3.41 -30.46
N GLY A 482 -0.56 3.29 -29.20
CA GLY A 482 -1.43 2.88 -28.12
C GLY A 482 -2.22 3.99 -27.46
N THR A 483 -2.01 5.24 -27.88
CA THR A 483 -2.70 6.39 -27.33
C THR A 483 -3.16 7.28 -28.48
N SER A 484 -4.43 7.65 -28.48
CA SER A 484 -4.98 8.47 -29.54
C SER A 484 -4.48 9.91 -29.43
N GLY A 485 -4.58 10.63 -30.55
CA GLY A 485 -4.11 12.00 -30.60
C GLY A 485 -2.63 12.13 -30.89
N GLN A 486 -2.10 11.33 -31.80
CA GLN A 486 -0.69 11.35 -32.14
C GLN A 486 -0.51 11.51 -33.64
N LYS A 487 0.63 12.04 -34.04
CA LYS A 487 0.93 12.32 -35.44
C LYS A 487 2.36 11.90 -35.74
N THR A 488 2.82 12.20 -36.95
CA THR A 488 4.18 11.89 -37.38
C THR A 488 4.67 13.00 -38.31
N LYS A 489 5.98 13.07 -38.46
CA LYS A 489 6.62 14.06 -39.32
C LYS A 489 7.70 13.38 -40.18
N ILE A 490 7.34 12.29 -40.85
CA ILE A 490 8.26 11.64 -41.76
C ILE A 490 8.19 12.39 -43.10
N ILE A 491 9.03 13.41 -43.26
CA ILE A 491 9.04 14.25 -44.46
C ILE A 491 10.47 14.55 -44.87
N SER A 492 10.63 14.89 -46.16
CA SER A 492 11.86 15.42 -46.76
C SER A 492 13.03 14.46 -46.62
N ASN A 493 12.84 13.22 -47.05
CA ASN A 493 13.88 12.19 -46.93
C ASN A 493 14.72 12.05 -48.19
N ARG A 494 14.11 11.61 -49.31
CA ARG A 494 14.86 11.40 -50.54
C ARG A 494 13.87 11.44 -51.72
N GLY A 495 13.83 12.58 -52.40
CA GLY A 495 13.17 12.68 -53.70
C GLY A 495 11.65 12.65 -53.72
N GLU A 496 11.06 11.65 -53.05
CA GLU A 496 9.63 11.35 -52.92
C GLU A 496 8.98 10.90 -54.23
N ASN A 497 9.71 10.93 -55.34
CA ASN A 497 9.31 10.23 -56.56
C ASN A 497 10.46 9.54 -57.27
N SER A 498 11.71 9.82 -56.90
CA SER A 498 12.87 9.26 -57.60
C SER A 498 13.48 8.07 -56.90
N CYS A 499 13.27 7.91 -55.58
CA CYS A 499 13.84 6.75 -54.91
C CYS A 499 13.05 5.49 -55.24
N LYS A 500 11.72 5.63 -55.42
CA LYS A 500 10.77 4.52 -55.57
C LYS A 500 10.90 3.74 -56.90
N ALA A 501 11.90 3.93 -57.75
CA ALA A 501 12.04 3.15 -58.97
C ALA A 501 13.33 2.33 -59.00
N THR A 502 14.08 2.29 -57.89
CA THR A 502 15.36 1.60 -57.86
C THR A 502 15.39 0.49 -56.81
N GLY A 503 14.34 -0.33 -56.77
CA GLY A 503 14.26 -1.37 -55.76
C GLY A 503 13.87 -0.88 -54.39
N GLN A 504 13.23 0.28 -54.32
CA GLN A 504 12.82 0.85 -53.04
C GLN A 504 11.63 0.11 -52.45
N VAL A 505 10.73 -0.36 -53.32
CA VAL A 505 9.55 -1.10 -52.87
C VAL A 505 10.00 -2.43 -52.28
N CYS A 506 9.42 -2.79 -51.15
CA CYS A 506 9.85 -3.96 -50.39
C CYS A 506 9.41 -5.24 -51.09
N HIS A 507 9.62 -6.38 -50.43
CA HIS A 507 9.40 -7.68 -51.04
C HIS A 507 7.91 -7.93 -51.28
N ALA A 508 7.61 -8.58 -52.40
CA ALA A 508 6.24 -8.69 -52.91
C ALA A 508 5.36 -9.60 -52.06
N LEU A 509 5.92 -10.40 -51.17
CA LEU A 509 5.13 -11.22 -50.27
C LEU A 509 4.77 -10.52 -48.98
N CYS A 510 5.13 -9.24 -48.83
CA CYS A 510 4.68 -8.47 -47.68
C CYS A 510 3.20 -8.16 -47.80
N SER A 511 2.50 -8.18 -46.67
CA SER A 511 1.12 -7.74 -46.63
C SER A 511 1.05 -6.22 -46.80
N PRO A 512 -0.06 -5.69 -47.34
CA PRO A 512 -0.18 -4.22 -47.48
C PRO A 512 -0.40 -3.46 -46.19
N GLU A 513 -0.36 -4.13 -45.03
CA GLU A 513 -0.42 -3.42 -43.75
C GLU A 513 0.86 -2.63 -43.49
N GLY A 514 1.98 -3.06 -44.04
CA GLY A 514 3.23 -2.34 -43.90
C GLY A 514 4.43 -3.24 -44.06
N CYS A 515 5.58 -2.61 -44.32
CA CYS A 515 6.84 -3.32 -44.42
C CYS A 515 7.96 -2.36 -44.05
N TRP A 516 8.96 -2.88 -43.33
CA TRP A 516 10.06 -2.06 -42.85
C TRP A 516 11.24 -2.04 -43.81
N GLY A 517 11.69 -3.21 -44.25
CA GLY A 517 12.83 -3.30 -45.14
C GLY A 517 12.52 -4.12 -46.38
N PRO A 518 13.47 -4.16 -47.33
CA PRO A 518 13.26 -4.90 -48.57
C PRO A 518 13.41 -6.41 -48.43
N GLU A 519 13.81 -6.90 -47.27
CA GLU A 519 13.96 -8.34 -47.07
C GLU A 519 12.58 -9.00 -46.99
N PRO A 520 12.49 -10.29 -47.33
CA PRO A 520 11.22 -11.00 -47.16
C PRO A 520 10.80 -11.19 -45.71
N ARG A 521 11.72 -11.09 -44.76
CA ARG A 521 11.41 -11.26 -43.35
C ARG A 521 11.08 -9.95 -42.64
N ASP A 522 11.36 -8.81 -43.27
CA ASP A 522 11.11 -7.50 -42.67
C ASP A 522 9.68 -7.01 -42.90
N CYS A 523 8.78 -7.88 -43.33
CA CYS A 523 7.38 -7.49 -43.45
C CYS A 523 6.76 -7.38 -42.06
N VAL A 524 5.74 -6.53 -41.94
CA VAL A 524 5.01 -6.44 -40.68
C VAL A 524 4.16 -7.68 -40.47
N SER A 525 3.33 -8.01 -41.45
CA SER A 525 2.63 -9.28 -41.49
C SER A 525 2.77 -9.86 -42.89
N CYS A 526 2.36 -11.11 -43.06
CA CYS A 526 2.53 -11.80 -44.32
C CYS A 526 1.20 -11.92 -45.06
N ARG A 527 1.30 -12.27 -46.35
CA ARG A 527 0.10 -12.40 -47.18
C ARG A 527 -0.65 -13.68 -46.85
N ASN A 528 0.01 -14.83 -46.98
CA ASN A 528 -0.68 -16.11 -46.80
C ASN A 528 -0.19 -16.88 -45.58
N VAL A 529 1.11 -17.23 -45.51
CA VAL A 529 1.64 -17.92 -44.34
C VAL A 529 2.99 -17.29 -43.98
N SER A 530 3.44 -17.56 -42.76
CA SER A 530 4.68 -17.00 -42.22
C SER A 530 5.49 -18.12 -41.59
N ARG A 531 6.47 -18.65 -42.34
CA ARG A 531 7.40 -19.61 -41.79
C ARG A 531 8.37 -18.91 -40.85
N GLY A 532 8.04 -18.87 -39.56
CA GLY A 532 8.88 -18.23 -38.57
C GLY A 532 8.82 -16.73 -38.66
N ARG A 533 9.48 -16.20 -39.69
CA ARG A 533 9.38 -14.79 -40.03
C ARG A 533 9.31 -14.54 -41.53
N GLU A 534 9.36 -15.59 -42.36
CA GLU A 534 9.42 -15.45 -43.82
C GLU A 534 8.02 -15.59 -44.41
N CYS A 535 7.66 -14.65 -45.28
CA CYS A 535 6.32 -14.63 -45.87
C CYS A 535 6.29 -15.58 -47.07
N VAL A 536 5.57 -16.69 -46.92
CA VAL A 536 5.47 -17.71 -47.95
C VAL A 536 4.00 -17.78 -48.36
N ASP A 537 3.73 -18.39 -49.52
CA ASP A 537 2.35 -18.61 -49.95
C ASP A 537 1.73 -19.85 -49.33
N LYS A 538 2.52 -20.90 -49.08
CA LYS A 538 2.01 -22.12 -48.45
C LYS A 538 3.14 -22.83 -47.74
N CYS A 539 2.78 -23.70 -46.80
CA CYS A 539 3.75 -24.37 -45.94
C CYS A 539 4.14 -25.74 -46.50
N ASN A 540 4.66 -25.71 -47.73
CA ASN A 540 5.23 -26.86 -48.44
C ASN A 540 4.22 -27.99 -48.61
N LEU A 541 3.07 -27.65 -49.19
CA LEU A 541 2.06 -28.65 -49.50
C LEU A 541 2.40 -29.32 -50.82
N LEU A 542 2.49 -30.65 -50.80
CA LEU A 542 2.77 -31.58 -51.90
C LEU A 542 4.19 -31.49 -52.46
N GLU A 543 5.04 -30.60 -51.95
CA GLU A 543 6.45 -30.57 -52.31
C GLU A 543 7.23 -29.98 -51.14
N GLY A 544 8.52 -29.76 -51.34
CA GLY A 544 9.36 -29.21 -50.28
C GLY A 544 9.98 -30.29 -49.42
N GLU A 545 11.13 -29.96 -48.82
CA GLU A 545 11.82 -30.88 -47.93
C GLU A 545 11.24 -30.93 -46.50
N PRO A 546 10.97 -29.81 -45.80
CA PRO A 546 10.35 -29.98 -44.48
C PRO A 546 8.84 -30.22 -44.59
N ARG A 547 8.32 -30.95 -43.61
CA ARG A 547 6.90 -31.33 -43.57
C ARG A 547 6.20 -30.38 -42.60
N GLU A 548 5.49 -29.40 -43.14
CA GLU A 548 4.93 -28.30 -42.37
C GLU A 548 3.45 -28.15 -42.64
N PHE A 549 2.73 -27.64 -41.65
CA PHE A 549 1.30 -27.34 -41.79
C PHE A 549 1.04 -25.88 -41.43
N VAL A 550 -0.22 -25.49 -41.65
CA VAL A 550 -0.67 -24.10 -41.56
C VAL A 550 -1.61 -23.97 -40.37
N GLU A 551 -1.21 -23.13 -39.40
CA GLU A 551 -2.15 -22.61 -38.41
C GLU A 551 -1.62 -21.28 -37.92
N ASN A 552 -2.56 -20.36 -37.67
CA ASN A 552 -2.29 -18.95 -37.31
C ASN A 552 -1.42 -18.26 -38.37
N SER A 553 -1.64 -18.63 -39.63
CA SER A 553 -0.85 -18.19 -40.80
C SER A 553 0.64 -18.42 -40.59
N GLU A 554 0.98 -19.59 -40.06
CA GLU A 554 2.36 -19.93 -39.74
C GLU A 554 2.67 -21.33 -40.21
N CYS A 555 3.94 -21.58 -40.55
CA CYS A 555 4.40 -22.91 -40.93
C CYS A 555 4.97 -23.60 -39.70
N ILE A 556 4.42 -24.77 -39.37
CA ILE A 556 4.86 -25.52 -38.19
C ILE A 556 5.23 -26.93 -38.64
N GLN A 557 6.43 -27.38 -38.27
CA GLN A 557 6.85 -28.74 -38.59
C GLN A 557 6.13 -29.75 -37.71
N CYS A 558 6.00 -30.97 -38.22
CA CYS A 558 5.40 -32.06 -37.49
C CYS A 558 6.49 -32.96 -36.89
N HIS A 559 6.06 -34.06 -36.29
CA HIS A 559 6.99 -35.07 -35.81
C HIS A 559 7.64 -35.77 -37.00
N PRO A 560 8.94 -36.08 -36.94
CA PRO A 560 9.64 -36.61 -38.13
C PRO A 560 9.23 -38.03 -38.52
N GLU A 561 8.35 -38.71 -37.79
CA GLU A 561 7.88 -40.03 -38.18
C GLU A 561 6.63 -39.97 -39.05
N CYS A 562 6.26 -38.80 -39.56
CA CYS A 562 5.24 -38.72 -40.60
C CYS A 562 5.84 -39.10 -41.94
N LEU A 563 5.16 -39.95 -42.70
CA LEU A 563 5.64 -40.32 -44.01
C LEU A 563 5.38 -39.18 -45.00
N PRO A 564 6.32 -38.91 -45.91
CA PRO A 564 6.08 -37.89 -46.94
C PRO A 564 5.17 -38.40 -48.05
N GLN A 565 3.93 -37.92 -48.07
CA GLN A 565 2.99 -38.26 -49.13
C GLN A 565 3.02 -37.18 -50.20
N ALA A 566 3.12 -37.59 -51.46
CA ALA A 566 3.12 -36.68 -52.59
C ALA A 566 1.75 -36.56 -53.25
N MET A 567 0.76 -37.34 -52.81
CA MET A 567 -0.58 -37.30 -53.38
C MET A 567 -1.54 -36.44 -52.56
N ASN A 568 -1.56 -36.62 -51.24
CA ASN A 568 -2.42 -35.88 -50.34
C ASN A 568 -1.57 -35.09 -49.34
N ILE A 569 -2.23 -34.51 -48.35
CA ILE A 569 -1.52 -33.76 -47.31
C ILE A 569 -0.76 -34.72 -46.41
N THR A 570 0.17 -34.16 -45.63
CA THR A 570 1.04 -34.97 -44.79
C THR A 570 0.52 -35.11 -43.36
N CYS A 571 0.34 -33.99 -42.67
CA CYS A 571 0.03 -34.01 -41.24
C CYS A 571 -0.79 -32.78 -40.89
N THR A 572 -1.41 -32.85 -39.71
CA THR A 572 -2.32 -31.81 -39.23
C THR A 572 -1.84 -31.17 -37.94
N GLY A 573 -1.44 -31.97 -36.95
CA GLY A 573 -1.02 -31.48 -35.66
C GLY A 573 0.44 -31.76 -35.39
N ARG A 574 0.92 -31.21 -34.26
CA ARG A 574 2.32 -31.33 -33.90
C ARG A 574 2.68 -32.73 -33.37
N GLY A 575 1.72 -33.41 -32.73
CA GLY A 575 1.99 -34.68 -32.09
C GLY A 575 2.17 -35.81 -33.07
N PRO A 576 2.72 -36.94 -32.60
CA PRO A 576 2.89 -38.10 -33.48
C PRO A 576 1.61 -38.84 -33.80
N ASP A 577 0.50 -38.53 -33.12
CA ASP A 577 -0.77 -39.14 -33.44
C ASP A 577 -1.39 -38.58 -34.71
N ASN A 578 -0.91 -37.43 -35.19
CA ASN A 578 -1.52 -36.72 -36.30
C ASN A 578 -0.91 -37.08 -37.65
N CYS A 579 0.07 -37.98 -37.69
CA CYS A 579 0.57 -38.47 -38.97
C CYS A 579 -0.48 -39.37 -39.60
N ILE A 580 -0.68 -39.23 -40.92
CA ILE A 580 -1.62 -40.09 -41.62
C ILE A 580 -1.05 -41.49 -41.76
N GLN A 581 0.20 -41.60 -42.21
CA GLN A 581 0.91 -42.86 -42.28
C GLN A 581 2.25 -42.71 -41.59
N CYS A 582 2.59 -43.68 -40.73
CA CYS A 582 3.84 -43.62 -39.98
C CYS A 582 5.03 -43.89 -40.89
N ALA A 583 6.20 -43.43 -40.46
CA ALA A 583 7.40 -43.61 -41.26
C ALA A 583 7.96 -45.02 -41.10
N HIS A 584 8.35 -45.39 -39.88
CA HIS A 584 8.96 -46.69 -39.65
C HIS A 584 8.11 -47.60 -38.77
N TYR A 585 7.81 -47.20 -37.54
CA TYR A 585 7.03 -48.05 -36.63
C TYR A 585 5.78 -47.32 -36.19
N ILE A 586 4.75 -48.10 -35.85
CA ILE A 586 3.50 -47.58 -35.31
C ILE A 586 3.24 -48.22 -33.95
N ASP A 587 2.84 -47.39 -32.98
CA ASP A 587 2.49 -47.83 -31.63
C ASP A 587 1.11 -47.24 -31.35
N GLY A 588 0.07 -47.99 -31.71
CA GLY A 588 -1.29 -47.53 -31.58
C GLY A 588 -1.59 -46.39 -32.52
N PRO A 589 -1.88 -45.22 -31.96
CA PRO A 589 -2.03 -44.02 -32.81
C PRO A 589 -0.70 -43.34 -33.07
N HIS A 590 0.31 -43.67 -32.28
CA HIS A 590 1.60 -42.98 -32.36
C HIS A 590 2.45 -43.53 -33.49
N CYS A 591 3.30 -42.66 -34.03
CA CYS A 591 4.30 -43.04 -35.02
C CYS A 591 5.68 -42.87 -34.38
N VAL A 592 6.45 -43.96 -34.32
CA VAL A 592 7.68 -43.98 -33.55
C VAL A 592 8.78 -44.62 -34.38
N LYS A 593 10.02 -44.23 -34.07
CA LYS A 593 11.20 -44.78 -34.74
C LYS A 593 11.47 -46.21 -34.28
N THR A 594 11.56 -46.42 -32.97
CA THR A 594 11.83 -47.72 -32.39
C THR A 594 10.71 -48.08 -31.40
N CYS A 595 10.43 -49.37 -31.29
CA CYS A 595 9.48 -49.84 -30.29
C CYS A 595 10.07 -49.68 -28.89
N PRO A 596 9.23 -49.47 -27.88
CA PRO A 596 9.73 -49.40 -26.49
C PRO A 596 10.28 -50.75 -26.03
N ALA A 597 11.56 -50.76 -25.66
CA ALA A 597 12.29 -51.97 -25.30
C ALA A 597 13.00 -51.79 -23.97
N GLY A 598 12.23 -51.44 -22.94
CA GLY A 598 12.82 -51.17 -21.64
C GLY A 598 12.41 -49.84 -21.05
N VAL A 599 11.31 -49.27 -21.54
CA VAL A 599 10.77 -48.04 -20.97
C VAL A 599 10.21 -48.33 -19.57
N MET A 600 10.24 -47.32 -18.71
CA MET A 600 9.80 -47.48 -17.33
C MET A 600 8.29 -47.64 -17.27
N GLY A 601 7.82 -48.73 -16.65
CA GLY A 601 6.41 -49.01 -16.56
C GLY A 601 5.84 -48.92 -15.16
N GLU A 602 5.34 -50.03 -14.64
CA GLU A 602 4.70 -50.07 -13.33
C GLU A 602 5.07 -51.37 -12.63
N ASN A 603 5.44 -51.24 -11.34
CA ASN A 603 5.80 -52.36 -10.46
C ASN A 603 6.98 -53.17 -11.01
N ASN A 604 8.05 -52.44 -11.37
CA ASN A 604 9.33 -52.99 -11.83
C ASN A 604 9.16 -53.86 -13.07
N THR A 605 8.43 -53.33 -14.06
CA THR A 605 8.17 -54.03 -15.32
C THR A 605 8.62 -53.14 -16.47
N LEU A 606 9.83 -53.36 -16.96
CA LEU A 606 10.26 -52.72 -18.19
C LEU A 606 9.63 -53.44 -19.37
N VAL A 607 9.01 -52.68 -20.27
CA VAL A 607 8.09 -53.26 -21.25
C VAL A 607 8.86 -53.64 -22.51
N TRP A 608 8.77 -54.93 -22.87
CA TRP A 608 9.32 -55.43 -24.12
C TRP A 608 8.21 -55.40 -25.18
N LYS A 609 8.49 -54.76 -26.31
CA LYS A 609 7.52 -54.64 -27.39
C LYS A 609 8.18 -55.03 -28.71
N TYR A 610 7.51 -55.92 -29.46
CA TYR A 610 8.01 -56.43 -30.72
C TYR A 610 7.16 -55.94 -31.87
N ALA A 611 7.78 -55.79 -33.04
CA ALA A 611 7.11 -55.21 -34.20
C ALA A 611 6.26 -56.26 -34.91
N ASP A 612 5.49 -55.79 -35.90
CA ASP A 612 4.60 -56.61 -36.70
C ASP A 612 4.98 -56.45 -38.17
N ALA A 613 4.28 -57.18 -39.05
CA ALA A 613 4.44 -56.97 -40.48
C ALA A 613 3.91 -55.61 -40.91
N GLY A 614 2.92 -55.07 -40.18
CA GLY A 614 2.48 -53.71 -40.36
C GLY A 614 3.13 -52.78 -39.36
N HIS A 615 4.26 -53.24 -38.79
CA HIS A 615 5.14 -52.49 -37.89
C HIS A 615 4.43 -52.05 -36.60
N VAL A 616 3.42 -52.81 -36.18
CA VAL A 616 2.71 -52.51 -34.94
C VAL A 616 3.53 -53.07 -33.78
N CYS A 617 3.91 -52.21 -32.84
CA CYS A 617 4.67 -52.62 -31.66
C CYS A 617 3.71 -53.34 -30.71
N HIS A 618 3.67 -54.66 -30.79
CA HIS A 618 2.79 -55.47 -29.96
C HIS A 618 3.45 -55.76 -28.61
N LEU A 619 2.61 -55.90 -27.59
CA LEU A 619 3.09 -56.20 -26.24
C LEU A 619 3.56 -57.66 -26.18
N GLU B 9 37.32 32.02 -26.95
CA GLU B 9 36.85 32.60 -25.70
C GLU B 9 37.18 31.68 -24.53
N CYS B 10 36.55 30.51 -24.50
CA CYS B 10 36.85 29.53 -23.47
C CYS B 10 38.20 28.88 -23.75
N PRO B 11 38.95 28.48 -22.69
CA PRO B 11 40.30 27.93 -22.91
C PRO B 11 40.31 26.55 -23.56
N LEU B 12 41.52 26.01 -23.75
CA LEU B 12 41.73 24.78 -24.52
C LEU B 12 41.32 23.53 -23.77
N SER B 13 40.99 23.61 -22.48
CA SER B 13 40.63 22.44 -21.70
C SER B 13 39.22 21.95 -21.98
N HIS B 14 38.40 22.70 -22.71
CA HIS B 14 37.02 22.35 -22.99
C HIS B 14 36.78 22.15 -24.49
N ASP B 15 37.70 21.46 -25.15
CA ASP B 15 37.55 21.16 -26.56
C ASP B 15 36.50 20.07 -26.78
N GLY B 16 35.67 20.24 -27.81
CA GLY B 16 34.60 19.31 -28.08
C GLY B 16 33.44 19.36 -27.11
N TYR B 17 33.36 20.41 -26.28
CA TYR B 17 32.27 20.51 -25.32
C TYR B 17 30.96 20.88 -26.00
N CYS B 18 31.02 21.64 -27.09
CA CYS B 18 29.83 22.12 -27.79
C CYS B 18 29.70 21.34 -29.10
N LEU B 19 28.69 20.49 -29.19
CA LEU B 19 28.56 19.55 -30.28
C LEU B 19 27.92 20.21 -31.51
N HIS B 20 27.98 19.48 -32.64
CA HIS B 20 27.32 19.82 -33.90
C HIS B 20 27.77 21.18 -34.44
N ASP B 21 29.10 21.37 -34.47
CA ASP B 21 29.78 22.57 -34.97
C ASP B 21 29.34 23.84 -34.23
N GLY B 22 28.93 23.71 -32.97
CA GLY B 22 28.63 24.87 -32.15
C GLY B 22 29.90 25.37 -31.49
N VAL B 23 29.99 26.70 -31.35
CA VAL B 23 31.22 27.32 -30.87
C VAL B 23 31.11 27.55 -29.37
N CYS B 24 32.22 27.33 -28.66
CA CYS B 24 32.28 27.51 -27.22
C CYS B 24 32.60 28.96 -26.88
N MET B 25 32.02 29.46 -25.80
CA MET B 25 32.24 30.83 -25.37
C MET B 25 32.26 30.89 -23.84
N TYR B 26 32.92 31.91 -23.33
CA TYR B 26 33.11 32.12 -21.89
C TYR B 26 32.45 33.41 -21.48
N ILE B 27 31.52 33.32 -20.52
CA ILE B 27 30.85 34.49 -19.97
C ILE B 27 31.62 34.90 -18.72
N GLU B 28 32.32 36.04 -18.82
CA GLU B 28 33.21 36.49 -17.74
C GLU B 28 32.47 37.28 -16.67
N ALA B 29 31.28 37.80 -16.97
CA ALA B 29 30.49 38.47 -15.95
C ALA B 29 29.83 37.50 -15.00
N LEU B 30 29.77 36.22 -15.36
CA LEU B 30 29.22 35.19 -14.49
C LEU B 30 30.22 34.08 -14.19
N ASP B 31 31.41 34.14 -14.81
CA ASP B 31 32.49 33.14 -14.67
C ASP B 31 31.98 31.75 -15.07
N LYS B 32 31.35 31.66 -16.23
CA LYS B 32 30.71 30.42 -16.65
C LYS B 32 31.02 30.15 -18.12
N TYR B 33 30.66 28.96 -18.56
CA TYR B 33 30.89 28.49 -19.91
C TYR B 33 29.56 28.29 -20.63
N ALA B 34 29.55 28.52 -21.94
CA ALA B 34 28.33 28.44 -22.73
C ALA B 34 28.65 27.94 -24.12
N CYS B 35 27.62 27.43 -24.80
CA CYS B 35 27.73 26.93 -26.16
C CYS B 35 26.91 27.80 -27.10
N ASN B 36 27.20 27.65 -28.39
CA ASN B 36 26.40 28.24 -29.45
C ASN B 36 26.13 27.16 -30.49
N CYS B 37 24.89 26.68 -30.53
CA CYS B 37 24.48 25.61 -31.43
C CYS B 37 24.17 26.18 -32.81
N VAL B 38 24.09 25.28 -33.79
CA VAL B 38 23.55 25.63 -35.10
C VAL B 38 22.02 25.50 -35.01
N VAL B 39 21.33 26.00 -36.03
CA VAL B 39 19.87 25.98 -36.04
C VAL B 39 19.40 24.54 -36.24
N GLY B 40 18.81 23.96 -35.20
CA GLY B 40 18.34 22.59 -35.26
C GLY B 40 18.76 21.77 -34.06
N TYR B 41 19.39 22.40 -33.09
CA TYR B 41 19.86 21.73 -31.88
C TYR B 41 19.72 22.68 -30.69
N ILE B 42 19.18 22.18 -29.58
CA ILE B 42 19.17 22.92 -28.33
C ILE B 42 19.90 22.07 -27.29
N GLY B 43 19.98 22.57 -26.06
CA GLY B 43 20.53 21.82 -24.96
C GLY B 43 21.61 22.59 -24.24
N GLU B 44 22.11 21.97 -23.16
CA GLU B 44 23.18 22.58 -22.38
C GLU B 44 24.49 22.62 -23.16
N ARG B 45 24.78 21.56 -23.91
CA ARG B 45 26.02 21.44 -24.67
C ARG B 45 25.73 20.95 -26.09
N CYS B 46 24.61 21.43 -26.66
CA CYS B 46 24.13 21.11 -28.01
C CYS B 46 23.91 19.59 -28.18
N GLN B 47 23.09 19.03 -27.30
CA GLN B 47 22.85 17.59 -27.29
C GLN B 47 21.40 17.19 -27.54
N TYR B 48 20.48 18.15 -27.59
CA TYR B 48 19.06 17.87 -27.78
C TYR B 48 18.66 18.27 -29.20
N ARG B 49 18.17 17.31 -29.97
CA ARG B 49 17.71 17.58 -31.32
C ARG B 49 16.38 18.33 -31.31
N ASP B 50 16.29 19.37 -32.13
CA ASP B 50 15.06 20.15 -32.23
C ASP B 50 14.02 19.35 -33.00
N LEU B 51 13.17 18.63 -32.27
CA LEU B 51 12.18 17.76 -32.89
C LEU B 51 10.83 18.44 -33.11
N LYS B 52 10.52 19.48 -32.35
CA LYS B 52 9.20 20.10 -32.41
C LYS B 52 9.02 20.94 -33.66
N TRP B 53 10.06 21.66 -34.09
CA TRP B 53 9.98 22.49 -35.28
C TRP B 53 11.19 22.24 -36.16
N TRP B 54 10.92 22.12 -37.48
CA TRP B 54 11.92 22.03 -38.55
C TRP B 54 12.86 20.85 -38.35
N GLU B 55 12.27 19.66 -38.43
CA GLU B 55 12.95 18.36 -38.38
C GLU B 55 13.84 18.16 -37.16
N GLU C 9 -43.25 -13.06 33.74
CA GLU C 9 -43.35 -11.74 33.15
C GLU C 9 -43.41 -11.83 31.63
N CYS C 10 -42.31 -12.27 31.02
CA CYS C 10 -42.28 -12.47 29.59
C CYS C 10 -43.08 -13.72 29.22
N PRO C 11 -43.71 -13.75 28.03
CA PRO C 11 -44.56 -14.91 27.68
C PRO C 11 -43.79 -16.19 27.39
N LEU C 12 -44.53 -17.25 27.04
CA LEU C 12 -43.97 -18.59 26.91
C LEU C 12 -43.15 -18.79 25.64
N SER C 13 -43.15 -17.82 24.72
CA SER C 13 -42.42 -17.98 23.47
C SER C 13 -40.92 -17.76 23.63
N HIS C 14 -40.46 -17.29 24.78
CA HIS C 14 -39.05 -16.99 25.02
C HIS C 14 -38.48 -17.86 26.13
N ASP C 15 -38.81 -19.15 26.11
CA ASP C 15 -38.26 -20.07 27.10
C ASP C 15 -36.81 -20.40 26.80
N GLY C 16 -35.99 -20.46 27.85
CA GLY C 16 -34.57 -20.71 27.69
C GLY C 16 -33.78 -19.54 27.14
N TYR C 17 -34.37 -18.34 27.08
CA TYR C 17 -33.67 -17.18 26.54
C TYR C 17 -32.60 -16.69 27.51
N CYS C 18 -32.81 -16.84 28.81
CA CYS C 18 -31.89 -16.35 29.83
C CYS C 18 -31.17 -17.53 30.45
N LEU C 19 -29.88 -17.65 30.18
CA LEU C 19 -29.11 -18.83 30.54
C LEU C 19 -28.65 -18.78 31.99
N HIS C 20 -28.15 -19.93 32.46
CA HIS C 20 -27.51 -20.09 33.78
C HIS C 20 -28.46 -19.74 34.93
N ASP C 21 -29.68 -20.28 34.84
CA ASP C 21 -30.75 -20.12 35.84
C ASP C 21 -31.13 -18.65 36.05
N GLY C 22 -30.94 -17.82 35.04
CA GLY C 22 -31.39 -16.44 35.09
C GLY C 22 -32.85 -16.35 34.66
N VAL C 23 -33.59 -15.46 35.31
CA VAL C 23 -35.03 -15.38 35.09
C VAL C 23 -35.33 -14.31 34.04
N CYS C 24 -36.30 -14.60 33.19
CA CYS C 24 -36.71 -13.69 32.13
C CYS C 24 -37.74 -12.70 32.65
N MET C 25 -37.68 -11.47 32.16
CA MET C 25 -38.62 -10.43 32.56
C MET C 25 -38.94 -9.54 31.38
N TYR C 26 -40.10 -8.88 31.46
CA TYR C 26 -40.62 -8.03 30.40
C TYR C 26 -40.75 -6.61 30.93
N ILE C 27 -40.09 -5.68 30.26
CA ILE C 27 -40.18 -4.26 30.60
C ILE C 27 -41.27 -3.66 29.71
N GLU C 28 -42.41 -3.31 30.34
CA GLU C 28 -43.57 -2.84 29.62
C GLU C 28 -43.53 -1.34 29.33
N ALA C 29 -42.69 -0.59 30.04
CA ALA C 29 -42.55 0.83 29.75
C ALA C 29 -41.68 1.06 28.52
N LEU C 30 -40.94 0.05 28.08
CA LEU C 30 -40.13 0.13 26.87
C LEU C 30 -40.51 -0.92 25.84
N ASP C 31 -41.45 -1.82 26.18
CA ASP C 31 -41.90 -2.93 25.33
C ASP C 31 -40.73 -3.81 24.90
N LYS C 32 -39.93 -4.22 25.89
CA LYS C 32 -38.71 -4.96 25.60
C LYS C 32 -38.58 -6.13 26.57
N TYR C 33 -37.60 -6.99 26.28
CA TYR C 33 -37.33 -8.20 27.06
C TYR C 33 -35.97 -8.07 27.72
N ALA C 34 -35.83 -8.66 28.91
CA ALA C 34 -34.59 -8.57 29.68
C ALA C 34 -34.37 -9.85 30.46
N CYS C 35 -33.12 -10.06 30.86
CA CYS C 35 -32.72 -11.22 31.65
C CYS C 35 -32.27 -10.79 33.03
N ASN C 36 -32.20 -11.77 33.93
CA ASN C 36 -31.62 -11.59 35.25
C ASN C 36 -30.67 -12.76 35.48
N CYS C 37 -29.37 -12.48 35.44
CA CYS C 37 -28.35 -13.49 35.61
C CYS C 37 -28.10 -13.76 37.09
N VAL C 38 -27.41 -14.87 37.36
CA VAL C 38 -26.87 -15.12 38.69
C VAL C 38 -25.52 -14.41 38.78
N VAL C 39 -24.97 -14.32 39.99
CA VAL C 39 -23.72 -13.61 40.22
C VAL C 39 -22.59 -14.44 39.61
N GLY C 40 -21.99 -13.93 38.54
CA GLY C 40 -20.91 -14.63 37.86
C GLY C 40 -21.09 -14.70 36.36
N TYR C 41 -22.12 -14.03 35.86
CA TYR C 41 -22.43 -14.02 34.43
C TYR C 41 -22.98 -12.66 34.05
N ILE C 42 -22.48 -12.08 32.96
CA ILE C 42 -23.07 -10.88 32.39
C ILE C 42 -23.46 -11.19 30.95
N GLY C 43 -23.99 -10.20 30.24
CA GLY C 43 -24.32 -10.35 28.84
C GLY C 43 -25.74 -9.94 28.54
N GLU C 44 -26.07 -9.99 27.24
CA GLU C 44 -27.43 -9.66 26.80
C GLU C 44 -28.42 -10.74 27.25
N ARG C 45 -28.02 -12.00 27.19
CA ARG C 45 -28.89 -13.12 27.54
C ARG C 45 -28.13 -14.12 28.43
N CYS C 46 -27.31 -13.57 29.35
CA CYS C 46 -26.49 -14.33 30.30
C CYS C 46 -25.54 -15.30 29.60
N GLN C 47 -24.72 -14.76 28.70
CA GLN C 47 -23.82 -15.59 27.89
C GLN C 47 -22.35 -15.27 28.09
N TYR C 48 -22.01 -14.22 28.82
CA TYR C 48 -20.63 -13.82 29.03
C TYR C 48 -20.22 -14.17 30.46
N ARG C 49 -19.18 -14.99 30.60
CA ARG C 49 -18.69 -15.36 31.91
C ARG C 49 -17.91 -14.21 32.54
N ASP C 50 -18.18 -13.95 33.82
CA ASP C 50 -17.49 -12.89 34.54
C ASP C 50 -16.06 -13.34 34.85
N LEU C 51 -15.12 -12.99 33.98
CA LEU C 51 -13.74 -13.42 34.13
C LEU C 51 -12.88 -12.44 34.92
N LYS C 52 -13.26 -11.15 34.95
CA LYS C 52 -12.40 -10.14 35.56
C LYS C 52 -12.43 -10.22 37.08
N TRP C 53 -13.59 -10.50 37.67
CA TRP C 53 -13.71 -10.60 39.11
C TRP C 53 -14.47 -11.86 39.50
N TRP C 54 -13.93 -12.56 40.51
CA TRP C 54 -14.54 -13.72 41.16
C TRP C 54 -14.82 -14.85 40.18
N GLU C 55 -13.72 -15.38 39.64
CA GLU C 55 -13.68 -16.54 38.75
C GLU C 55 -14.56 -16.41 37.51
N GLU D 27 -0.74 8.33 28.39
CA GLU D 27 -1.90 7.51 28.04
C GLU D 27 -2.96 7.58 29.15
N LYS D 28 -4.21 7.81 28.74
CA LYS D 28 -5.30 7.89 29.69
C LYS D 28 -5.68 6.50 30.20
N LYS D 29 -6.38 6.48 31.33
CA LYS D 29 -6.84 5.22 31.91
C LYS D 29 -8.01 4.67 31.09
N VAL D 30 -7.88 3.42 30.66
CA VAL D 30 -8.87 2.80 29.79
C VAL D 30 -9.60 1.69 30.54
N CYS D 31 -10.81 1.41 30.08
CA CYS D 31 -11.61 0.31 30.60
C CYS D 31 -12.54 -0.18 29.50
N GLN D 32 -12.90 -1.45 29.56
CA GLN D 32 -13.72 -2.06 28.52
C GLN D 32 -15.21 -1.92 28.78
N GLY D 33 -15.62 -1.62 30.01
CA GLY D 33 -17.02 -1.40 30.30
C GLY D 33 -17.82 -2.71 30.30
N THR D 34 -19.14 -2.54 30.19
CA THR D 34 -20.08 -3.64 30.17
C THR D 34 -20.78 -3.71 28.81
N SER D 35 -21.49 -4.81 28.60
CA SER D 35 -22.33 -5.00 27.42
C SER D 35 -23.76 -5.32 27.84
N ASN D 36 -24.14 -4.93 29.05
CA ASN D 36 -25.46 -5.21 29.59
C ASN D 36 -26.43 -4.15 29.07
N LYS D 37 -27.27 -4.53 28.10
CA LYS D 37 -28.25 -3.59 27.56
C LYS D 37 -29.30 -3.23 28.59
N LEU D 38 -30.05 -4.22 29.07
CA LEU D 38 -31.00 -4.01 30.15
C LEU D 38 -30.90 -5.10 31.21
N THR D 39 -29.83 -5.89 31.18
CA THR D 39 -29.70 -7.06 32.04
C THR D 39 -29.28 -6.62 33.45
N GLN D 40 -30.14 -6.88 34.43
CA GLN D 40 -29.79 -6.68 35.83
C GLN D 40 -28.90 -7.83 36.28
N LEU D 41 -27.90 -7.54 37.10
CA LEU D 41 -26.95 -8.55 37.57
C LEU D 41 -27.31 -8.91 39.01
N GLY D 42 -28.05 -10.01 39.17
CA GLY D 42 -28.46 -10.47 40.48
C GLY D 42 -29.49 -9.57 41.14
N THR D 43 -29.15 -9.03 42.31
CA THR D 43 -29.99 -8.05 42.97
C THR D 43 -29.60 -6.66 42.46
N PHE D 44 -30.19 -5.63 43.09
CA PHE D 44 -29.79 -4.26 42.74
C PHE D 44 -28.42 -3.94 43.32
N GLU D 45 -28.11 -4.48 44.50
CA GLU D 45 -26.82 -4.22 45.13
C GLU D 45 -25.69 -4.93 44.40
N ASP D 46 -25.95 -6.12 43.85
CA ASP D 46 -24.92 -6.83 43.12
C ASP D 46 -24.60 -6.13 41.79
N HIS D 47 -25.63 -5.65 41.09
CA HIS D 47 -25.40 -4.87 39.89
C HIS D 47 -24.73 -3.54 40.20
N PHE D 48 -25.05 -2.94 41.35
CA PHE D 48 -24.41 -1.67 41.72
C PHE D 48 -22.94 -1.89 42.05
N LEU D 49 -22.60 -2.99 42.71
CA LEU D 49 -21.20 -3.30 42.98
C LEU D 49 -20.44 -3.67 41.70
N SER D 50 -21.11 -4.34 40.76
CA SER D 50 -20.46 -4.63 39.47
C SER D 50 -20.22 -3.35 38.67
N LEU D 51 -21.19 -2.42 38.71
CA LEU D 51 -21.01 -1.13 38.04
C LEU D 51 -19.95 -0.29 38.72
N GLN D 52 -19.82 -0.43 40.04
CA GLN D 52 -18.78 0.29 40.78
C GLN D 52 -17.39 -0.26 40.48
N ARG D 53 -17.25 -1.59 40.44
CA ARG D 53 -15.97 -2.20 40.13
C ARG D 53 -15.60 -2.08 38.66
N MET D 54 -16.58 -1.87 37.78
CA MET D 54 -16.26 -1.77 36.35
C MET D 54 -15.73 -0.39 35.99
N PHE D 55 -16.28 0.68 36.57
CA PHE D 55 -16.00 2.04 36.14
C PHE D 55 -15.32 2.88 37.22
N ASN D 56 -14.44 2.27 38.01
CA ASN D 56 -13.60 3.02 38.93
C ASN D 56 -12.29 3.35 38.23
N ASN D 57 -11.92 4.64 38.25
CA ASN D 57 -10.69 5.17 37.68
C ASN D 57 -10.56 4.85 36.20
N CYS D 58 -11.61 5.15 35.44
CA CYS D 58 -11.63 4.99 34.00
C CYS D 58 -11.87 6.33 33.34
N GLU D 59 -11.10 6.61 32.28
CA GLU D 59 -11.22 7.86 31.54
C GLU D 59 -11.64 7.65 30.09
N VAL D 60 -11.20 6.57 29.45
CA VAL D 60 -11.55 6.25 28.08
C VAL D 60 -12.28 4.91 28.09
N VAL D 61 -13.58 4.94 27.85
CA VAL D 61 -14.39 3.74 27.79
C VAL D 61 -14.37 3.23 26.34
N LEU D 62 -13.61 2.16 26.11
CA LEU D 62 -13.52 1.58 24.78
C LEU D 62 -14.74 0.74 24.41
N GLY D 63 -15.57 0.39 25.38
CA GLY D 63 -16.77 -0.39 25.12
C GLY D 63 -18.03 0.45 25.11
N ASN D 64 -18.83 0.32 26.16
CA ASN D 64 -20.12 1.00 26.25
C ASN D 64 -20.33 1.55 27.65
N LEU D 65 -20.79 2.79 27.74
CA LEU D 65 -21.20 3.38 29.02
C LEU D 65 -22.66 3.01 29.26
N GLU D 66 -22.90 2.18 30.28
CA GLU D 66 -24.21 1.59 30.52
C GLU D 66 -24.57 1.79 31.99
N ILE D 67 -25.33 2.85 32.27
CA ILE D 67 -25.76 3.17 33.63
C ILE D 67 -27.19 2.65 33.76
N THR D 68 -27.35 1.49 34.38
CA THR D 68 -28.65 0.86 34.57
C THR D 68 -28.83 0.42 36.02
N TYR D 69 -30.08 0.54 36.49
CA TYR D 69 -30.54 -0.02 37.77
C TYR D 69 -29.78 0.55 38.97
N VAL D 70 -29.82 1.87 39.12
CA VAL D 70 -29.26 2.55 40.27
C VAL D 70 -30.43 3.16 41.03
N GLN D 71 -30.74 2.60 42.20
CA GLN D 71 -31.92 2.99 42.95
C GLN D 71 -31.63 4.24 43.78
N ARG D 72 -32.55 4.59 44.67
CA ARG D 72 -32.46 5.80 45.46
C ARG D 72 -31.41 5.65 46.57
N ASN D 73 -31.04 6.80 47.14
CA ASN D 73 -30.08 6.93 48.25
C ASN D 73 -28.71 6.31 47.91
N TYR D 74 -28.29 6.43 46.66
CA TYR D 74 -27.00 5.92 46.21
C TYR D 74 -26.10 7.08 45.80
N ASP D 75 -24.86 6.74 45.46
CA ASP D 75 -23.86 7.72 45.06
C ASP D 75 -23.08 7.19 43.87
N LEU D 76 -22.83 8.07 42.90
CA LEU D 76 -22.16 7.71 41.65
C LEU D 76 -21.00 8.65 41.38
N SER D 77 -20.17 8.89 42.40
CA SER D 77 -19.03 9.79 42.26
C SER D 77 -17.88 9.19 41.46
N PHE D 78 -17.88 7.87 41.24
CA PHE D 78 -16.84 7.22 40.46
C PHE D 78 -17.00 7.42 38.96
N LEU D 79 -18.14 7.94 38.51
CA LEU D 79 -18.40 8.19 37.10
C LEU D 79 -17.93 9.57 36.65
N LYS D 80 -17.30 10.34 37.54
CA LYS D 80 -16.88 11.69 37.20
C LYS D 80 -15.62 11.75 36.35
N THR D 81 -14.85 10.67 36.32
CA THR D 81 -13.55 10.66 35.63
C THR D 81 -13.64 10.21 34.18
N ILE D 82 -14.81 9.78 33.72
CA ILE D 82 -14.96 9.28 32.36
C ILE D 82 -14.94 10.45 31.39
N GLN D 83 -14.03 10.41 30.41
CA GLN D 83 -13.89 11.49 29.44
C GLN D 83 -14.10 11.04 28.00
N GLU D 84 -14.18 9.74 27.72
CA GLU D 84 -14.33 9.26 26.36
C GLU D 84 -15.08 7.94 26.37
N VAL D 85 -16.13 7.86 25.57
CA VAL D 85 -16.91 6.63 25.38
C VAL D 85 -16.90 6.29 23.90
N ALA D 86 -16.39 5.12 23.56
CA ALA D 86 -16.29 4.69 22.17
C ALA D 86 -17.55 4.00 21.67
N GLY D 87 -18.59 3.92 22.49
CA GLY D 87 -19.84 3.28 22.11
C GLY D 87 -21.03 4.15 22.46
N TYR D 88 -22.14 3.48 22.77
CA TYR D 88 -23.39 4.17 23.08
C TYR D 88 -23.53 4.35 24.58
N VAL D 89 -24.01 5.52 24.98
CA VAL D 89 -24.30 5.81 26.38
C VAL D 89 -25.77 5.50 26.63
N LEU D 90 -26.04 4.65 27.61
CA LEU D 90 -27.38 4.13 27.87
C LEU D 90 -27.68 4.29 29.36
N ILE D 91 -28.49 5.29 29.70
CA ILE D 91 -28.91 5.55 31.07
C ILE D 91 -30.36 5.14 31.19
N ALA D 92 -30.62 4.03 31.88
CA ALA D 92 -31.95 3.44 31.89
C ALA D 92 -32.33 2.94 33.28
N LEU D 93 -33.55 3.26 33.71
CA LEU D 93 -34.16 2.80 34.97
C LEU D 93 -33.30 3.19 36.18
N ASN D 94 -33.13 4.49 36.37
CA ASN D 94 -32.27 5.04 37.41
C ASN D 94 -33.07 6.05 38.22
N THR D 95 -33.49 5.65 39.41
CA THR D 95 -34.21 6.54 40.31
C THR D 95 -33.29 7.32 41.24
N VAL D 96 -31.99 7.28 40.99
CA VAL D 96 -31.05 8.10 41.75
C VAL D 96 -31.23 9.56 41.33
N GLU D 97 -30.93 10.47 42.27
CA GLU D 97 -31.23 11.89 42.03
C GLU D 97 -30.24 12.52 41.06
N ARG D 98 -28.96 12.18 41.15
CA ARG D 98 -27.92 12.88 40.39
C ARG D 98 -26.95 11.86 39.81
N ILE D 99 -26.69 11.99 38.51
CA ILE D 99 -25.66 11.20 37.84
C ILE D 99 -24.61 12.17 37.31
N PRO D 100 -23.48 12.32 38.00
CA PRO D 100 -22.44 13.30 37.57
C PRO D 100 -21.52 12.83 36.46
N LEU D 101 -22.02 12.95 35.22
CA LEU D 101 -21.18 12.74 34.04
C LEU D 101 -20.59 14.08 33.59
N GLU D 102 -19.74 14.64 34.46
CA GLU D 102 -19.30 16.02 34.32
C GLU D 102 -18.13 16.17 33.35
N ASN D 103 -17.40 15.09 33.06
CA ASN D 103 -16.20 15.19 32.22
C ASN D 103 -16.34 14.48 30.89
N LEU D 104 -17.55 14.02 30.54
CA LEU D 104 -17.78 13.32 29.28
C LEU D 104 -17.69 14.32 28.13
N GLN D 105 -16.57 14.30 27.41
CA GLN D 105 -16.31 15.27 26.36
C GLN D 105 -16.64 14.77 24.96
N ILE D 106 -16.65 13.45 24.74
CA ILE D 106 -16.86 12.90 23.41
C ILE D 106 -17.57 11.56 23.54
N ILE D 107 -18.55 11.33 22.67
CA ILE D 107 -19.21 10.04 22.52
C ILE D 107 -18.99 9.63 21.07
N ARG D 108 -18.12 8.64 20.86
CA ARG D 108 -17.80 8.21 19.50
C ARG D 108 -18.94 7.39 18.90
N GLY D 109 -19.37 6.35 19.61
CA GLY D 109 -20.49 5.55 19.15
C GLY D 109 -20.15 4.61 18.00
N ASN D 110 -19.25 3.67 18.26
CA ASN D 110 -18.89 2.69 17.23
C ASN D 110 -19.98 1.65 17.03
N MET D 111 -20.79 1.39 18.05
CA MET D 111 -21.94 0.50 17.95
C MET D 111 -23.16 1.23 18.49
N TYR D 112 -24.22 1.26 17.69
CA TYR D 112 -25.40 2.06 18.01
C TYR D 112 -26.32 1.32 18.97
N TYR D 113 -27.27 2.06 19.53
CA TYR D 113 -28.37 1.51 20.31
C TYR D 113 -29.65 1.68 19.50
N GLU D 114 -30.40 0.58 19.34
CA GLU D 114 -31.55 0.46 18.42
C GLU D 114 -31.16 0.79 16.97
N ASN D 115 -29.89 0.56 16.62
CA ASN D 115 -29.27 0.82 15.32
C ASN D 115 -29.34 2.29 14.89
N SER D 116 -29.69 3.22 15.79
CA SER D 116 -29.79 4.63 15.42
C SER D 116 -29.20 5.60 16.44
N TYR D 117 -29.05 5.23 17.71
CA TYR D 117 -28.75 6.17 18.76
C TYR D 117 -27.45 5.83 19.46
N ALA D 118 -26.89 6.83 20.16
CA ALA D 118 -25.72 6.63 21.00
C ALA D 118 -25.85 7.30 22.35
N LEU D 119 -26.94 8.04 22.60
CA LEU D 119 -27.20 8.66 23.90
C LEU D 119 -28.69 8.48 24.19
N ALA D 120 -29.01 7.49 25.02
CA ALA D 120 -30.40 7.12 25.28
C ALA D 120 -30.66 7.14 26.79
N VAL D 121 -31.49 8.07 27.23
CA VAL D 121 -31.97 8.11 28.61
C VAL D 121 -33.43 7.67 28.61
N LEU D 122 -33.70 6.56 29.29
CA LEU D 122 -34.91 5.78 29.07
C LEU D 122 -35.54 5.41 30.41
N SER D 123 -36.69 6.02 30.72
CA SER D 123 -37.64 5.57 31.76
C SER D 123 -37.00 5.57 33.15
N ASN D 124 -36.66 6.77 33.62
CA ASN D 124 -36.09 6.94 34.96
C ASN D 124 -37.18 7.48 35.88
N TYR D 125 -37.96 6.57 36.46
CA TYR D 125 -38.98 6.92 37.44
C TYR D 125 -39.30 5.69 38.28
N ASP D 126 -39.62 5.93 39.55
CA ASP D 126 -40.04 4.87 40.46
C ASP D 126 -41.56 4.72 40.43
N ALA D 127 -42.11 4.01 41.41
CA ALA D 127 -43.56 3.88 41.52
C ALA D 127 -44.23 5.18 41.96
N ASN D 128 -43.49 6.10 42.59
CA ASN D 128 -44.01 7.40 42.98
C ASN D 128 -43.66 8.50 42.00
N LYS D 129 -43.22 8.13 40.79
CA LYS D 129 -42.91 9.04 39.68
C LYS D 129 -41.82 10.05 40.03
N THR D 130 -40.86 9.65 40.87
CA THR D 130 -39.73 10.49 41.26
C THR D 130 -38.45 9.72 40.94
N GLY D 131 -37.89 9.97 39.77
CA GLY D 131 -36.69 9.28 39.34
C GLY D 131 -35.46 10.17 39.24
N LEU D 132 -34.86 10.21 38.06
CA LEU D 132 -33.68 11.04 37.84
C LEU D 132 -34.07 12.51 37.80
N LYS D 133 -33.33 13.35 38.52
CA LYS D 133 -33.61 14.77 38.63
C LYS D 133 -32.62 15.62 37.86
N GLU D 134 -31.32 15.40 38.04
CA GLU D 134 -30.28 16.21 37.42
C GLU D 134 -29.32 15.34 36.63
N LEU D 135 -28.94 15.80 35.45
CA LEU D 135 -27.94 15.13 34.62
C LEU D 135 -26.98 16.19 34.10
N PRO D 136 -25.94 16.53 34.87
CA PRO D 136 -25.04 17.65 34.49
C PRO D 136 -23.90 17.23 33.57
N MET D 137 -24.24 16.97 32.31
CA MET D 137 -23.23 16.69 31.28
C MET D 137 -22.65 18.02 30.82
N ARG D 138 -21.67 18.51 31.59
CA ARG D 138 -21.15 19.86 31.37
C ARG D 138 -20.25 19.95 30.15
N ASN D 139 -19.55 18.87 29.82
CA ASN D 139 -18.56 18.88 28.75
C ASN D 139 -19.03 18.18 27.49
N LEU D 140 -20.28 17.72 27.43
CA LEU D 140 -20.81 17.09 26.23
C LEU D 140 -21.06 18.15 25.17
N GLN D 141 -20.26 18.10 24.09
CA GLN D 141 -20.34 19.11 23.04
C GLN D 141 -20.64 18.54 21.66
N GLU D 142 -20.21 17.32 21.35
CA GLU D 142 -20.55 16.70 20.07
C GLU D 142 -20.57 15.19 20.21
N ILE D 143 -21.67 14.58 19.80
CA ILE D 143 -21.73 13.14 19.55
C ILE D 143 -21.38 12.91 18.09
N LEU D 144 -20.32 12.13 17.85
CA LEU D 144 -19.83 11.94 16.48
C LEU D 144 -20.78 11.04 15.68
N HIS D 145 -20.99 9.81 16.13
CA HIS D 145 -21.89 8.88 15.47
C HIS D 145 -22.99 8.49 16.46
N GLY D 146 -24.21 8.94 16.18
CA GLY D 146 -25.36 8.63 17.00
C GLY D 146 -26.24 9.85 17.24
N ALA D 147 -27.42 9.57 17.78
CA ALA D 147 -28.38 10.62 18.09
C ALA D 147 -28.85 10.51 19.53
N VAL D 148 -29.87 11.28 19.90
CA VAL D 148 -30.34 11.39 21.28
C VAL D 148 -31.75 10.84 21.35
N ARG D 149 -31.96 9.88 22.25
CA ARG D 149 -33.28 9.30 22.51
C ARG D 149 -33.61 9.46 23.99
N PHE D 150 -34.54 10.34 24.30
CA PHE D 150 -35.06 10.50 25.65
C PHE D 150 -36.51 10.05 25.67
N SER D 151 -36.87 9.22 26.65
CA SER D 151 -38.24 8.76 26.72
C SER D 151 -38.68 8.54 28.17
N ASN D 152 -39.84 9.10 28.51
CA ASN D 152 -40.58 8.84 29.74
C ASN D 152 -39.76 9.22 30.98
N ASN D 153 -39.38 10.49 31.04
CA ASN D 153 -38.57 11.06 32.11
C ASN D 153 -39.36 12.19 32.76
N PRO D 154 -40.20 11.90 33.76
CA PRO D 154 -41.04 12.96 34.34
C PRO D 154 -40.29 13.93 35.24
N ALA D 155 -39.36 13.43 36.05
CA ALA D 155 -38.64 14.24 37.01
C ALA D 155 -37.37 14.86 36.44
N LEU D 156 -36.98 14.50 35.23
CA LEU D 156 -35.74 15.00 34.63
C LEU D 156 -35.99 16.41 34.11
N CYS D 157 -35.58 17.41 34.89
CA CYS D 157 -35.68 18.80 34.52
C CYS D 157 -34.31 19.35 34.14
N ASN D 158 -34.33 20.56 33.58
CA ASN D 158 -33.16 21.35 33.18
C ASN D 158 -32.32 20.65 32.11
N VAL D 159 -32.92 19.71 31.38
CA VAL D 159 -32.26 19.08 30.24
C VAL D 159 -32.96 19.39 28.93
N GLU D 160 -34.28 19.60 28.96
CA GLU D 160 -35.05 19.91 27.76
C GLU D 160 -34.78 21.30 27.21
N SER D 161 -34.18 22.19 28.00
CA SER D 161 -33.81 23.51 27.53
C SER D 161 -32.50 23.51 26.76
N ILE D 162 -31.77 22.40 26.75
CA ILE D 162 -30.53 22.30 26.00
C ILE D 162 -30.83 22.17 24.52
N GLN D 163 -30.23 23.05 23.72
CA GLN D 163 -30.33 22.92 22.26
C GLN D 163 -29.41 21.80 21.80
N TRP D 164 -30.00 20.74 21.25
CA TRP D 164 -29.27 19.56 20.84
C TRP D 164 -28.72 19.64 19.43
N ARG D 165 -28.82 20.79 18.77
CA ARG D 165 -28.23 20.97 17.44
C ARG D 165 -26.71 20.97 17.52
N ASP D 166 -26.15 21.49 18.62
CA ASP D 166 -24.70 21.52 18.78
C ASP D 166 -24.13 20.11 19.02
N ILE D 167 -24.88 19.27 19.73
CA ILE D 167 -24.33 17.98 20.18
C ILE D 167 -24.51 16.89 19.13
N VAL D 168 -25.66 16.84 18.45
CA VAL D 168 -25.83 15.87 17.38
C VAL D 168 -25.05 16.34 16.15
N SER D 169 -24.65 15.39 15.31
CA SER D 169 -23.92 15.71 14.10
C SER D 169 -24.86 16.27 13.03
N SER D 170 -24.28 16.66 11.90
CA SER D 170 -25.04 17.24 10.80
C SER D 170 -25.78 16.20 9.97
N ASP D 171 -25.60 14.91 10.24
CA ASP D 171 -26.24 13.84 9.48
C ASP D 171 -27.54 13.39 10.12
N PHE D 172 -27.62 13.43 11.44
CA PHE D 172 -28.68 12.77 12.21
C PHE D 172 -29.72 13.75 12.74
N LEU D 173 -30.09 14.77 11.95
CA LEU D 173 -31.11 15.71 12.39
C LEU D 173 -32.51 15.11 12.38
N SER D 174 -32.72 14.04 11.61
CA SER D 174 -34.05 13.42 11.50
C SER D 174 -34.18 12.17 12.36
N ASN D 175 -33.08 11.46 12.62
CA ASN D 175 -33.10 10.29 13.50
C ASN D 175 -33.35 10.63 14.97
N MET D 176 -33.24 11.89 15.38
CA MET D 176 -33.45 12.24 16.77
C MET D 176 -34.93 12.21 17.14
N SER D 177 -35.19 11.93 18.41
CA SER D 177 -36.55 11.85 18.95
C SER D 177 -36.52 12.25 20.41
N MET D 178 -37.40 13.17 20.80
CA MET D 178 -37.38 13.75 22.14
C MET D 178 -38.73 13.54 22.81
N ASP D 179 -38.71 13.34 24.12
CA ASP D 179 -39.93 13.17 24.90
C ASP D 179 -39.69 13.65 26.32
N PHE D 180 -40.61 14.46 26.84
CA PHE D 180 -40.50 15.04 28.17
C PHE D 180 -41.86 15.15 28.81
N GLN D 181 -41.86 15.24 30.14
CA GLN D 181 -43.05 15.47 30.94
C GLN D 181 -42.72 16.55 31.96
N ASN D 182 -43.43 17.68 31.87
CA ASN D 182 -43.11 18.85 32.69
C ASN D 182 -44.25 19.16 33.66
N HIS D 183 -45.02 18.15 34.03
CA HIS D 183 -46.10 18.33 35.01
C HIS D 183 -45.62 18.01 36.42
N LEU D 184 -44.48 18.55 36.82
CA LEU D 184 -43.97 18.39 38.17
C LEU D 184 -43.81 19.72 38.89
N GLY D 185 -43.10 20.68 38.29
CA GLY D 185 -42.93 21.98 38.91
C GLY D 185 -42.04 22.01 40.13
N SER D 186 -41.00 21.19 40.15
CA SER D 186 -40.11 21.10 41.30
C SER D 186 -38.73 21.70 41.05
N CYS D 187 -38.38 21.97 39.79
CA CYS D 187 -37.06 22.49 39.46
C CYS D 187 -37.10 24.01 39.31
N GLN D 188 -35.96 24.59 38.94
CA GLN D 188 -35.82 26.02 38.75
C GLN D 188 -35.27 26.30 37.35
N LYS D 189 -35.16 27.58 37.02
CA LYS D 189 -34.72 28.02 35.71
C LYS D 189 -33.20 28.20 35.67
N CYS D 190 -32.69 28.62 34.52
CA CYS D 190 -31.27 28.85 34.34
C CYS D 190 -30.85 30.20 34.92
N ASP D 191 -29.55 30.43 34.95
CA ASP D 191 -28.96 31.70 35.37
C ASP D 191 -28.90 32.66 34.20
N PRO D 192 -29.27 33.94 34.38
CA PRO D 192 -29.29 34.92 33.28
C PRO D 192 -27.91 35.48 32.91
N SER D 193 -26.95 34.58 32.68
CA SER D 193 -25.62 34.97 32.20
C SER D 193 -25.10 33.99 31.15
N CYS D 194 -25.99 33.26 30.49
CA CYS D 194 -25.65 32.22 29.53
C CYS D 194 -26.48 32.40 28.27
N PRO D 195 -25.93 32.06 27.10
CA PRO D 195 -26.65 32.34 25.85
C PRO D 195 -27.86 31.43 25.65
N ASN D 196 -28.99 32.05 25.28
CA ASN D 196 -30.26 31.41 24.92
C ASN D 196 -30.87 30.60 26.07
N GLY D 197 -30.48 30.88 27.30
CA GLY D 197 -31.05 30.22 28.47
C GLY D 197 -30.78 28.73 28.56
N SER D 198 -29.59 28.29 28.18
CA SER D 198 -29.26 26.87 28.14
C SER D 198 -28.36 26.54 29.33
N CYS D 199 -28.82 25.62 30.18
CA CYS D 199 -28.03 25.15 31.31
C CYS D 199 -28.41 23.71 31.61
N TRP D 200 -27.44 22.95 32.11
CA TRP D 200 -27.69 21.53 32.40
C TRP D 200 -28.24 21.32 33.81
N GLY D 201 -27.87 22.17 34.75
CA GLY D 201 -28.31 22.03 36.13
C GLY D 201 -28.32 23.36 36.84
N ALA D 202 -28.21 23.30 38.17
CA ALA D 202 -28.26 24.48 39.02
C ALA D 202 -26.87 25.11 39.08
N GLY D 203 -26.77 26.37 38.66
CA GLY D 203 -25.50 27.08 38.71
C GLY D 203 -25.07 27.62 37.37
N GLU D 204 -24.19 28.62 37.37
CA GLU D 204 -23.68 29.19 36.13
C GLU D 204 -22.63 28.33 35.48
N GLU D 205 -22.04 27.37 36.20
CA GLU D 205 -21.06 26.46 35.64
C GLU D 205 -21.68 25.33 34.84
N ASN D 206 -23.01 25.18 34.87
CA ASN D 206 -23.70 24.09 34.20
C ASN D 206 -24.27 24.50 32.85
N CYS D 207 -23.80 25.61 32.29
CA CYS D 207 -24.32 26.10 31.02
C CYS D 207 -23.64 25.41 29.84
N GLN D 208 -24.37 25.30 28.74
CA GLN D 208 -23.86 24.67 27.53
C GLN D 208 -22.88 25.58 26.83
N LYS D 209 -21.68 25.08 26.57
CA LYS D 209 -20.69 25.84 25.79
C LYS D 209 -20.94 25.59 24.31
N LEU D 210 -21.48 26.61 23.63
CA LEU D 210 -21.84 26.45 22.23
C LEU D 210 -20.60 26.44 21.36
N THR D 211 -20.51 25.47 20.45
CA THR D 211 -19.32 25.25 19.64
C THR D 211 -19.53 25.42 18.15
N LYS D 212 -20.75 25.25 17.64
CA LYS D 212 -20.99 25.29 16.21
C LYS D 212 -21.95 26.39 15.76
N ILE D 213 -23.08 26.57 16.46
CA ILE D 213 -24.13 27.47 16.00
C ILE D 213 -23.77 28.93 16.16
N ILE D 214 -22.74 29.26 16.93
CA ILE D 214 -22.31 30.65 17.10
C ILE D 214 -21.08 30.97 16.25
N CYS D 215 -20.73 30.10 15.31
CA CYS D 215 -19.58 30.33 14.46
C CYS D 215 -19.91 31.34 13.36
N ALA D 216 -18.86 31.81 12.69
CA ALA D 216 -19.01 32.70 11.55
C ALA D 216 -19.08 31.88 10.27
N GLN D 217 -18.98 32.55 9.12
CA GLN D 217 -19.00 31.84 7.85
C GLN D 217 -17.70 31.09 7.59
N GLN D 218 -16.59 31.61 8.08
CA GLN D 218 -15.28 31.06 7.72
C GLN D 218 -14.88 29.83 8.53
N CYS D 219 -15.53 29.57 9.66
CA CYS D 219 -15.24 28.36 10.43
C CYS D 219 -15.84 27.16 9.73
N SER D 220 -14.99 26.26 9.23
CA SER D 220 -15.47 25.11 8.50
C SER D 220 -16.09 24.05 9.41
N GLY D 221 -15.55 23.89 10.62
CA GLY D 221 -16.08 22.92 11.56
C GLY D 221 -16.77 23.57 12.75
N ARG D 222 -16.08 23.60 13.89
CA ARG D 222 -16.62 24.18 15.12
C ARG D 222 -15.65 25.24 15.63
N CYS D 223 -16.15 26.07 16.54
CA CYS D 223 -15.40 27.22 17.02
C CYS D 223 -15.62 27.36 18.53
N ARG D 224 -15.12 28.45 19.09
CA ARG D 224 -15.21 28.74 20.52
C ARG D 224 -16.22 29.82 20.85
N GLY D 225 -16.17 30.97 20.18
CA GLY D 225 -17.07 32.06 20.47
C GLY D 225 -17.72 32.65 19.24
N LYS D 226 -18.41 33.78 19.42
CA LYS D 226 -19.10 34.44 18.32
C LYS D 226 -18.15 35.24 17.42
N SER D 227 -16.92 35.48 17.85
CA SER D 227 -15.95 36.17 17.03
C SER D 227 -15.48 35.27 15.89
N PRO D 228 -15.22 35.83 14.70
CA PRO D 228 -14.74 35.00 13.58
C PRO D 228 -13.31 34.53 13.71
N SER D 229 -12.55 35.00 14.71
CA SER D 229 -11.16 34.63 14.92
C SER D 229 -11.01 33.47 15.89
N ASP D 230 -11.99 32.56 15.96
CA ASP D 230 -11.95 31.44 16.88
C ASP D 230 -12.17 30.10 16.19
N CYS D 231 -11.86 30.01 14.89
CA CYS D 231 -12.08 28.77 14.15
C CYS D 231 -11.07 27.70 14.59
N CYS D 232 -11.57 26.54 14.97
CA CYS D 232 -10.73 25.45 15.44
C CYS D 232 -10.28 24.59 14.26
N HIS D 233 -9.52 23.55 14.56
CA HIS D 233 -9.07 22.59 13.57
C HIS D 233 -10.21 21.61 13.26
N ASN D 234 -10.11 20.97 12.08
CA ASN D 234 -11.16 20.04 11.65
C ASN D 234 -11.20 18.79 12.52
N GLN D 235 -10.05 18.34 12.99
CA GLN D 235 -9.98 17.14 13.82
C GLN D 235 -10.24 17.42 15.30
N CYS D 236 -10.37 18.68 15.69
CA CYS D 236 -10.85 19.01 17.03
C CYS D 236 -12.33 18.66 17.11
N ALA D 237 -12.64 17.56 17.80
CA ALA D 237 -14.02 17.08 17.85
C ALA D 237 -14.87 17.95 18.76
N ALA D 238 -14.53 18.01 20.04
CA ALA D 238 -15.31 18.81 20.98
C ALA D 238 -14.99 20.29 20.82
N GLY D 239 -13.74 20.67 21.08
CA GLY D 239 -13.33 22.05 20.97
C GLY D 239 -11.83 22.15 20.81
N CYS D 240 -11.34 23.39 20.91
CA CYS D 240 -9.91 23.65 20.78
C CYS D 240 -9.49 24.67 21.82
N THR D 241 -8.23 24.56 22.26
CA THR D 241 -7.61 25.56 23.11
C THR D 241 -6.70 26.49 22.33
N GLY D 242 -6.82 26.51 21.01
CA GLY D 242 -5.98 27.33 20.17
C GLY D 242 -6.18 26.99 18.70
N PRO D 243 -5.47 27.71 17.82
CA PRO D 243 -5.65 27.48 16.38
C PRO D 243 -4.97 26.22 15.85
N ARG D 244 -3.93 25.73 16.51
CA ARG D 244 -3.18 24.60 16.00
C ARG D 244 -3.93 23.29 16.22
N GLU D 245 -3.49 22.25 15.49
CA GLU D 245 -4.07 20.92 15.64
C GLU D 245 -3.59 20.22 16.90
N SER D 246 -2.53 20.72 17.54
CA SER D 246 -2.08 20.21 18.84
C SER D 246 -2.92 20.76 19.99
N ASP D 247 -3.82 21.70 19.73
CA ASP D 247 -4.64 22.32 20.76
C ASP D 247 -6.05 21.72 20.84
N CYS D 248 -6.28 20.60 20.18
CA CYS D 248 -7.57 19.94 20.27
C CYS D 248 -7.75 19.30 21.64
N LEU D 249 -8.99 19.32 22.14
CA LEU D 249 -9.30 18.64 23.38
C LEU D 249 -9.32 17.12 23.18
N VAL D 250 -10.17 16.65 22.27
CA VAL D 250 -10.24 15.25 21.89
C VAL D 250 -10.08 15.14 20.38
N CYS D 251 -9.66 13.96 19.94
CA CYS D 251 -9.42 13.73 18.52
C CYS D 251 -10.68 13.21 17.82
N ARG D 252 -10.78 13.53 16.54
CA ARG D 252 -11.92 13.08 15.74
C ARG D 252 -11.72 11.66 15.24
N LYS D 253 -10.68 11.43 14.43
CA LYS D 253 -10.42 10.12 13.87
C LYS D 253 -9.11 9.51 14.36
N PHE D 254 -7.97 10.16 14.08
CA PHE D 254 -6.66 9.62 14.40
C PHE D 254 -5.89 10.57 15.30
N ARG D 255 -4.75 10.12 15.79
CA ARG D 255 -3.95 10.87 16.75
C ARG D 255 -2.47 10.64 16.52
N ASP D 256 -1.74 11.72 16.20
CA ASP D 256 -0.27 11.72 16.27
C ASP D 256 0.18 12.26 17.62
N GLU D 257 -0.26 11.58 18.68
CA GLU D 257 0.37 11.50 20.00
C GLU D 257 0.41 12.81 20.80
N ALA D 258 0.24 13.95 20.13
CA ALA D 258 -0.09 15.21 20.76
C ALA D 258 -1.01 15.98 19.84
N THR D 259 -1.22 15.47 18.62
CA THR D 259 -2.08 16.14 17.66
C THR D 259 -3.18 15.20 17.20
N CYS D 260 -4.24 15.78 16.64
CA CYS D 260 -5.36 15.03 16.11
C CYS D 260 -5.35 15.12 14.60
N LYS D 261 -5.44 13.97 13.93
CA LYS D 261 -5.18 13.86 12.50
C LYS D 261 -6.31 13.14 11.78
N ASP D 262 -6.41 13.43 10.47
CA ASP D 262 -7.36 12.72 9.63
C ASP D 262 -6.82 11.36 9.22
N THR D 263 -5.61 11.35 8.65
CA THR D 263 -4.93 10.12 8.25
C THR D 263 -3.55 10.06 8.89
N CYS D 264 -3.12 8.85 9.24
CA CYS D 264 -1.76 8.67 9.74
C CYS D 264 -0.76 8.85 8.59
N PRO D 265 0.44 9.33 8.88
CA PRO D 265 1.47 9.42 7.83
C PRO D 265 1.95 8.04 7.41
N PRO D 266 1.82 7.70 6.13
CA PRO D 266 2.16 6.35 5.67
C PRO D 266 3.67 6.16 5.55
N LEU D 267 4.05 4.94 5.19
CA LEU D 267 5.47 4.60 5.05
C LEU D 267 6.07 5.19 3.78
N MET D 268 5.29 5.30 2.71
CA MET D 268 5.78 5.76 1.41
C MET D 268 4.96 6.97 0.98
N LEU D 269 5.67 8.08 0.70
CA LEU D 269 5.04 9.28 0.19
C LEU D 269 5.31 9.42 -1.30
N TYR D 270 4.33 9.92 -2.03
CA TYR D 270 4.44 10.04 -3.48
C TYR D 270 5.32 11.23 -3.86
N ASN D 271 6.12 11.05 -4.90
CA ASN D 271 7.01 12.09 -5.39
C ASN D 271 6.40 12.71 -6.65
N PRO D 272 6.02 13.99 -6.63
CA PRO D 272 5.46 14.61 -7.84
C PRO D 272 6.50 14.94 -8.90
N THR D 273 7.80 14.85 -8.59
CA THR D 273 8.85 15.21 -9.53
C THR D 273 9.33 14.01 -10.35
N THR D 274 9.84 12.99 -9.67
CA THR D 274 10.41 11.83 -10.34
C THR D 274 9.41 10.70 -10.55
N TYR D 275 8.13 10.92 -10.18
CA TYR D 275 7.04 9.93 -10.29
C TYR D 275 7.39 8.63 -9.55
N GLN D 276 7.78 8.76 -8.29
CA GLN D 276 8.23 7.61 -7.51
C GLN D 276 7.52 7.54 -6.16
N MET D 277 7.96 6.61 -5.31
CA MET D 277 7.43 6.44 -3.96
C MET D 277 8.62 6.46 -3.00
N ASP D 278 8.82 7.58 -2.31
CA ASP D 278 9.95 7.75 -1.41
C ASP D 278 9.60 7.27 -0.01
N VAL D 279 10.63 6.85 0.73
CA VAL D 279 10.46 6.34 2.08
C VAL D 279 10.26 7.51 3.03
N ASN D 280 9.17 7.48 3.79
CA ASN D 280 8.89 8.54 4.75
C ASN D 280 9.61 8.24 6.05
N PRO D 281 10.45 9.15 6.56
CA PRO D 281 11.06 8.95 7.89
C PRO D 281 10.05 9.04 9.03
N GLU D 282 8.92 9.72 8.82
CA GLU D 282 7.89 9.87 9.84
C GLU D 282 6.70 8.95 9.58
N GLY D 283 6.95 7.74 9.09
CA GLY D 283 5.89 6.81 8.80
C GLY D 283 5.31 6.20 10.07
N LYS D 284 4.02 6.45 10.32
CA LYS D 284 3.35 5.97 11.51
C LYS D 284 2.33 4.91 11.14
N TYR D 285 2.34 3.80 11.87
CA TYR D 285 1.40 2.71 11.64
C TYR D 285 0.09 2.97 12.35
N SER D 286 -1.01 2.91 11.61
CA SER D 286 -2.34 3.19 12.14
C SER D 286 -2.81 2.01 13.00
N PHE D 287 -3.03 2.28 14.29
CA PHE D 287 -3.55 1.28 15.23
C PHE D 287 -4.71 1.93 15.97
N GLY D 288 -5.94 1.54 15.60
CA GLY D 288 -7.12 2.07 16.24
C GLY D 288 -7.30 3.54 15.93
N ALA D 289 -7.48 4.34 16.98
CA ALA D 289 -7.53 5.79 16.87
C ALA D 289 -6.16 6.43 17.06
N THR D 290 -5.10 5.62 17.08
CA THR D 290 -3.74 6.12 17.29
C THR D 290 -2.89 5.84 16.07
N CYS D 291 -1.76 6.53 15.97
CA CYS D 291 -0.78 6.29 14.94
C CYS D 291 0.52 5.95 15.66
N VAL D 292 0.70 4.67 15.98
CA VAL D 292 1.83 4.21 16.78
C VAL D 292 3.07 4.12 15.90
N LYS D 293 4.25 4.01 16.53
CA LYS D 293 5.49 3.95 15.76
C LYS D 293 5.71 2.59 15.13
N LYS D 294 5.20 1.52 15.74
CA LYS D 294 5.32 0.19 15.19
C LYS D 294 4.16 -0.66 15.69
N CYS D 295 3.77 -1.64 14.87
CA CYS D 295 2.71 -2.56 15.27
C CYS D 295 3.20 -3.50 16.36
N PRO D 296 2.29 -4.00 17.21
CA PRO D 296 2.68 -5.01 18.20
C PRO D 296 2.93 -6.39 17.59
N ARG D 297 3.17 -7.38 18.45
CA ARG D 297 3.67 -8.67 17.99
C ARG D 297 2.60 -9.47 17.27
N ASN D 298 1.40 -9.56 17.83
CA ASN D 298 0.37 -10.44 17.31
C ASN D 298 -0.53 -9.78 16.27
N TYR D 299 -0.17 -8.60 15.76
CA TYR D 299 -0.95 -7.94 14.73
C TYR D 299 -0.26 -8.11 13.37
N VAL D 300 -0.87 -7.55 12.34
CA VAL D 300 -0.42 -7.72 10.97
C VAL D 300 -0.04 -6.35 10.40
N VAL D 301 1.19 -6.25 9.90
CA VAL D 301 1.65 -5.05 9.20
C VAL D 301 1.29 -5.19 7.73
N THR D 302 0.64 -4.18 7.18
CA THR D 302 0.30 -4.15 5.76
C THR D 302 1.30 -3.28 5.00
N ASP D 303 1.16 -3.29 3.66
CA ASP D 303 2.00 -2.46 2.83
C ASP D 303 1.61 -0.99 2.89
N HIS D 304 0.37 -0.69 3.29
CA HIS D 304 -0.07 0.69 3.44
C HIS D 304 0.37 1.31 4.75
N GLY D 305 0.88 0.53 5.70
CA GLY D 305 1.31 1.05 6.97
C GLY D 305 0.22 1.03 8.01
N SER D 306 -0.37 -0.15 8.24
CA SER D 306 -1.48 -0.28 9.16
C SER D 306 -1.28 -1.51 10.05
N CYS D 307 -1.94 -1.49 11.20
CA CYS D 307 -1.93 -2.60 12.15
C CYS D 307 -3.33 -3.21 12.13
N VAL D 308 -3.49 -4.32 11.42
CA VAL D 308 -4.81 -4.91 11.19
C VAL D 308 -4.88 -6.28 11.85
N ARG D 309 -6.10 -6.83 11.90
CA ARG D 309 -6.35 -8.17 12.39
C ARG D 309 -6.45 -9.20 11.28
N ALA D 310 -6.88 -8.79 10.09
CA ALA D 310 -7.03 -9.71 8.96
C ALA D 310 -6.89 -8.93 7.67
N CYS D 311 -6.28 -9.56 6.67
CA CYS D 311 -6.08 -8.93 5.36
C CYS D 311 -7.27 -9.28 4.46
N GLY D 312 -7.14 -8.99 3.16
CA GLY D 312 -8.21 -9.21 2.22
C GLY D 312 -8.41 -10.66 1.87
N ALA D 313 -9.44 -10.90 1.06
CA ALA D 313 -9.81 -12.27 0.66
C ALA D 313 -8.85 -12.85 -0.36
N ASP D 314 -8.14 -12.01 -1.12
CA ASP D 314 -7.20 -12.47 -2.12
C ASP D 314 -5.79 -12.69 -1.58
N SER D 315 -5.59 -12.54 -0.27
CA SER D 315 -4.27 -12.61 0.32
C SER D 315 -4.32 -13.50 1.58
N TYR D 316 -3.14 -13.81 2.10
CA TYR D 316 -2.99 -14.62 3.30
C TYR D 316 -1.79 -14.12 4.09
N GLU D 317 -1.87 -14.31 5.41
CA GLU D 317 -0.80 -13.93 6.32
C GLU D 317 0.34 -14.93 6.23
N MET D 318 1.50 -14.48 5.74
CA MET D 318 2.63 -15.36 5.44
C MET D 318 3.60 -15.38 6.62
N GLU D 319 4.79 -15.94 6.39
CA GLU D 319 5.72 -16.28 7.46
C GLU D 319 6.33 -15.03 8.11
N GLU D 320 6.43 -15.08 9.44
CA GLU D 320 6.89 -13.92 10.20
C GLU D 320 8.39 -13.69 10.01
N ASP D 321 8.75 -12.48 9.59
CA ASP D 321 10.14 -12.03 9.54
C ASP D 321 10.41 -11.01 10.63
N GLY D 322 9.78 -11.20 11.79
CA GLY D 322 9.79 -10.24 12.86
C GLY D 322 8.41 -9.63 13.06
N VAL D 323 7.75 -9.32 11.94
CA VAL D 323 6.37 -8.84 11.92
C VAL D 323 5.57 -9.73 10.98
N ARG D 324 4.27 -9.51 10.94
CA ARG D 324 3.36 -10.31 10.14
C ARG D 324 2.90 -9.50 8.93
N LYS D 325 3.16 -10.01 7.74
CA LYS D 325 2.74 -9.39 6.49
C LYS D 325 1.65 -10.23 5.83
N CYS D 326 1.26 -9.82 4.63
CA CYS D 326 0.28 -10.55 3.83
C CYS D 326 0.71 -10.56 2.37
N LYS D 327 0.61 -11.75 1.75
CA LYS D 327 0.96 -11.92 0.35
C LYS D 327 -0.17 -12.65 -0.37
N LYS D 328 -0.21 -12.50 -1.69
CA LYS D 328 -1.29 -13.06 -2.49
C LYS D 328 -1.15 -14.56 -2.65
N CYS D 329 -2.28 -15.25 -2.78
CA CYS D 329 -2.32 -16.68 -2.98
C CYS D 329 -2.59 -16.99 -4.45
N GLU D 330 -2.37 -18.26 -4.82
CA GLU D 330 -2.66 -18.72 -6.17
C GLU D 330 -4.10 -19.22 -6.23
N GLY D 331 -4.81 -18.80 -7.29
CA GLY D 331 -6.21 -19.10 -7.45
C GLY D 331 -7.06 -18.50 -6.34
N PRO D 332 -7.96 -19.29 -5.77
CA PRO D 332 -8.60 -18.90 -4.52
C PRO D 332 -7.72 -19.24 -3.33
N CYS D 333 -7.90 -18.48 -2.25
CA CYS D 333 -7.14 -18.71 -1.03
C CYS D 333 -7.81 -19.80 -0.20
N ARG D 334 -7.31 -20.01 1.02
CA ARG D 334 -7.90 -20.98 1.94
C ARG D 334 -9.23 -20.45 2.46
N LYS D 335 -10.18 -21.37 2.68
CA LYS D 335 -11.48 -21.02 3.24
C LYS D 335 -11.29 -20.65 4.70
N VAL D 336 -11.17 -19.35 4.97
CA VAL D 336 -10.88 -18.84 6.30
C VAL D 336 -12.17 -18.85 7.12
N CYS D 337 -12.14 -19.55 8.25
CA CYS D 337 -13.32 -19.65 9.11
C CYS D 337 -13.45 -18.38 9.95
N ASN D 338 -14.58 -17.68 9.79
CA ASN D 338 -14.86 -16.51 10.59
C ASN D 338 -15.28 -16.92 12.00
N GLY D 339 -14.67 -16.31 13.01
CA GLY D 339 -14.94 -16.65 14.38
C GLY D 339 -16.24 -16.06 14.88
N ILE D 340 -16.51 -16.32 16.16
CA ILE D 340 -17.74 -15.85 16.80
C ILE D 340 -17.55 -14.39 17.17
N GLY D 341 -18.34 -13.51 16.55
CA GLY D 341 -18.30 -12.10 16.83
C GLY D 341 -17.65 -11.23 15.76
N ILE D 342 -17.32 -11.79 14.61
CA ILE D 342 -16.68 -11.02 13.53
C ILE D 342 -17.04 -11.70 12.21
N GLY D 343 -17.19 -10.89 11.17
CA GLY D 343 -17.45 -11.43 9.84
C GLY D 343 -18.91 -11.82 9.69
N GLU D 344 -19.14 -13.00 9.10
CA GLU D 344 -20.49 -13.51 8.91
C GLU D 344 -21.13 -14.00 10.19
N PHE D 345 -20.33 -14.24 11.23
CA PHE D 345 -20.81 -14.75 12.51
C PHE D 345 -20.71 -13.67 13.58
N LYS D 346 -20.99 -12.41 13.20
CA LYS D 346 -20.83 -11.29 14.11
C LYS D 346 -21.91 -11.26 15.17
N ASP D 347 -23.16 -11.50 14.77
CA ASP D 347 -24.27 -11.49 15.71
C ASP D 347 -24.44 -12.80 16.46
N SER D 348 -23.60 -13.80 16.19
CA SER D 348 -23.67 -15.06 16.90
C SER D 348 -23.04 -14.93 18.28
N LEU D 349 -23.25 -15.95 19.12
CA LEU D 349 -22.75 -15.95 20.48
C LEU D 349 -22.07 -17.25 20.88
N SER D 350 -22.22 -18.34 20.12
CA SER D 350 -21.63 -19.61 20.49
C SER D 350 -21.50 -20.48 19.24
N ILE D 351 -20.63 -21.49 19.33
CA ILE D 351 -20.55 -22.52 18.31
C ILE D 351 -21.73 -23.45 18.51
N ASN D 352 -22.65 -23.46 17.56
CA ASN D 352 -23.91 -24.18 17.71
C ASN D 352 -24.02 -25.22 16.59
N ALA D 353 -25.21 -25.82 16.45
CA ALA D 353 -25.41 -26.87 15.47
C ALA D 353 -25.43 -26.38 14.02
N THR D 354 -25.49 -25.07 13.79
CA THR D 354 -25.54 -24.53 12.44
C THR D 354 -24.15 -24.15 11.92
N ASN D 355 -23.39 -23.39 12.71
CA ASN D 355 -22.11 -22.88 12.24
C ASN D 355 -20.98 -23.90 12.27
N ILE D 356 -21.15 -25.02 12.98
CA ILE D 356 -20.09 -26.03 13.09
C ILE D 356 -19.80 -26.72 11.76
N LYS D 357 -20.74 -26.70 10.82
CA LYS D 357 -20.47 -27.22 9.48
C LYS D 357 -19.56 -26.30 8.67
N HIS D 358 -19.38 -25.04 9.11
CA HIS D 358 -18.49 -24.12 8.44
C HIS D 358 -17.04 -24.25 8.90
N PHE D 359 -16.78 -24.99 9.98
CA PHE D 359 -15.43 -25.18 10.53
C PHE D 359 -14.82 -26.50 10.08
N LYS D 360 -15.08 -26.91 8.84
CA LYS D 360 -14.72 -28.26 8.40
C LYS D 360 -13.23 -28.41 8.15
N ASN D 361 -12.67 -27.64 7.21
CA ASN D 361 -11.32 -27.86 6.72
C ASN D 361 -10.51 -26.57 6.75
N CYS D 362 -10.53 -25.88 7.89
CA CYS D 362 -9.70 -24.69 8.09
C CYS D 362 -8.79 -24.90 9.29
N THR D 363 -7.56 -24.38 9.18
CA THR D 363 -6.56 -24.53 10.23
C THR D 363 -6.25 -23.21 10.94
N SER D 364 -6.86 -22.11 10.51
CA SER D 364 -6.63 -20.80 11.13
C SER D 364 -7.97 -20.13 11.36
N ILE D 365 -8.31 -19.92 12.63
CA ILE D 365 -9.57 -19.30 13.00
C ILE D 365 -9.35 -17.80 13.10
N SER D 366 -10.04 -17.04 12.25
CA SER D 366 -9.95 -15.58 12.27
C SER D 366 -11.01 -14.98 13.19
N GLY D 367 -10.91 -15.34 14.46
CA GLY D 367 -11.86 -14.88 15.45
C GLY D 367 -11.91 -15.76 16.69
N ASP D 368 -13.10 -15.93 17.24
CA ASP D 368 -13.29 -16.62 18.51
C ASP D 368 -13.88 -18.01 18.30
N LEU D 369 -13.70 -18.86 19.31
CA LEU D 369 -14.32 -20.19 19.36
C LEU D 369 -14.97 -20.34 20.73
N HIS D 370 -16.23 -19.89 20.83
CA HIS D 370 -16.95 -19.90 22.08
C HIS D 370 -17.70 -21.22 22.23
N ILE D 371 -17.55 -21.87 23.38
CA ILE D 371 -18.29 -23.08 23.70
C ILE D 371 -19.17 -22.78 24.90
N LEU D 372 -20.48 -22.74 24.68
CA LEU D 372 -21.46 -22.36 25.68
C LEU D 372 -22.39 -23.52 26.02
N PRO D 373 -23.04 -23.49 27.19
CA PRO D 373 -24.06 -24.51 27.48
C PRO D 373 -25.32 -24.42 26.61
N VAL D 374 -25.52 -23.32 25.86
CA VAL D 374 -26.68 -23.21 25.01
C VAL D 374 -26.59 -24.16 23.81
N ALA D 375 -25.39 -24.60 23.45
CA ALA D 375 -25.25 -25.56 22.36
C ALA D 375 -25.61 -26.97 22.80
N PHE D 376 -25.36 -27.32 24.06
CA PHE D 376 -25.58 -28.68 24.55
C PHE D 376 -26.89 -28.86 25.31
N ARG D 377 -27.50 -27.77 25.79
CA ARG D 377 -28.77 -27.89 26.50
C ARG D 377 -29.98 -27.74 25.59
N GLY D 378 -29.84 -27.01 24.50
CA GLY D 378 -30.96 -26.76 23.60
C GLY D 378 -31.56 -25.38 23.82
N ASP D 379 -32.22 -24.89 22.77
CA ASP D 379 -32.80 -23.54 22.80
C ASP D 379 -33.96 -23.48 21.83
N SER D 380 -35.14 -23.15 22.33
CA SER D 380 -36.35 -23.08 21.52
C SER D 380 -36.59 -21.71 20.90
N PHE D 381 -35.75 -20.73 21.19
CA PHE D 381 -35.89 -19.41 20.57
C PHE D 381 -35.51 -19.44 19.09
N THR D 382 -34.63 -20.36 18.69
CA THR D 382 -34.22 -20.52 17.31
C THR D 382 -34.69 -21.85 16.72
N HIS D 383 -35.09 -22.80 17.60
CA HIS D 383 -35.54 -24.16 17.24
C HIS D 383 -34.47 -24.91 16.47
N THR D 384 -33.35 -25.16 17.16
CA THR D 384 -32.20 -25.87 16.66
C THR D 384 -31.95 -27.12 17.50
N PRO D 385 -31.47 -28.21 16.90
CA PRO D 385 -31.12 -29.39 17.70
C PRO D 385 -29.85 -29.13 18.48
N PRO D 386 -29.67 -29.81 19.61
CA PRO D 386 -28.47 -29.57 20.43
C PRO D 386 -27.21 -30.15 19.80
N LEU D 387 -26.08 -29.63 20.25
CA LEU D 387 -24.79 -30.04 19.70
C LEU D 387 -24.37 -31.39 20.26
N ASP D 388 -23.79 -32.22 19.40
CA ASP D 388 -23.33 -33.58 19.63
C ASP D 388 -21.85 -33.59 20.03
N PRO D 389 -21.47 -34.42 21.01
CA PRO D 389 -20.07 -34.45 21.44
C PRO D 389 -19.12 -35.02 20.41
N GLN D 390 -19.56 -35.99 19.60
CA GLN D 390 -18.71 -36.54 18.54
C GLN D 390 -18.56 -35.53 17.40
N GLU D 391 -19.51 -34.60 17.27
CA GLU D 391 -19.48 -33.61 16.21
C GLU D 391 -18.36 -32.58 16.41
N LEU D 392 -17.89 -32.41 17.65
CA LEU D 392 -16.76 -31.52 17.96
C LEU D 392 -15.45 -31.99 17.34
N ASP D 393 -15.38 -33.22 16.83
CA ASP D 393 -14.23 -33.68 16.07
C ASP D 393 -14.08 -32.96 14.73
N ILE D 394 -15.12 -32.25 14.28
CA ILE D 394 -14.96 -31.31 13.16
C ILE D 394 -13.95 -30.22 13.53
N LEU D 395 -13.87 -29.87 14.81
CA LEU D 395 -12.85 -28.95 15.31
C LEU D 395 -11.51 -29.64 15.62
N LYS D 396 -11.23 -30.85 15.08
CA LYS D 396 -9.90 -31.43 15.27
C LYS D 396 -8.82 -30.65 14.51
N THR D 397 -9.17 -30.04 13.38
CA THR D 397 -8.19 -29.41 12.51
C THR D 397 -7.89 -27.96 12.88
N VAL D 398 -8.33 -27.49 14.04
CA VAL D 398 -8.06 -26.13 14.48
C VAL D 398 -6.62 -26.06 14.97
N LYS D 399 -5.83 -25.14 14.40
CA LYS D 399 -4.43 -24.99 14.74
C LYS D 399 -4.03 -23.59 15.18
N GLU D 400 -4.88 -22.58 14.95
CA GLU D 400 -4.53 -21.21 15.29
C GLU D 400 -5.79 -20.42 15.57
N ILE D 401 -5.79 -19.67 16.67
CA ILE D 401 -6.89 -18.80 17.05
C ILE D 401 -6.36 -17.38 17.17
N THR D 402 -6.89 -16.48 16.32
CA THR D 402 -6.48 -15.09 16.40
C THR D 402 -7.17 -14.35 17.53
N GLY D 403 -8.38 -14.76 17.89
CA GLY D 403 -9.11 -14.18 18.99
C GLY D 403 -8.86 -14.86 20.31
N PHE D 404 -9.86 -14.86 21.18
CA PHE D 404 -9.76 -15.47 22.49
C PHE D 404 -10.60 -16.74 22.56
N LEU D 405 -10.16 -17.67 23.39
CA LEU D 405 -10.81 -18.98 23.52
C LEU D 405 -11.59 -19.00 24.84
N LEU D 406 -12.85 -19.39 24.75
CA LEU D 406 -13.77 -19.41 25.88
C LEU D 406 -14.45 -20.79 25.94
N ILE D 407 -13.86 -21.70 26.69
CA ILE D 407 -14.43 -23.02 26.93
C ILE D 407 -15.15 -22.98 28.27
N GLN D 408 -16.45 -23.24 28.24
CA GLN D 408 -17.33 -22.98 29.38
C GLN D 408 -18.21 -24.19 29.68
N ALA D 409 -18.47 -25.01 28.66
CA ALA D 409 -19.33 -26.18 28.80
C ALA D 409 -18.65 -27.40 28.21
N TRP D 410 -18.94 -28.57 28.81
CA TRP D 410 -18.40 -29.83 28.35
C TRP D 410 -19.30 -30.97 28.83
N PRO D 411 -19.62 -31.93 27.97
CA PRO D 411 -20.48 -33.04 28.39
C PRO D 411 -19.77 -33.97 29.36
N GLU D 412 -20.57 -34.71 30.13
CA GLU D 412 -20.02 -35.58 31.17
C GLU D 412 -19.48 -36.91 30.65
N ASN D 413 -19.45 -37.12 29.33
CA ASN D 413 -18.92 -38.37 28.79
C ASN D 413 -17.39 -38.32 28.69
N ARG D 414 -16.86 -37.39 27.91
CA ARG D 414 -15.42 -37.29 27.72
C ARG D 414 -14.79 -36.46 28.82
N THR D 415 -13.57 -36.83 29.20
CA THR D 415 -12.86 -36.20 30.30
C THR D 415 -11.59 -35.48 29.85
N ASP D 416 -11.48 -35.15 28.57
CA ASP D 416 -10.29 -34.48 28.06
C ASP D 416 -10.69 -33.64 26.85
N LEU D 417 -10.07 -32.47 26.72
CA LEU D 417 -10.32 -31.57 25.60
C LEU D 417 -9.56 -32.11 24.38
N HIS D 418 -10.18 -33.10 23.73
CA HIS D 418 -9.57 -33.78 22.60
C HIS D 418 -9.74 -33.02 21.29
N ALA D 419 -10.58 -31.99 21.25
CA ALA D 419 -10.76 -31.23 20.03
C ALA D 419 -9.57 -30.31 19.76
N PHE D 420 -9.04 -29.69 20.80
CA PHE D 420 -7.91 -28.77 20.67
C PHE D 420 -6.60 -29.51 20.93
N GLU D 421 -6.37 -30.57 20.15
CA GLU D 421 -5.13 -31.33 20.24
C GLU D 421 -4.06 -30.85 19.27
N ASN D 422 -4.43 -30.04 18.28
CA ASN D 422 -3.48 -29.50 17.31
C ASN D 422 -3.38 -27.99 17.37
N LEU D 423 -3.98 -27.35 18.38
CA LEU D 423 -3.90 -25.91 18.54
C LEU D 423 -2.49 -25.50 18.97
N GLU D 424 -1.88 -24.58 18.23
CA GLU D 424 -0.49 -24.22 18.43
C GLU D 424 -0.32 -22.83 19.02
N ILE D 425 -0.83 -21.80 18.36
CA ILE D 425 -0.59 -20.41 18.74
C ILE D 425 -1.93 -19.72 18.90
N ILE D 426 -2.18 -19.16 20.09
CA ILE D 426 -3.34 -18.30 20.34
C ILE D 426 -2.84 -16.87 20.32
N ARG D 427 -3.27 -16.11 19.31
CA ARG D 427 -2.79 -14.74 19.17
C ARG D 427 -3.47 -13.81 20.18
N GLY D 428 -4.79 -13.87 20.28
CA GLY D 428 -5.52 -13.02 21.20
C GLY D 428 -5.63 -11.59 20.73
N ARG D 429 -6.01 -11.40 19.46
CA ARG D 429 -6.15 -10.06 18.92
C ARG D 429 -7.39 -9.36 19.45
N THR D 430 -8.42 -10.11 19.83
CA THR D 430 -9.52 -9.60 20.64
C THR D 430 -9.54 -10.35 21.96
N LYS D 431 -10.03 -9.69 23.00
CA LYS D 431 -9.97 -10.22 24.36
C LYS D 431 -11.30 -10.03 25.06
N GLN D 432 -11.64 -11.00 25.91
CA GLN D 432 -12.76 -10.83 26.83
C GLN D 432 -12.31 -9.96 27.99
N HIS D 433 -13.05 -8.86 28.23
CA HIS D 433 -12.78 -7.82 29.23
C HIS D 433 -11.45 -7.10 29.02
N GLY D 434 -10.80 -7.27 27.86
CA GLY D 434 -9.51 -6.66 27.59
C GLY D 434 -8.37 -7.17 28.45
N GLN D 435 -8.54 -8.29 29.15
CA GLN D 435 -7.54 -8.76 30.09
C GLN D 435 -7.23 -10.24 29.86
N PHE D 436 -8.23 -11.00 29.41
CA PHE D 436 -8.14 -12.44 29.33
C PHE D 436 -8.28 -12.91 27.89
N SER D 437 -7.52 -13.95 27.55
CA SER D 437 -7.57 -14.52 26.20
C SER D 437 -7.76 -16.04 26.18
N LEU D 438 -7.54 -16.72 27.30
CA LEU D 438 -7.72 -18.16 27.37
C LEU D 438 -8.48 -18.49 28.64
N ALA D 439 -9.76 -18.82 28.51
CA ALA D 439 -10.61 -19.12 29.66
C ALA D 439 -11.11 -20.55 29.53
N VAL D 440 -10.77 -21.39 30.50
CA VAL D 440 -11.24 -22.77 30.57
C VAL D 440 -11.90 -22.91 31.94
N VAL D 441 -13.22 -22.72 31.99
CA VAL D 441 -13.93 -22.60 33.26
C VAL D 441 -15.13 -23.53 33.29
N SER D 442 -15.42 -24.06 34.49
CA SER D 442 -16.66 -24.73 34.85
C SER D 442 -16.91 -25.98 34.00
N LEU D 443 -15.99 -26.94 34.11
CA LEU D 443 -16.05 -28.14 33.30
C LEU D 443 -16.05 -29.38 34.19
N ASN D 444 -16.41 -30.50 33.57
CA ASN D 444 -16.30 -31.82 34.20
C ASN D 444 -15.13 -32.61 33.62
N ILE D 445 -14.14 -31.91 33.06
CA ILE D 445 -12.98 -32.58 32.49
C ILE D 445 -12.07 -33.10 33.60
N THR D 446 -11.22 -34.07 33.25
CA THR D 446 -10.18 -34.51 34.16
C THR D 446 -8.89 -33.73 33.90
N SER D 447 -8.36 -33.82 32.68
CA SER D 447 -7.13 -33.13 32.31
C SER D 447 -7.43 -32.13 31.20
N LEU D 448 -6.43 -31.29 30.91
CA LEU D 448 -6.56 -30.28 29.87
C LEU D 448 -6.23 -30.84 28.48
N GLY D 449 -5.06 -31.46 28.34
CA GLY D 449 -4.68 -32.04 27.07
C GLY D 449 -4.19 -31.08 26.03
N LEU D 450 -3.81 -29.86 26.43
CA LEU D 450 -3.25 -28.87 25.50
C LEU D 450 -1.76 -29.11 25.37
N ARG D 451 -1.41 -30.16 24.62
CA ARG D 451 -0.03 -30.60 24.47
C ARG D 451 0.71 -29.89 23.34
N SER D 452 0.02 -29.11 22.52
CA SER D 452 0.65 -28.41 21.40
C SER D 452 0.63 -26.90 21.56
N LEU D 453 0.14 -26.38 22.68
CA LEU D 453 0.08 -24.94 22.91
C LEU D 453 1.49 -24.40 23.17
N LYS D 454 2.00 -23.60 22.23
CA LYS D 454 3.37 -23.13 22.29
C LYS D 454 3.52 -21.63 22.50
N GLU D 455 2.50 -20.83 22.20
CA GLU D 455 2.63 -19.39 22.30
C GLU D 455 1.27 -18.75 22.58
N ILE D 456 1.22 -17.92 23.61
CA ILE D 456 0.05 -17.08 23.92
C ILE D 456 0.55 -15.65 23.91
N SER D 457 0.17 -14.89 22.88
CA SER D 457 0.75 -13.58 22.65
C SER D 457 0.03 -12.44 23.36
N ASP D 458 -1.14 -12.69 23.93
CA ASP D 458 -1.90 -11.62 24.57
C ASP D 458 -2.81 -12.23 25.62
N GLY D 459 -3.22 -11.40 26.57
CA GLY D 459 -4.25 -11.76 27.52
C GLY D 459 -3.75 -12.65 28.65
N ASP D 460 -4.54 -12.68 29.72
CA ASP D 460 -4.26 -13.56 30.84
C ASP D 460 -4.97 -14.89 30.65
N VAL D 461 -4.50 -15.90 31.38
CA VAL D 461 -5.04 -17.25 31.31
C VAL D 461 -5.61 -17.59 32.68
N ILE D 462 -6.92 -17.83 32.74
CA ILE D 462 -7.60 -18.20 33.97
C ILE D 462 -8.18 -19.61 33.80
N ILE D 463 -7.90 -20.48 34.77
CA ILE D 463 -8.46 -21.82 34.84
C ILE D 463 -8.97 -21.97 36.28
N SER D 464 -10.27 -21.79 36.47
CA SER D 464 -10.84 -21.83 37.82
C SER D 464 -12.29 -22.26 37.72
N GLY D 465 -12.90 -22.45 38.89
CA GLY D 465 -14.28 -22.89 38.95
C GLY D 465 -14.50 -24.33 38.53
N ASN D 466 -13.47 -25.17 38.61
CA ASN D 466 -13.55 -26.54 38.17
C ASN D 466 -13.63 -27.48 39.37
N LYS D 467 -13.76 -28.77 39.08
CA LYS D 467 -13.99 -29.78 40.11
C LYS D 467 -12.86 -30.79 40.22
N ASN D 468 -12.40 -31.35 39.11
CA ASN D 468 -11.44 -32.46 39.11
C ASN D 468 -10.23 -32.11 38.26
N LEU D 469 -9.67 -30.93 38.51
CA LEU D 469 -8.57 -30.41 37.68
C LEU D 469 -7.65 -29.58 38.58
N CYS D 470 -6.58 -30.21 39.09
CA CYS D 470 -5.57 -29.44 39.81
C CYS D 470 -4.48 -29.00 38.82
N TYR D 471 -3.71 -29.97 38.32
CA TYR D 471 -3.00 -30.00 37.02
C TYR D 471 -2.32 -28.73 36.53
N ALA D 472 -1.87 -27.85 37.43
CA ALA D 472 -1.36 -26.56 36.96
C ALA D 472 -0.09 -26.07 37.65
N ASN D 473 0.40 -26.73 38.69
CA ASN D 473 1.50 -26.17 39.48
C ASN D 473 2.86 -26.27 38.79
N THR D 474 2.98 -27.04 37.71
CA THR D 474 4.25 -27.20 37.02
C THR D 474 4.38 -26.35 35.78
N ILE D 475 3.27 -25.90 35.20
CA ILE D 475 3.27 -25.18 33.92
C ILE D 475 3.88 -23.80 34.14
N ASN D 476 5.03 -23.55 33.51
CA ASN D 476 5.67 -22.24 33.51
C ASN D 476 4.98 -21.40 32.45
N TRP D 477 4.06 -20.54 32.88
CA TRP D 477 3.29 -19.74 31.94
C TRP D 477 4.09 -18.59 31.35
N LYS D 478 5.23 -18.23 31.95
CA LYS D 478 6.02 -17.12 31.43
C LYS D 478 6.74 -17.49 30.15
N LYS D 479 7.01 -18.77 29.93
CA LYS D 479 7.60 -19.22 28.68
C LYS D 479 6.58 -19.21 27.54
N LEU D 480 5.29 -19.33 27.86
CA LEU D 480 4.24 -19.28 26.85
C LEU D 480 3.74 -17.87 26.58
N PHE D 481 3.91 -16.95 27.52
CA PHE D 481 3.43 -15.58 27.37
C PHE D 481 4.37 -14.83 26.44
N GLY D 482 3.84 -14.38 25.30
CA GLY D 482 4.61 -13.60 24.35
C GLY D 482 4.63 -12.11 24.62
N THR D 483 3.91 -11.65 25.64
CA THR D 483 3.86 -10.23 25.98
C THR D 483 4.01 -10.10 27.50
N SER D 484 4.92 -9.24 27.92
CA SER D 484 5.18 -9.06 29.34
C SER D 484 4.04 -8.30 30.01
N GLY D 485 3.97 -8.43 31.33
CA GLY D 485 2.90 -7.79 32.10
C GLY D 485 1.62 -8.59 32.14
N GLN D 486 1.71 -9.91 32.32
CA GLN D 486 0.55 -10.77 32.35
C GLN D 486 0.58 -11.63 33.60
N LYS D 487 -0.60 -12.08 34.03
CA LYS D 487 -0.74 -12.85 35.26
C LYS D 487 -1.72 -13.99 35.01
N THR D 488 -2.05 -14.73 36.07
CA THR D 488 -2.99 -15.83 36.00
C THR D 488 -3.79 -15.89 37.29
N LYS D 489 -4.93 -16.57 37.23
CA LYS D 489 -5.81 -16.74 38.39
C LYS D 489 -6.27 -18.19 38.49
N ILE D 490 -5.32 -19.12 38.44
CA ILE D 490 -5.62 -20.53 38.63
C ILE D 490 -5.69 -20.78 40.14
N ILE D 491 -6.89 -20.62 40.72
CA ILE D 491 -7.09 -20.77 42.17
C ILE D 491 -8.41 -21.51 42.42
N SER D 492 -8.48 -22.11 43.62
CA SER D 492 -9.70 -22.71 44.20
C SER D 492 -10.26 -23.83 43.32
N ASN D 493 -9.42 -24.80 42.98
CA ASN D 493 -9.83 -25.90 42.10
C ASN D 493 -10.27 -27.14 42.88
N ARG D 494 -9.34 -27.77 43.61
CA ARG D 494 -9.68 -29.00 44.34
C ARG D 494 -8.66 -29.17 45.47
N GLY D 495 -9.06 -28.80 46.69
CA GLY D 495 -8.31 -29.18 47.88
C GLY D 495 -6.99 -28.48 48.14
N GLU D 496 -6.11 -28.46 47.14
CA GLU D 496 -4.77 -27.89 47.10
C GLU D 496 -3.75 -28.62 47.99
N ASN D 497 -4.20 -29.60 48.76
CA ASN D 497 -3.33 -30.58 49.39
C ASN D 497 -3.85 -32.01 49.36
N SER D 498 -5.12 -32.22 49.01
CA SER D 498 -5.73 -33.54 49.05
C SER D 498 -5.80 -34.21 47.68
N CYS D 499 -5.77 -33.45 46.59
CA CYS D 499 -5.80 -34.08 45.28
C CYS D 499 -4.46 -34.71 44.94
N LYS D 500 -3.35 -34.09 45.38
CA LYS D 500 -1.98 -34.44 45.03
C LYS D 500 -1.48 -35.78 45.61
N ALA D 501 -2.29 -36.64 46.22
CA ALA D 501 -1.83 -37.93 46.71
C ALA D 501 -2.53 -39.10 46.04
N THR D 502 -3.34 -38.84 45.01
CA THR D 502 -4.12 -39.90 44.36
C THR D 502 -3.77 -40.02 42.88
N GLY D 503 -2.48 -40.02 42.55
CA GLY D 503 -2.09 -40.09 41.16
C GLY D 503 -2.22 -38.78 40.41
N GLN D 504 -2.25 -37.67 41.14
CA GLN D 504 -2.39 -36.35 40.52
C GLN D 504 -1.11 -35.91 39.84
N VAL D 505 0.04 -36.28 40.41
CA VAL D 505 1.33 -35.94 39.82
C VAL D 505 1.49 -36.69 38.50
N CYS D 506 1.96 -35.98 37.48
CA CYS D 506 2.04 -36.50 36.12
C CYS D 506 3.17 -37.54 36.01
N HIS D 507 3.41 -37.99 34.78
CA HIS D 507 4.34 -39.09 34.55
C HIS D 507 5.77 -38.68 34.85
N ALA D 508 6.54 -39.61 35.42
CA ALA D 508 7.85 -39.31 36.00
C ALA D 508 8.91 -38.98 34.95
N LEU D 509 8.66 -39.25 33.67
CA LEU D 509 9.58 -38.89 32.61
C LEU D 509 9.34 -37.49 32.06
N CYS D 510 8.37 -36.75 32.62
CA CYS D 510 8.20 -35.36 32.24
C CYS D 510 9.34 -34.51 32.77
N SER D 511 9.75 -33.53 31.97
CA SER D 511 10.72 -32.55 32.44
C SER D 511 10.07 -31.63 33.46
N PRO D 512 10.86 -31.05 34.39
CA PRO D 512 10.28 -30.13 35.38
C PRO D 512 9.87 -28.76 34.84
N GLU D 513 9.96 -28.54 33.52
CA GLU D 513 9.45 -27.31 32.94
C GLU D 513 7.93 -27.26 32.96
N GLY D 514 7.27 -28.41 32.95
CA GLY D 514 5.83 -28.46 33.05
C GLY D 514 5.26 -29.72 32.45
N CYS D 515 4.02 -30.02 32.83
CA CYS D 515 3.29 -31.15 32.27
C CYS D 515 1.80 -30.85 32.34
N TRP D 516 1.07 -31.26 31.30
CA TRP D 516 -0.35 -30.97 31.21
C TRP D 516 -1.21 -32.09 31.79
N GLY D 517 -0.95 -33.33 31.37
CA GLY D 517 -1.73 -34.46 31.84
C GLY D 517 -0.86 -35.57 32.40
N PRO D 518 -1.49 -36.60 32.97
CA PRO D 518 -0.73 -37.71 33.55
C PRO D 518 -0.16 -38.69 32.54
N GLU D 519 -0.46 -38.53 31.25
CA GLU D 519 0.07 -39.42 30.24
C GLU D 519 1.56 -39.14 30.02
N PRO D 520 2.32 -40.14 29.55
CA PRO D 520 3.73 -39.88 29.22
C PRO D 520 3.93 -38.95 28.04
N ARG D 521 2.92 -38.78 27.18
CA ARG D 521 3.04 -37.92 26.02
C ARG D 521 2.56 -36.50 26.28
N ASP D 522 1.87 -36.25 27.39
CA ASP D 522 1.36 -34.93 27.72
C ASP D 522 2.38 -34.05 28.42
N CYS D 523 3.66 -34.43 28.42
CA CYS D 523 4.68 -33.58 28.98
C CYS D 523 4.93 -32.39 28.05
N VAL D 524 5.36 -31.27 28.62
CA VAL D 524 5.73 -30.11 27.80
C VAL D 524 7.02 -30.40 27.05
N SER D 525 8.06 -30.78 27.78
CA SER D 525 9.29 -31.30 27.20
C SER D 525 9.69 -32.56 27.95
N CYS D 526 10.68 -33.26 27.42
CA CYS D 526 11.09 -34.53 27.98
C CYS D 526 12.41 -34.40 28.74
N ARG D 527 12.71 -35.43 29.54
CA ARG D 527 13.93 -35.42 30.33
C ARG D 527 15.16 -35.70 29.46
N ASN D 528 15.18 -36.84 28.77
CA ASN D 528 16.34 -37.25 28.00
C ASN D 528 16.09 -37.27 26.49
N VAL D 529 15.15 -38.09 26.02
CA VAL D 529 14.81 -38.11 24.59
C VAL D 529 13.29 -38.14 24.45
N SER D 530 12.84 -37.83 23.24
CA SER D 530 11.40 -37.75 22.93
C SER D 530 11.14 -38.51 21.63
N ARG D 531 10.68 -39.76 21.76
CA ARG D 531 10.26 -40.52 20.59
C ARG D 531 8.93 -39.99 20.10
N GLY D 532 8.97 -39.05 19.16
CA GLY D 532 7.78 -38.46 18.58
C GLY D 532 7.11 -37.51 19.54
N ARG D 533 6.46 -38.08 20.56
CA ARG D 533 5.92 -37.31 21.67
C ARG D 533 6.13 -38.00 23.02
N GLU D 534 6.73 -39.17 23.06
CA GLU D 534 6.85 -39.96 24.29
C GLU D 534 8.22 -39.73 24.92
N CYS D 535 8.23 -39.44 26.21
CA CYS D 535 9.47 -39.13 26.93
C CYS D 535 10.16 -40.42 27.34
N VAL D 536 11.29 -40.72 26.69
CA VAL D 536 12.05 -41.93 26.93
C VAL D 536 13.42 -41.50 27.46
N ASP D 537 14.14 -42.44 28.08
CA ASP D 537 15.49 -42.17 28.53
C ASP D 537 16.53 -42.32 27.42
N LYS D 538 16.31 -43.24 26.48
CA LYS D 538 17.23 -43.42 25.36
C LYS D 538 16.48 -44.02 24.18
N CYS D 539 17.07 -43.86 22.99
CA CYS D 539 16.40 -44.28 21.74
C CYS D 539 16.83 -45.69 21.32
N ASN D 540 16.59 -46.63 22.24
CA ASN D 540 16.76 -48.07 22.03
C ASN D 540 18.21 -48.42 21.68
N LEU D 541 19.13 -47.98 22.53
CA LEU D 541 20.53 -48.32 22.37
C LEU D 541 20.79 -49.69 22.97
N LEU D 542 21.36 -50.59 22.17
CA LEU D 542 21.76 -51.97 22.45
C LEU D 542 20.59 -52.93 22.71
N GLU D 543 19.34 -52.47 22.68
CA GLU D 543 18.17 -53.35 22.74
C GLU D 543 17.03 -52.65 22.02
N GLY D 544 15.84 -53.24 22.08
CA GLY D 544 14.67 -52.69 21.42
C GLY D 544 14.53 -53.18 20.00
N GLU D 545 13.28 -53.18 19.52
CA GLU D 545 12.99 -53.60 18.15
C GLU D 545 13.26 -52.51 17.10
N PRO D 546 12.83 -51.24 17.23
CA PRO D 546 13.22 -50.27 16.19
C PRO D 546 14.64 -49.77 16.39
N ARG D 547 15.28 -49.43 15.28
CA ARG D 547 16.67 -48.96 15.27
C ARG D 547 16.65 -47.44 15.17
N GLU D 548 16.87 -46.77 16.30
CA GLU D 548 16.68 -45.33 16.41
C GLU D 548 17.94 -44.67 16.98
N PHE D 549 18.14 -43.41 16.61
CA PHE D 549 19.24 -42.61 17.13
C PHE D 549 18.70 -41.32 17.74
N VAL D 550 19.61 -40.58 18.36
CA VAL D 550 19.32 -39.40 19.18
C VAL D 550 19.85 -38.17 18.47
N GLU D 551 18.95 -37.25 18.12
CA GLU D 551 19.33 -35.89 17.79
C GLU D 551 18.14 -34.98 18.09
N ASN D 552 18.46 -33.77 18.59
CA ASN D 552 17.50 -32.78 19.08
C ASN D 552 16.59 -33.36 20.18
N SER D 553 17.18 -34.24 21.00
CA SER D 553 16.49 -35.01 22.05
C SER D 553 15.28 -35.77 21.49
N GLU D 554 15.45 -36.38 20.33
CA GLU D 554 14.38 -37.09 19.65
C GLU D 554 14.88 -38.43 19.15
N CYS D 555 13.97 -39.40 19.06
CA CYS D 555 14.28 -40.71 18.51
C CYS D 555 13.92 -40.73 17.02
N ILE D 556 14.90 -41.03 16.18
CA ILE D 556 14.68 -41.05 14.74
C ILE D 556 15.13 -42.40 14.20
N GLN D 557 14.26 -43.06 13.45
CA GLN D 557 14.60 -44.34 12.83
C GLN D 557 15.57 -44.14 11.66
N CYS D 558 16.35 -45.18 11.38
CA CYS D 558 17.28 -45.17 10.26
C CYS D 558 16.67 -45.92 9.08
N HIS D 559 17.48 -46.09 8.03
CA HIS D 559 17.08 -46.92 6.91
C HIS D 559 17.06 -48.39 7.35
N PRO D 560 16.09 -49.18 6.89
CA PRO D 560 15.96 -50.57 7.39
C PRO D 560 17.06 -51.53 6.96
N GLU D 561 18.02 -51.11 6.13
CA GLU D 561 19.13 -51.98 5.76
C GLU D 561 20.33 -51.83 6.69
N CYS D 562 20.17 -51.19 7.84
CA CYS D 562 21.17 -51.25 8.89
C CYS D 562 21.06 -52.58 9.64
N LEU D 563 22.19 -53.22 9.86
CA LEU D 563 22.18 -54.47 10.59
C LEU D 563 22.02 -54.18 12.09
N PRO D 564 21.25 -54.98 12.81
CA PRO D 564 21.13 -54.80 14.27
C PRO D 564 22.35 -55.35 15.00
N GLN D 565 23.17 -54.44 15.51
CA GLN D 565 24.34 -54.81 16.32
C GLN D 565 23.97 -54.76 17.79
N ALA D 566 24.29 -55.81 18.53
CA ALA D 566 24.05 -55.87 19.97
C ALA D 566 25.28 -55.52 20.79
N MET D 567 26.42 -55.29 20.16
CA MET D 567 27.66 -54.94 20.87
C MET D 567 27.92 -53.44 20.88
N ASN D 568 27.79 -52.79 19.73
CA ASN D 568 28.03 -51.36 19.60
C ASN D 568 26.75 -50.68 19.12
N ILE D 569 26.86 -49.39 18.78
CA ILE D 569 25.71 -48.65 18.27
C ILE D 569 25.37 -49.11 16.85
N THR D 570 24.17 -48.75 16.41
CA THR D 570 23.67 -49.22 15.11
C THR D 570 23.95 -48.21 14.00
N CYS D 571 23.43 -46.99 14.13
CA CYS D 571 23.47 -46.03 13.04
C CYS D 571 23.52 -44.62 13.61
N THR D 572 23.89 -43.68 12.74
CA THR D 572 24.07 -42.28 13.13
C THR D 572 23.12 -41.34 12.38
N GLY D 573 23.02 -41.48 11.06
CA GLY D 573 22.19 -40.60 10.25
C GLY D 573 21.03 -41.35 9.62
N ARG D 574 20.16 -40.57 8.96
CA ARG D 574 18.95 -41.12 8.36
C ARG D 574 19.23 -41.88 7.08
N GLY D 575 20.27 -41.48 6.34
CA GLY D 575 20.55 -42.07 5.05
C GLY D 575 21.11 -43.47 5.13
N PRO D 576 21.10 -44.20 4.00
CA PRO D 576 21.67 -45.56 4.00
C PRO D 576 23.19 -45.61 4.05
N ASP D 577 23.86 -44.47 3.87
CA ASP D 577 25.32 -44.44 3.98
C ASP D 577 25.79 -44.51 5.42
N ASN D 578 24.90 -44.28 6.39
CA ASN D 578 25.26 -44.17 7.79
C ASN D 578 25.16 -45.48 8.56
N CYS D 579 24.75 -46.57 7.90
CA CYS D 579 24.77 -47.87 8.55
C CYS D 579 26.22 -48.32 8.70
N ILE D 580 26.55 -48.90 9.86
CA ILE D 580 27.90 -49.41 10.07
C ILE D 580 28.10 -50.69 9.28
N GLN D 581 27.15 -51.62 9.36
CA GLN D 581 27.17 -52.83 8.56
C GLN D 581 25.83 -52.97 7.86
N CYS D 582 25.87 -53.27 6.56
CA CYS D 582 24.65 -53.41 5.78
C CYS D 582 23.91 -54.69 6.15
N ALA D 583 22.61 -54.70 5.88
CA ALA D 583 21.80 -55.88 6.20
C ALA D 583 21.98 -56.98 5.15
N HIS D 584 21.61 -56.69 3.90
CA HIS D 584 21.68 -57.71 2.86
C HIS D 584 22.70 -57.37 1.78
N TYR D 585 22.56 -56.24 1.07
CA TYR D 585 23.48 -55.89 0.00
C TYR D 585 24.12 -54.54 0.28
N ILE D 586 25.33 -54.36 -0.26
CA ILE D 586 26.05 -53.10 -0.18
C ILE D 586 26.35 -52.61 -1.58
N ASP D 587 26.12 -51.31 -1.81
CA ASP D 587 26.41 -50.64 -3.08
C ASP D 587 27.26 -49.42 -2.72
N GLY D 588 28.57 -49.62 -2.70
CA GLY D 588 29.50 -48.58 -2.30
C GLY D 588 29.37 -48.24 -0.83
N PRO D 589 28.95 -47.00 -0.53
CA PRO D 589 28.65 -46.64 0.85
C PRO D 589 27.22 -47.00 1.24
N HIS D 590 26.38 -47.24 0.23
CA HIS D 590 24.96 -47.46 0.48
C HIS D 590 24.68 -48.88 0.91
N CYS D 591 23.62 -49.05 1.70
CA CYS D 591 23.11 -50.36 2.10
C CYS D 591 21.74 -50.54 1.46
N VAL D 592 21.61 -51.59 0.64
CA VAL D 592 20.42 -51.75 -0.20
C VAL D 592 19.93 -53.19 -0.10
N LYS D 593 18.61 -53.35 -0.32
CA LYS D 593 17.99 -54.67 -0.31
C LYS D 593 18.38 -55.47 -1.55
N THR D 594 18.18 -54.89 -2.73
CA THR D 594 18.49 -55.52 -4.01
C THR D 594 19.44 -54.64 -4.81
N CYS D 595 20.30 -55.28 -5.59
CA CYS D 595 21.17 -54.55 -6.50
C CYS D 595 20.34 -53.92 -7.63
N PRO D 596 20.79 -52.78 -8.17
CA PRO D 596 20.08 -52.18 -9.31
C PRO D 596 20.20 -53.05 -10.56
N ALA D 597 19.04 -53.46 -11.08
CA ALA D 597 18.94 -54.40 -12.18
C ALA D 597 18.02 -53.84 -13.27
N GLY D 598 18.32 -52.64 -13.74
CA GLY D 598 17.46 -51.99 -14.72
C GLY D 598 17.06 -50.57 -14.36
N VAL D 599 17.83 -49.97 -13.45
CA VAL D 599 17.60 -48.57 -13.08
C VAL D 599 17.98 -47.68 -14.26
N MET D 600 17.32 -46.52 -14.37
CA MET D 600 17.53 -45.61 -15.48
C MET D 600 18.91 -44.95 -15.36
N GLY D 601 19.72 -45.07 -16.41
CA GLY D 601 21.05 -44.52 -16.41
C GLY D 601 21.25 -43.37 -17.37
N GLU D 602 22.14 -43.56 -18.34
CA GLU D 602 22.48 -42.50 -19.30
C GLU D 602 22.67 -43.12 -20.67
N ASN D 603 22.07 -42.46 -21.69
CA ASN D 603 22.15 -42.86 -23.10
C ASN D 603 21.63 -44.28 -23.34
N ASN D 604 20.42 -44.53 -22.82
CA ASN D 604 19.67 -45.78 -22.99
C ASN D 604 20.45 -46.99 -22.48
N THR D 605 20.99 -46.86 -21.26
CA THR D 605 21.77 -47.92 -20.63
C THR D 605 21.15 -48.23 -19.27
N LEU D 606 20.29 -49.25 -19.20
CA LEU D 606 19.83 -49.75 -17.92
C LEU D 606 20.92 -50.62 -17.30
N VAL D 607 21.24 -50.34 -16.05
CA VAL D 607 22.47 -50.83 -15.43
C VAL D 607 22.21 -52.19 -14.80
N TRP D 608 22.97 -53.20 -15.25
CA TRP D 608 22.97 -54.52 -14.63
C TRP D 608 24.07 -54.59 -13.59
N LYS D 609 23.72 -54.96 -12.36
CA LYS D 609 24.68 -55.04 -11.27
C LYS D 609 24.53 -56.38 -10.57
N TYR D 610 25.65 -57.07 -10.37
CA TYR D 610 25.69 -58.39 -9.75
C TYR D 610 26.38 -58.33 -8.41
N ALA D 611 25.98 -59.21 -7.49
CA ALA D 611 26.47 -59.19 -6.13
C ALA D 611 27.83 -59.86 -6.02
N ASP D 612 28.42 -59.76 -4.84
CA ASP D 612 29.72 -60.34 -4.53
C ASP D 612 29.57 -61.28 -3.33
N ALA D 613 30.67 -61.92 -2.93
CA ALA D 613 30.68 -62.69 -1.70
C ALA D 613 30.55 -61.80 -0.47
N GLY D 614 31.02 -60.56 -0.57
CA GLY D 614 30.76 -59.55 0.44
C GLY D 614 29.58 -58.68 0.08
N HIS D 615 28.75 -59.19 -0.84
CA HIS D 615 27.47 -58.61 -1.26
C HIS D 615 27.65 -57.22 -1.92
N VAL D 616 28.81 -56.98 -2.51
CA VAL D 616 29.06 -55.73 -3.22
C VAL D 616 28.43 -55.81 -4.60
N CYS D 617 27.53 -54.88 -4.90
CA CYS D 617 26.87 -54.83 -6.21
C CYS D 617 27.88 -54.28 -7.21
N HIS D 618 28.56 -55.18 -7.92
CA HIS D 618 29.57 -54.78 -8.91
C HIS D 618 28.92 -54.51 -10.26
N LEU D 619 29.53 -53.60 -11.01
CA LEU D 619 29.03 -53.25 -12.34
C LEU D 619 29.33 -54.38 -13.32
C1 NAG E . 29.49 9.46 -21.56
C2 NAG E . 29.71 10.95 -21.21
C3 NAG E . 30.26 11.13 -19.79
C4 NAG E . 29.36 10.42 -18.79
C5 NAG E . 29.20 8.95 -19.19
C6 NAG E . 28.26 8.19 -18.27
C7 NAG E . 31.62 11.81 -22.77
C8 NAG E . 32.63 10.76 -22.35
N2 NAG E . 30.37 11.80 -22.21
O3 NAG E . 30.34 12.53 -19.50
O4 NAG E . 29.87 10.52 -17.46
O5 NAG E . 28.67 8.83 -20.52
O6 NAG E . 28.78 8.10 -16.96
O7 NAG E . 31.90 12.66 -23.60
C1 NAG E . 29.09 11.48 -16.69
C2 NAG E . 29.31 11.31 -15.18
C3 NAG E . 28.52 12.38 -14.40
C4 NAG E . 28.83 13.78 -14.93
C5 NAG E . 28.65 13.84 -16.45
C6 NAG E . 29.08 15.16 -17.05
C7 NAG E . 29.69 9.23 -13.94
C8 NAG E . 29.14 7.88 -13.59
N2 NAG E . 28.93 9.98 -14.74
O3 NAG E . 28.73 12.20 -13.00
O4 NAG E . 27.93 14.74 -14.38
O5 NAG E . 29.44 12.82 -17.08
O6 NAG E . 28.36 16.24 -16.47
O7 NAG E . 30.78 9.62 -13.52
C1 BMA E . 29.63 13.06 -12.25
C2 BMA E . 28.76 13.85 -11.22
C3 BMA E . 29.65 14.74 -10.36
C4 BMA E . 30.82 13.95 -9.73
C5 BMA E . 31.60 13.21 -10.83
C6 BMA E . 32.73 12.34 -10.28
O2 BMA E . 28.10 12.96 -10.33
O3 BMA E . 28.90 15.42 -9.34
O4 BMA E . 31.69 14.83 -9.04
O5 BMA E . 30.69 12.36 -11.59
O6 BMA E . 33.45 13.12 -9.34
C1 MAN E . 28.68 16.82 -9.64
C2 MAN E . 27.14 17.01 -9.98
C3 MAN E . 26.80 18.37 -10.67
C4 MAN E . 28.04 19.20 -11.06
C5 MAN E . 29.10 18.28 -11.68
C6 MAN E . 30.31 19.02 -12.23
O2 MAN E . 26.33 16.96 -8.80
O3 MAN E . 25.90 19.15 -9.88
O4 MAN E . 27.68 20.22 -11.99
O5 MAN E . 29.59 17.31 -10.68
O6 MAN E . 29.83 20.07 -13.07
C1 NAG F . -26.24 -20.47 17.68
C2 NAG F . -27.22 -19.41 18.25
C3 NAG F . -28.05 -18.75 17.15
C4 NAG F . -27.13 -18.19 16.07
C5 NAG F . -26.21 -19.30 15.54
C6 NAG F . -25.21 -18.80 14.53
C7 NAG F . -28.96 -20.70 19.70
C8 NAG F . -29.41 -21.64 18.60
N2 NAG F . -27.99 -19.78 19.44
O3 NAG F . -28.84 -17.72 17.73
O4 NAG F . -27.88 -17.63 15.00
O5 NAG F . -25.44 -19.88 16.61
O6 NAG F . -25.83 -18.60 13.26
O7 NAG F . -29.46 -20.78 20.82
C1 NAG F . -27.81 -16.18 15.05
C2 NAG F . -28.29 -15.55 13.74
C3 NAG F . -28.22 -14.01 13.84
C4 NAG F . -28.96 -13.51 15.08
C5 NAG F . -28.48 -14.25 16.33
C6 NAG F . -29.29 -13.91 17.56
C7 NAG F . -28.05 -16.66 11.56
C8 NAG F . -27.09 -17.07 10.49
N2 NAG F . -27.51 -16.02 12.61
O3 NAG F . -28.66 -13.43 12.61
O4 NAG F . -28.71 -12.12 15.29
O5 NAG F . -28.59 -15.67 16.15
O6 NAG F . -29.64 -12.53 17.59
O7 NAG F . -29.26 -16.88 11.49
C1 BMA F . -30.03 -12.98 12.46
C2 BMA F . -29.98 -11.45 12.17
C3 BMA F . -31.39 -10.91 12.00
C4 BMA F . -32.18 -11.70 10.93
C5 BMA F . -32.16 -13.21 11.28
C6 BMA F . -32.81 -14.08 10.22
O2 BMA F . -29.28 -11.20 10.96
O3 BMA F . -31.38 -9.49 11.68
O4 BMA F . -33.51 -11.24 10.86
O5 BMA F . -30.77 -13.66 11.44
O6 BMA F . -34.03 -13.44 9.83
C1 MAN F . -31.81 -8.67 12.80
C2 MAN F . -30.52 -7.97 13.42
C3 MAN F . -30.75 -7.36 14.83
C4 MAN F . -32.14 -7.69 15.45
C5 MAN F . -32.45 -9.17 15.21
C6 MAN F . -33.72 -9.63 15.90
O2 MAN F . -30.07 -6.89 12.60
O3 MAN F . -30.51 -5.96 14.85
O4 MAN F . -32.13 -7.42 16.84
O5 MAN F . -32.61 -9.44 13.77
O6 MAN F . -33.68 -9.21 17.26
C1 NAG G . 1.08 32.84 -30.73
C2 NAG G . 1.48 34.07 -31.57
C3 NAG G . 0.23 34.80 -32.07
C4 NAG G . -0.71 33.84 -32.78
C5 NAG G . -1.03 32.64 -31.89
C6 NAG G . -1.88 31.59 -32.57
C7 NAG G . 3.26 35.75 -31.33
C8 NAG G . 4.02 36.62 -30.38
N2 NAG G . 2.31 34.98 -30.80
O3 NAG G . 0.60 35.85 -32.96
O4 NAG G . -1.93 34.50 -33.11
O5 NAG G . 0.19 32.00 -31.50
O6 NAG G . -3.11 31.42 -31.90
O7 NAG G . 3.49 35.75 -32.54
C1 NAG H . 20.96 25.52 1.38
C2 NAG H . 22.17 25.35 2.33
C3 NAG H . 21.84 24.42 3.50
C4 NAG H . 21.23 23.11 3.01
C5 NAG H . 20.10 23.35 2.00
C6 NAG H . 18.81 22.69 2.40
C7 NAG H . 24.47 25.54 1.49
C8 NAG H . 25.56 24.88 0.70
N2 NAG H . 23.33 24.86 1.59
O3 NAG H . 20.96 25.07 4.40
O4 NAG H . 22.22 22.31 2.38
O5 NAG H . 19.84 24.76 1.90
O6 NAG H . 18.08 22.23 1.27
O7 NAG H . 24.63 26.64 2.02
C1 NAG I . -11.64 3.20 43.46
C2 NAG I . -12.46 3.33 44.75
C3 NAG I . -11.67 4.10 45.81
C4 NAG I . -10.28 3.51 46.01
C5 NAG I . -9.56 3.40 44.67
C6 NAG I . -8.21 2.71 44.77
C7 NAG I . -14.85 3.69 45.17
C8 NAG I . -16.07 4.46 44.77
N2 NAG I . -13.73 3.97 44.50
O3 NAG I . -12.37 4.10 47.04
O4 NAG I . -9.52 4.32 46.88
O5 NAG I . -10.35 2.63 43.76
O6 NAG I . -7.20 3.43 44.09
O7 NAG I . -14.87 2.86 46.07
C1 NAG J . -30.62 7.49 10.28
C2 NAG J . -31.73 7.31 9.21
C3 NAG J . -31.15 7.43 7.80
C4 NAG J . -29.92 6.56 7.61
C5 NAG J . -28.93 6.74 8.76
C6 NAG J . -27.54 7.12 8.28
C7 NAG J . -33.71 5.93 9.66
C8 NAG J . -34.24 4.53 9.80
N2 NAG J . -32.40 6.04 9.38
O3 NAG J . -30.84 8.79 7.52
O4 NAG J . -30.30 5.18 7.56
O5 NAG J . -29.36 7.80 9.62
O6 NAG J . -26.53 6.54 9.09
O7 NAG J . -34.43 6.91 9.77
#